data_8RJ7
#
_entry.id   8RJ7
#
_cell.length_a   89.164
_cell.length_b   89.164
_cell.length_c   200.247
_cell.angle_alpha   90.000
_cell.angle_beta   90.000
_cell.angle_gamma   120.000
#
_symmetry.space_group_name_H-M   'P 32'
#
loop_
_entity.id
_entity.type
_entity.pdbx_description
1 polymer 'Spike protein S1'
2 polymer 'Camel-derived nanobody 1.29'
3 non-polymer 2-acetamido-2-deoxy-beta-D-glucopyranose
4 non-polymer 'SULFATE ION'
5 non-polymer LYSINE
6 water water
#
loop_
_entity_poly.entity_id
_entity_poly.type
_entity_poly.pdbx_seq_one_letter_code
_entity_poly.pdbx_strand_id
1 'polypeptide(L)'
;GSITNLCPFGEVFNATRFASVYAWNRKRISNCVADYSVLYNSASFSTFKCYGVSPTKLNDLCFTNVYADSFVIRGDEVRQ
IAPGQTGKIADYNYKLPDDFTGCVIAWNSNNLDSKVGGNYNYLYRLFRKSNLKPFERDISTEIYQAGSTPCNGVEGFNCY
FPLQSYGFQPTNGVGYQPYRVVVLSFELLHAPATVCGPKLVPR
;
A,C,E,G,I
2 'polypeptide(L)'
;QVQLVESGGGSVQAGGSLRLSCAASGYTINTDAVAWFRQAPGKGDERVAVIYTGSGNTNYADSVKGRFTISQDNAKNTVY
LQMNSLKPEDTALYYCASGYYGASGYDFNNWGQGTQVTVSSALVPR
;
B,D,F,H,J
#
# COMPACT_ATOMS: atom_id res chain seq x y z
N ILE A 3 -53.98 -2.68 4.08
CA ILE A 3 -52.76 -2.56 4.88
C ILE A 3 -51.81 -1.53 4.26
N THR A 4 -51.50 -0.49 5.04
CA THR A 4 -50.63 0.60 4.61
C THR A 4 -49.23 0.53 5.19
N ASN A 5 -49.08 -0.10 6.37
CA ASN A 5 -47.85 -0.01 7.14
C ASN A 5 -46.75 -0.87 6.52
N LEU A 6 -45.53 -0.32 6.51
CA LEU A 6 -44.39 -0.99 5.89
C LEU A 6 -43.81 -2.05 6.81
N CYS A 7 -43.34 -3.13 6.21
CA CYS A 7 -42.69 -4.20 6.97
C CYS A 7 -41.40 -3.69 7.59
N PRO A 8 -41.10 -4.05 8.86
CA PRO A 8 -39.92 -3.53 9.55
C PRO A 8 -38.63 -4.23 9.13
N PHE A 9 -38.30 -4.12 7.84
CA PHE A 9 -37.06 -4.72 7.35
C PHE A 9 -35.83 -3.95 7.81
N GLY A 10 -36.00 -2.65 8.11
CA GLY A 10 -34.87 -1.89 8.62
C GLY A 10 -34.28 -2.50 9.88
N GLU A 11 -35.14 -2.88 10.83
CA GLU A 11 -34.65 -3.48 12.04
C GLU A 11 -34.06 -4.87 11.82
N VAL A 12 -34.28 -5.47 10.65
CA VAL A 12 -33.67 -6.76 10.34
C VAL A 12 -32.31 -6.52 9.69
N PHE A 13 -32.30 -5.79 8.57
CA PHE A 13 -31.10 -5.61 7.77
C PHE A 13 -30.12 -4.62 8.41
N ASN A 14 -30.63 -3.64 9.14
CA ASN A 14 -29.80 -2.58 9.72
C ASN A 14 -29.68 -2.68 11.23
N ALA A 15 -29.90 -3.86 11.80
CA ALA A 15 -29.72 -4.04 13.24
C ALA A 15 -28.27 -3.81 13.61
N THR A 16 -28.05 -3.12 14.74
CA THR A 16 -26.69 -2.78 15.15
C THR A 16 -25.85 -4.02 15.36
N ARG A 17 -26.46 -5.06 15.92
CA ARG A 17 -25.75 -6.29 16.16
C ARG A 17 -26.52 -7.46 15.55
N PHE A 18 -25.80 -8.48 15.11
CA PHE A 18 -26.39 -9.69 14.56
C PHE A 18 -26.09 -10.86 15.47
N ALA A 19 -26.89 -11.91 15.34
CA ALA A 19 -26.72 -13.10 16.15
C ALA A 19 -25.52 -13.91 15.67
N SER A 20 -24.94 -14.67 16.60
CA SER A 20 -24.03 -15.73 16.19
C SER A 20 -24.82 -16.77 15.38
N VAL A 21 -24.15 -17.39 14.42
CA VAL A 21 -24.88 -18.31 13.53
C VAL A 21 -25.48 -19.46 14.33
N TYR A 22 -24.76 -19.99 15.32
CA TYR A 22 -25.29 -21.13 16.05
C TYR A 22 -26.55 -20.75 16.81
N ALA A 23 -26.69 -19.48 17.17
CA ALA A 23 -27.86 -18.98 17.89
C ALA A 23 -28.65 -18.03 16.99
N TRP A 24 -28.79 -18.42 15.73
CA TRP A 24 -29.37 -17.56 14.71
C TRP A 24 -30.74 -17.02 15.15
N ASN A 25 -30.99 -15.77 14.79
CA ASN A 25 -32.19 -15.05 15.20
C ASN A 25 -33.31 -15.23 14.19
N ARG A 26 -34.54 -15.27 14.68
CA ARG A 26 -35.72 -15.35 13.83
C ARG A 26 -36.68 -14.23 14.20
N LYS A 27 -37.05 -13.43 13.21
CA LYS A 27 -38.05 -12.37 13.35
C LYS A 27 -39.22 -12.71 12.44
N ARG A 28 -40.42 -12.77 13.01
CA ARG A 28 -41.63 -13.04 12.23
C ARG A 28 -42.17 -11.72 11.68
N ILE A 29 -42.47 -11.71 10.39
CA ILE A 29 -42.97 -10.54 9.70
C ILE A 29 -44.41 -10.86 9.28
N SER A 30 -45.32 -9.91 9.48
CA SER A 30 -46.72 -10.14 9.14
C SER A 30 -47.48 -8.82 9.10
N ASN A 31 -48.63 -8.84 8.42
CA ASN A 31 -49.57 -7.71 8.32
C ASN A 31 -48.85 -6.42 7.96
N CYS A 32 -48.23 -6.43 6.79
CA CYS A 32 -47.42 -5.29 6.37
C CYS A 32 -47.12 -5.38 4.88
N VAL A 33 -46.63 -4.27 4.33
CA VAL A 33 -46.30 -4.14 2.93
C VAL A 33 -44.79 -4.00 2.81
N ALA A 34 -44.19 -4.74 1.89
CA ALA A 34 -42.74 -4.80 1.76
C ALA A 34 -42.31 -4.67 0.30
N ASP A 35 -41.26 -3.90 0.07
CA ASP A 35 -40.70 -3.71 -1.27
C ASP A 35 -39.43 -4.56 -1.38
N TYR A 36 -39.56 -5.75 -1.96
CA TYR A 36 -38.41 -6.62 -2.13
C TYR A 36 -37.52 -6.17 -3.28
N SER A 37 -38.13 -5.55 -4.29
CA SER A 37 -37.40 -5.16 -5.49
C SER A 37 -36.35 -4.10 -5.19
N VAL A 38 -36.68 -3.13 -4.34
CA VAL A 38 -35.72 -2.10 -3.97
C VAL A 38 -34.45 -2.70 -3.39
N LEU A 39 -34.60 -3.76 -2.58
CA LEU A 39 -33.44 -4.47 -2.05
C LEU A 39 -32.74 -5.27 -3.13
N TYR A 40 -33.50 -5.98 -3.95
CA TYR A 40 -32.89 -6.87 -4.93
C TYR A 40 -32.04 -6.08 -5.93
N ASN A 41 -32.52 -4.90 -6.34
CA ASN A 41 -31.89 -4.09 -7.38
C ASN A 41 -30.87 -3.10 -6.85
N SER A 42 -30.59 -3.11 -5.54
CA SER A 42 -29.52 -2.29 -4.98
C SER A 42 -28.16 -2.93 -5.28
N ALA A 43 -27.10 -2.16 -5.09
CA ALA A 43 -25.74 -2.68 -5.20
C ALA A 43 -25.17 -3.09 -3.85
N SER A 44 -26.03 -3.23 -2.83
CA SER A 44 -25.54 -3.51 -1.49
C SER A 44 -25.29 -4.97 -1.21
N PHE A 45 -25.87 -5.91 -1.96
CA PHE A 45 -25.83 -7.31 -1.54
C PHE A 45 -24.91 -8.14 -2.43
N SER A 46 -24.16 -9.04 -1.81
CA SER A 46 -23.36 -9.96 -2.59
C SER A 46 -24.12 -11.23 -2.97
N THR A 47 -25.19 -11.54 -2.25
CA THR A 47 -26.10 -12.62 -2.62
C THR A 47 -27.52 -12.15 -2.44
N PHE A 48 -28.37 -12.42 -3.44
CA PHE A 48 -29.82 -12.29 -3.35
C PHE A 48 -30.36 -13.40 -4.26
N LYS A 49 -30.48 -14.60 -3.69
CA LYS A 49 -30.83 -15.78 -4.48
C LYS A 49 -32.02 -16.49 -3.84
N CYS A 50 -33.05 -16.73 -4.66
CA CYS A 50 -34.32 -17.22 -4.16
C CYS A 50 -34.59 -18.65 -4.65
N TYR A 51 -35.43 -19.34 -3.90
CA TYR A 51 -35.75 -20.74 -4.13
C TYR A 51 -37.25 -20.88 -4.07
N GLY A 52 -37.83 -21.58 -5.06
CA GLY A 52 -39.26 -21.71 -5.14
C GLY A 52 -40.02 -20.46 -5.54
N VAL A 53 -39.32 -19.38 -5.93
CA VAL A 53 -39.96 -18.11 -6.24
C VAL A 53 -38.96 -17.26 -7.01
N SER A 54 -39.47 -16.38 -7.90
CA SER A 54 -38.56 -15.54 -8.67
C SER A 54 -38.30 -14.22 -7.93
N PRO A 55 -37.04 -13.80 -7.77
CA PRO A 55 -36.79 -12.52 -7.08
C PRO A 55 -37.46 -11.34 -7.76
N THR A 56 -37.55 -11.33 -9.09
CA THR A 56 -38.20 -10.23 -9.78
C THR A 56 -39.72 -10.27 -9.68
N LYS A 57 -40.30 -11.32 -9.10
CA LYS A 57 -41.75 -11.45 -8.96
C LYS A 57 -42.22 -11.30 -7.52
N LEU A 58 -41.30 -10.99 -6.59
CA LEU A 58 -41.63 -11.00 -5.17
C LEU A 58 -42.65 -9.91 -4.81
N ASN A 59 -42.54 -8.74 -5.42
CA ASN A 59 -43.43 -7.62 -5.14
C ASN A 59 -44.87 -7.87 -5.61
N ASP A 60 -45.13 -8.89 -6.43
CA ASP A 60 -46.48 -9.22 -6.88
C ASP A 60 -47.13 -10.32 -6.05
N LEU A 61 -46.49 -10.78 -4.98
CA LEU A 61 -46.98 -11.95 -4.25
C LEU A 61 -47.41 -11.55 -2.84
N CYS A 62 -48.25 -12.41 -2.25
CA CYS A 62 -48.69 -12.26 -0.87
C CYS A 62 -48.44 -13.57 -0.14
N PHE A 63 -48.04 -13.46 1.13
CA PHE A 63 -47.82 -14.62 1.97
C PHE A 63 -48.49 -14.39 3.32
N THR A 64 -48.74 -15.50 4.02
CA THR A 64 -49.33 -15.45 5.35
C THR A 64 -48.34 -14.86 6.35
N ASN A 65 -47.15 -15.45 6.41
CA ASN A 65 -46.07 -14.95 7.23
C ASN A 65 -44.78 -14.94 6.42
N VAL A 66 -43.88 -14.05 6.79
CA VAL A 66 -42.51 -14.07 6.32
C VAL A 66 -41.61 -14.16 7.54
N TYR A 67 -40.72 -15.15 7.54
CA TYR A 67 -39.73 -15.29 8.62
C TYR A 67 -38.38 -14.81 8.12
N ALA A 68 -37.73 -13.97 8.92
CA ALA A 68 -36.43 -13.40 8.57
C ALA A 68 -35.42 -13.92 9.58
N ASP A 69 -34.62 -14.89 9.16
CA ASP A 69 -33.55 -15.46 9.97
C ASP A 69 -32.27 -14.74 9.64
N SER A 70 -31.48 -14.40 10.67
CA SER A 70 -30.27 -13.62 10.44
C SER A 70 -29.19 -13.98 11.44
N PHE A 71 -27.93 -13.85 11.00
CA PHE A 71 -26.74 -14.33 11.68
C PHE A 71 -25.53 -13.86 10.88
N VAL A 72 -24.34 -14.05 11.45
CA VAL A 72 -23.07 -13.74 10.80
C VAL A 72 -22.28 -15.03 10.59
N ILE A 73 -21.72 -15.19 9.39
CA ILE A 73 -20.75 -16.25 9.10
C ILE A 73 -19.54 -15.58 8.46
N ARG A 74 -18.57 -16.36 7.99
CA ARG A 74 -17.45 -15.78 7.24
C ARG A 74 -17.66 -15.99 5.75
N GLY A 75 -17.02 -15.12 4.96
CA GLY A 75 -17.28 -15.04 3.52
C GLY A 75 -17.29 -16.37 2.81
N ASP A 76 -16.32 -17.24 3.11
CA ASP A 76 -16.26 -18.53 2.40
C ASP A 76 -17.42 -19.47 2.73
N GLU A 77 -18.29 -19.11 3.67
CA GLU A 77 -19.38 -19.98 4.08
C GLU A 77 -20.74 -19.60 3.47
N VAL A 78 -20.83 -18.46 2.79
CA VAL A 78 -22.10 -18.02 2.22
C VAL A 78 -22.68 -19.09 1.29
N ARG A 79 -21.83 -19.81 0.57
CA ARG A 79 -22.28 -20.89 -0.30
C ARG A 79 -23.01 -22.00 0.48
N GLN A 80 -22.76 -22.15 1.78
CA GLN A 80 -23.47 -23.18 2.58
C GLN A 80 -24.90 -22.81 2.91
N ILE A 81 -25.31 -21.56 2.71
CA ILE A 81 -26.67 -21.13 3.03
C ILE A 81 -27.58 -21.38 1.81
N ALA A 82 -27.87 -22.65 1.52
CA ALA A 82 -28.70 -23.04 0.38
C ALA A 82 -29.16 -24.47 0.62
N PRO A 83 -30.31 -24.87 0.07
CA PRO A 83 -30.73 -26.27 0.19
C PRO A 83 -29.65 -27.20 -0.37
N GLY A 84 -29.51 -28.36 0.28
CA GLY A 84 -28.62 -29.40 -0.22
C GLY A 84 -27.15 -29.19 0.06
N GLN A 85 -26.76 -28.22 0.87
CA GLN A 85 -25.35 -27.92 1.08
C GLN A 85 -24.80 -28.66 2.31
N THR A 86 -23.49 -28.90 2.31
CA THR A 86 -22.84 -29.51 3.46
C THR A 86 -21.66 -28.66 3.93
N GLY A 87 -21.14 -28.97 5.11
CA GLY A 87 -20.16 -28.16 5.80
C GLY A 87 -20.62 -27.82 7.22
N LYS A 88 -19.69 -27.24 7.98
CA LYS A 88 -19.98 -26.97 9.40
C LYS A 88 -21.24 -26.14 9.59
N ILE A 89 -21.46 -25.15 8.72
CA ILE A 89 -22.59 -24.24 8.95
C ILE A 89 -23.92 -24.92 8.61
N ALA A 90 -24.01 -25.50 7.40
CA ALA A 90 -25.19 -26.27 7.00
C ALA A 90 -25.41 -27.50 7.89
N ASP A 91 -24.36 -28.24 8.22
CA ASP A 91 -24.52 -29.45 9.03
C ASP A 91 -24.90 -29.11 10.48
N TYR A 92 -24.13 -28.24 11.14
CA TYR A 92 -24.25 -28.07 12.59
C TYR A 92 -24.83 -26.74 13.04
N ASN A 93 -25.12 -25.81 12.13
CA ASN A 93 -25.48 -24.48 12.63
C ASN A 93 -26.80 -23.95 12.09
N TYR A 94 -27.00 -24.00 10.77
CA TYR A 94 -28.22 -23.47 10.17
C TYR A 94 -28.48 -24.24 8.89
N LYS A 95 -29.59 -24.97 8.84
CA LYS A 95 -29.86 -25.88 7.75
C LYS A 95 -31.17 -25.52 7.07
N LEU A 96 -31.13 -25.40 5.71
CA LEU A 96 -32.34 -25.17 4.95
C LEU A 96 -32.87 -26.49 4.37
N PRO A 97 -34.18 -26.61 4.24
CA PRO A 97 -34.77 -27.83 3.66
C PRO A 97 -34.61 -27.87 2.14
N ASP A 98 -34.73 -29.08 1.58
CA ASP A 98 -34.67 -29.22 0.13
C ASP A 98 -35.80 -28.45 -0.55
N ASP A 99 -36.98 -28.43 0.06
CA ASP A 99 -38.13 -27.77 -0.55
C ASP A 99 -38.29 -26.32 -0.08
N PHE A 100 -37.16 -25.68 0.26
CA PHE A 100 -37.18 -24.32 0.78
C PHE A 100 -37.85 -23.37 -0.20
N THR A 101 -38.78 -22.58 0.30
CA THR A 101 -39.37 -21.48 -0.46
C THR A 101 -39.01 -20.17 0.23
N GLY A 102 -38.03 -19.48 -0.35
CA GLY A 102 -37.58 -18.22 0.21
C GLY A 102 -36.36 -17.71 -0.52
N CYS A 103 -35.73 -16.69 0.08
CA CYS A 103 -34.57 -16.02 -0.48
C CYS A 103 -33.46 -15.93 0.56
N VAL A 104 -32.22 -16.07 0.09
CA VAL A 104 -31.02 -15.91 0.89
C VAL A 104 -30.34 -14.60 0.47
N ILE A 105 -30.10 -13.71 1.43
CA ILE A 105 -29.53 -12.39 1.19
C ILE A 105 -28.28 -12.25 2.07
N ALA A 106 -27.16 -11.85 1.45
CA ALA A 106 -25.91 -11.73 2.18
C ALA A 106 -25.15 -10.50 1.72
N TRP A 107 -24.34 -9.92 2.63
CA TRP A 107 -23.49 -8.78 2.30
C TRP A 107 -22.27 -8.77 3.22
N ASN A 108 -21.18 -8.18 2.72
CA ASN A 108 -19.96 -8.07 3.51
C ASN A 108 -20.20 -7.14 4.70
N SER A 109 -19.78 -7.58 5.90
CA SER A 109 -20.02 -6.76 7.09
C SER A 109 -18.71 -6.41 7.80
N ASN A 110 -17.61 -6.39 7.04
CA ASN A 110 -16.30 -6.11 7.65
C ASN A 110 -16.28 -4.79 8.39
N ASN A 111 -16.87 -3.73 7.82
CA ASN A 111 -16.84 -2.41 8.46
C ASN A 111 -17.51 -2.43 9.83
N LEU A 112 -18.53 -3.26 10.01
CA LEU A 112 -19.35 -3.27 11.21
C LEU A 112 -18.91 -4.32 12.21
N ASP A 113 -18.48 -5.50 11.73
CA ASP A 113 -18.28 -6.65 12.58
C ASP A 113 -16.82 -6.98 12.85
N SER A 114 -15.88 -6.30 12.22
CA SER A 114 -14.50 -6.51 12.63
C SER A 114 -14.05 -5.32 13.46
N LYS A 115 -13.01 -5.54 14.25
CA LYS A 115 -12.46 -4.52 15.13
C LYS A 115 -10.97 -4.76 15.21
N VAL A 116 -10.19 -3.66 15.29
CA VAL A 116 -8.75 -3.81 15.50
C VAL A 116 -8.55 -4.54 16.82
N GLY A 117 -7.59 -5.46 16.84
CA GLY A 117 -7.46 -6.40 17.92
C GLY A 117 -8.28 -7.67 17.75
N GLY A 118 -9.30 -7.66 16.89
CA GLY A 118 -10.12 -8.83 16.67
C GLY A 118 -11.46 -8.83 17.39
N ASN A 119 -12.53 -9.05 16.63
CA ASN A 119 -13.85 -9.34 17.21
C ASN A 119 -13.97 -10.85 17.30
N TYR A 120 -14.08 -11.37 18.54
CA TYR A 120 -14.22 -12.80 18.80
C TYR A 120 -15.59 -13.17 19.35
N ASN A 121 -16.55 -12.24 19.28
CA ASN A 121 -17.86 -12.49 19.86
C ASN A 121 -18.76 -13.34 18.98
N TYR A 122 -18.49 -13.45 17.68
CA TYR A 122 -19.32 -14.28 16.81
C TYR A 122 -18.81 -15.71 16.86
N LEU A 123 -19.70 -16.64 17.22
CA LEU A 123 -19.34 -18.05 17.34
C LEU A 123 -20.11 -18.89 16.34
N TYR A 124 -19.57 -20.09 16.10
CA TYR A 124 -20.24 -21.14 15.36
C TYR A 124 -20.02 -22.45 16.12
N ARG A 125 -20.88 -23.45 15.84
CA ARG A 125 -20.71 -24.77 16.43
C ARG A 125 -19.80 -25.60 15.55
N LEU A 126 -18.69 -26.06 16.10
CA LEU A 126 -17.70 -26.85 15.39
C LEU A 126 -17.96 -28.34 15.50
N PHE A 127 -18.55 -28.79 16.61
CA PHE A 127 -18.74 -30.21 16.91
C PHE A 127 -20.19 -30.47 17.26
N ARG A 128 -20.72 -31.58 16.76
CA ARG A 128 -22.08 -32.02 17.03
C ARG A 128 -22.18 -33.49 16.68
N LYS A 129 -23.08 -34.18 17.41
CA LYS A 129 -23.24 -35.62 17.22
C LYS A 129 -23.76 -35.94 15.82
N SER A 130 -24.72 -35.17 15.34
CA SER A 130 -25.37 -35.45 14.07
C SER A 130 -25.81 -34.12 13.46
N ASN A 131 -26.12 -34.15 12.16
CA ASN A 131 -26.56 -32.96 11.46
C ASN A 131 -27.86 -32.42 12.04
N LEU A 132 -28.03 -31.10 11.96
CA LEU A 132 -29.30 -30.47 12.30
C LEU A 132 -30.39 -30.84 11.29
N LYS A 133 -31.62 -30.91 11.76
CA LYS A 133 -32.77 -30.94 10.86
C LYS A 133 -33.03 -29.54 10.34
N PRO A 134 -33.81 -29.39 9.27
CA PRO A 134 -34.05 -28.05 8.72
C PRO A 134 -34.70 -27.13 9.75
N PHE A 135 -34.19 -25.90 9.81
CA PHE A 135 -34.60 -24.87 10.75
C PHE A 135 -34.46 -25.29 12.22
N GLU A 136 -33.73 -26.37 12.51
CA GLU A 136 -33.40 -26.65 13.91
C GLU A 136 -32.38 -25.65 14.43
N ARG A 137 -32.49 -25.31 15.71
CA ARG A 137 -31.54 -24.46 16.39
C ARG A 137 -30.96 -25.19 17.59
N ASP A 138 -29.63 -25.19 17.72
CA ASP A 138 -28.96 -25.85 18.83
C ASP A 138 -28.08 -24.82 19.55
N ILE A 139 -28.43 -24.54 20.80
CA ILE A 139 -27.64 -23.64 21.63
C ILE A 139 -27.02 -24.38 22.83
N SER A 140 -27.03 -25.71 22.85
CA SER A 140 -26.41 -26.43 23.95
C SER A 140 -24.89 -26.25 23.91
N THR A 141 -24.24 -26.48 25.05
CA THR A 141 -22.81 -26.24 25.17
C THR A 141 -22.12 -27.36 25.96
N GLU A 142 -22.59 -28.59 25.80
CA GLU A 142 -22.00 -29.73 26.47
C GLU A 142 -20.69 -30.14 25.79
N ILE A 143 -19.74 -30.60 26.60
CA ILE A 143 -18.48 -31.07 26.05
C ILE A 143 -18.75 -32.22 25.09
N TYR A 144 -18.13 -32.16 23.93
CA TYR A 144 -18.40 -33.12 22.88
C TYR A 144 -17.39 -34.26 22.97
N GLN A 145 -17.90 -35.49 23.03
CA GLN A 145 -17.04 -36.67 23.07
C GLN A 145 -16.71 -37.09 21.64
N ALA A 146 -15.44 -37.01 21.27
CA ALA A 146 -15.01 -37.34 19.92
C ALA A 146 -14.48 -38.76 19.76
N GLY A 147 -14.27 -39.49 20.86
CA GLY A 147 -13.77 -40.86 20.79
C GLY A 147 -14.45 -41.81 21.76
N SER A 148 -13.75 -42.88 22.16
CA SER A 148 -14.37 -43.95 22.97
C SER A 148 -14.53 -43.55 24.43
N THR A 149 -13.54 -42.84 24.98
CA THR A 149 -13.56 -42.45 26.39
C THR A 149 -14.65 -41.41 26.68
N PRO A 150 -15.59 -41.69 27.58
CA PRO A 150 -16.49 -40.64 28.06
C PRO A 150 -15.71 -39.45 28.64
N CYS A 151 -16.35 -38.26 28.57
CA CYS A 151 -15.71 -37.02 29.00
C CYS A 151 -16.03 -36.61 30.42
N ASN A 152 -17.22 -36.99 30.93
CA ASN A 152 -17.72 -36.55 32.25
C ASN A 152 -17.69 -35.03 32.40
N GLY A 153 -18.06 -34.32 31.33
CA GLY A 153 -18.08 -32.87 31.35
C GLY A 153 -16.73 -32.19 31.39
N VAL A 154 -15.63 -32.95 31.31
CA VAL A 154 -14.28 -32.42 31.42
C VAL A 154 -13.72 -32.20 30.02
N GLU A 155 -13.34 -30.95 29.70
CA GLU A 155 -12.65 -30.64 28.46
C GLU A 155 -11.29 -31.33 28.43
N GLY A 156 -10.94 -31.90 27.29
CA GLY A 156 -9.63 -32.50 27.18
C GLY A 156 -9.39 -33.24 25.87
N PHE A 157 -8.51 -34.24 25.91
CA PHE A 157 -8.22 -35.03 24.71
C PHE A 157 -9.47 -35.75 24.23
N ASN A 158 -9.85 -35.51 22.98
CA ASN A 158 -11.07 -36.07 22.39
C ASN A 158 -12.33 -35.61 23.13
N CYS A 159 -12.21 -34.53 23.91
CA CYS A 159 -13.31 -33.97 24.69
C CYS A 159 -13.28 -32.46 24.49
N TYR A 160 -14.13 -31.95 23.60
CA TYR A 160 -14.00 -30.60 23.06
C TYR A 160 -15.21 -29.73 23.42
N PHE A 161 -14.94 -28.52 23.91
CA PHE A 161 -16.03 -27.54 23.97
C PHE A 161 -16.57 -27.33 22.57
N PRO A 162 -17.90 -27.27 22.39
CA PRO A 162 -18.48 -27.42 21.05
C PRO A 162 -18.53 -26.13 20.22
N LEU A 163 -18.48 -24.96 20.84
CA LEU A 163 -18.48 -23.72 20.08
C LEU A 163 -17.05 -23.21 19.86
N GLN A 164 -16.87 -22.49 18.75
CA GLN A 164 -15.62 -21.88 18.37
C GLN A 164 -15.87 -20.46 17.87
N SER A 165 -14.99 -19.53 18.25
CA SER A 165 -15.15 -18.16 17.82
C SER A 165 -14.60 -17.99 16.41
N TYR A 166 -15.28 -17.17 15.62
CA TYR A 166 -14.61 -16.52 14.50
C TYR A 166 -13.68 -15.44 15.04
N GLY A 167 -12.57 -15.21 14.35
CA GLY A 167 -11.74 -14.06 14.66
C GLY A 167 -11.78 -13.06 13.54
N PHE A 168 -12.54 -11.98 13.68
CA PHE A 168 -12.74 -11.04 12.60
C PHE A 168 -11.81 -9.84 12.85
N GLN A 169 -10.78 -9.71 12.03
CA GLN A 169 -9.92 -8.54 12.08
C GLN A 169 -9.99 -7.81 10.75
N PRO A 170 -9.87 -6.48 10.75
CA PRO A 170 -10.27 -5.70 9.56
C PRO A 170 -9.53 -6.07 8.28
N THR A 171 -8.24 -6.43 8.31
CA THR A 171 -7.55 -6.70 7.05
C THR A 171 -7.46 -8.19 6.73
N ASN A 172 -8.32 -9.02 7.35
CA ASN A 172 -8.49 -10.39 6.86
C ASN A 172 -8.81 -10.38 5.36
N GLY A 173 -8.34 -11.40 4.66
CA GLY A 173 -8.85 -11.71 3.34
C GLY A 173 -10.37 -11.77 3.33
N VAL A 174 -10.99 -11.48 2.18
CA VAL A 174 -12.44 -11.39 2.13
C VAL A 174 -13.09 -12.70 2.57
N GLY A 175 -12.50 -13.84 2.16
CA GLY A 175 -13.06 -15.12 2.55
C GLY A 175 -13.13 -15.33 4.06
N TYR A 176 -12.27 -14.63 4.82
CA TYR A 176 -12.29 -14.68 6.28
C TYR A 176 -12.81 -13.40 6.92
N GLN A 177 -13.46 -12.55 6.14
CA GLN A 177 -14.19 -11.42 6.69
C GLN A 177 -15.61 -11.82 7.02
N PRO A 178 -16.28 -11.07 7.90
CA PRO A 178 -17.64 -11.46 8.30
C PRO A 178 -18.66 -11.02 7.25
N TYR A 179 -19.68 -11.85 7.07
CA TYR A 179 -20.82 -11.56 6.21
C TYR A 179 -22.10 -11.65 7.03
N ARG A 180 -22.95 -10.65 6.89
CA ARG A 180 -24.28 -10.71 7.44
C ARG A 180 -25.22 -11.40 6.45
N VAL A 181 -26.09 -12.25 6.99
CA VAL A 181 -26.99 -13.08 6.18
C VAL A 181 -28.41 -12.90 6.69
N VAL A 182 -29.35 -12.65 5.79
CA VAL A 182 -30.78 -12.67 6.09
C VAL A 182 -31.42 -13.72 5.19
N VAL A 183 -32.11 -14.68 5.80
CA VAL A 183 -32.87 -15.68 5.07
C VAL A 183 -34.35 -15.40 5.27
N LEU A 184 -35.06 -15.12 4.19
CA LEU A 184 -36.49 -14.87 4.23
C LEU A 184 -37.23 -16.14 3.82
N SER A 185 -38.12 -16.61 4.69
CA SER A 185 -38.99 -17.74 4.44
C SER A 185 -40.38 -17.21 4.11
N PHE A 186 -40.91 -17.59 2.96
CA PHE A 186 -42.24 -17.15 2.52
C PHE A 186 -43.22 -18.28 2.82
N GLU A 187 -44.06 -18.08 3.83
CA GLU A 187 -44.95 -19.13 4.32
C GLU A 187 -46.38 -18.87 3.81
N LEU A 188 -46.96 -19.89 3.17
CA LEU A 188 -48.34 -19.83 2.70
C LEU A 188 -49.16 -20.85 3.47
N LEU A 189 -50.00 -20.39 4.39
CA LEU A 189 -50.82 -21.25 5.21
C LEU A 189 -52.26 -21.27 4.68
N HIS A 190 -53.10 -22.08 5.34
CA HIS A 190 -54.53 -22.14 5.07
C HIS A 190 -55.24 -21.04 5.85
N ALA A 191 -54.83 -19.82 5.53
CA ALA A 191 -55.22 -18.63 6.26
C ALA A 191 -54.95 -17.43 5.36
N PRO A 192 -55.56 -16.28 5.62
CA PRO A 192 -55.36 -15.14 4.72
C PRO A 192 -53.91 -14.66 4.67
N ALA A 193 -53.50 -14.19 3.50
CA ALA A 193 -52.19 -13.57 3.34
C ALA A 193 -52.22 -12.17 3.94
N THR A 194 -51.13 -11.82 4.63
CA THR A 194 -51.01 -10.53 5.29
C THR A 194 -49.75 -9.76 4.90
N VAL A 195 -48.82 -10.37 4.16
CA VAL A 195 -47.59 -9.72 3.75
C VAL A 195 -47.57 -9.67 2.23
N CYS A 196 -47.74 -8.47 1.66
CA CYS A 196 -47.74 -8.29 0.22
C CYS A 196 -46.73 -7.21 -0.17
N GLY A 197 -46.52 -7.08 -1.48
CA GLY A 197 -45.80 -5.94 -2.02
C GLY A 197 -46.68 -4.72 -2.12
N PRO A 198 -46.11 -3.62 -2.65
CA PRO A 198 -46.88 -2.37 -2.76
C PRO A 198 -47.89 -2.33 -3.91
N ILE B 3 34.82 -4.65 -33.31
CA ILE B 3 36.13 -4.21 -33.76
C ILE B 3 36.58 -2.89 -33.11
N THR B 4 35.92 -1.76 -33.40
CA THR B 4 36.52 -0.49 -32.98
C THR B 4 35.47 0.55 -32.60
N ASN B 5 35.83 1.38 -31.62
CA ASN B 5 35.06 2.52 -31.14
C ASN B 5 33.90 2.06 -30.25
N LEU B 6 33.41 2.98 -29.43
CA LEU B 6 32.41 2.64 -28.43
C LEU B 6 31.08 2.28 -29.09
N CYS B 7 30.44 1.24 -28.58
CA CYS B 7 29.12 0.86 -29.06
C CYS B 7 28.14 2.01 -28.82
N PRO B 8 27.18 2.20 -29.70
CA PRO B 8 26.27 3.34 -29.54
C PRO B 8 25.25 3.15 -28.43
N PHE B 9 25.72 2.80 -27.22
CA PHE B 9 24.78 2.62 -26.13
C PHE B 9 24.08 3.92 -25.74
N GLY B 10 24.67 5.06 -26.07
CA GLY B 10 23.99 6.31 -25.79
C GLY B 10 22.69 6.42 -26.57
N GLU B 11 22.70 5.94 -27.81
CA GLU B 11 21.51 6.01 -28.64
C GLU B 11 20.38 5.15 -28.08
N VAL B 12 20.70 4.05 -27.41
CA VAL B 12 19.66 3.18 -26.87
C VAL B 12 19.21 3.65 -25.48
N PHE B 13 20.15 3.88 -24.55
CA PHE B 13 19.79 4.23 -23.17
C PHE B 13 19.28 5.65 -23.05
N ASN B 14 19.70 6.54 -23.96
CA ASN B 14 19.37 7.96 -23.87
C ASN B 14 18.42 8.44 -24.95
N ALA B 15 17.70 7.53 -25.61
CA ALA B 15 16.71 7.96 -26.59
C ALA B 15 15.65 8.83 -25.93
N THR B 16 15.22 9.88 -26.64
CA THR B 16 14.25 10.81 -26.06
C THR B 16 12.89 10.14 -25.85
N ARG B 17 12.54 9.20 -26.71
CA ARG B 17 11.31 8.43 -26.59
C ARG B 17 11.66 6.94 -26.69
N PHE B 18 10.89 6.12 -25.98
CA PHE B 18 11.03 4.67 -26.02
C PHE B 18 9.79 4.06 -26.69
N ALA B 19 9.96 2.86 -27.22
CA ALA B 19 8.84 2.16 -27.85
C ALA B 19 7.85 1.68 -26.79
N SER B 20 6.58 1.57 -27.19
CA SER B 20 5.62 0.83 -26.36
C SER B 20 6.04 -0.63 -26.30
N VAL B 21 5.74 -1.30 -25.17
CA VAL B 21 6.24 -2.66 -25.00
C VAL B 21 5.66 -3.61 -26.05
N TYR B 22 4.39 -3.42 -26.46
CA TYR B 22 3.86 -4.35 -27.47
C TYR B 22 4.63 -4.22 -28.80
N ALA B 23 5.04 -3.01 -29.15
CA ALA B 23 5.85 -2.77 -30.36
C ALA B 23 7.31 -2.57 -30.00
N TRP B 24 7.84 -3.44 -29.14
CA TRP B 24 9.15 -3.21 -28.56
C TRP B 24 10.20 -3.02 -29.65
N ASN B 25 11.18 -2.18 -29.37
CA ASN B 25 12.19 -1.86 -30.37
C ASN B 25 13.37 -2.82 -30.27
N ARG B 26 14.02 -3.06 -31.40
CA ARG B 26 15.23 -3.87 -31.46
C ARG B 26 16.30 -3.13 -32.25
N LYS B 27 17.48 -3.00 -31.67
CA LYS B 27 18.64 -2.43 -32.35
C LYS B 27 19.76 -3.46 -32.36
N ARG B 28 20.36 -3.68 -33.53
CA ARG B 28 21.54 -4.52 -33.59
C ARG B 28 22.75 -3.69 -33.18
N ILE B 29 23.59 -4.28 -32.34
CA ILE B 29 24.81 -3.66 -31.86
C ILE B 29 25.96 -4.50 -32.41
N SER B 30 26.84 -3.89 -33.19
CA SER B 30 27.88 -4.68 -33.85
C SER B 30 29.13 -3.83 -34.11
N ASN B 31 30.25 -4.53 -34.28
CA ASN B 31 31.50 -3.94 -34.76
C ASN B 31 32.01 -2.83 -33.83
N CYS B 32 31.88 -3.04 -32.52
CA CYS B 32 32.18 -1.97 -31.58
C CYS B 32 32.67 -2.57 -30.27
N VAL B 33 33.10 -1.67 -29.38
CA VAL B 33 33.67 -2.04 -28.10
C VAL B 33 32.65 -1.66 -27.04
N ALA B 34 32.21 -2.65 -26.26
CA ALA B 34 31.15 -2.46 -25.28
C ALA B 34 31.78 -2.44 -23.89
N ASP B 35 31.67 -1.29 -23.22
CA ASP B 35 32.12 -1.14 -21.84
C ASP B 35 30.87 -1.34 -20.98
N TYR B 36 30.64 -2.58 -20.53
CA TYR B 36 29.45 -2.89 -19.73
C TYR B 36 29.62 -2.54 -18.25
N SER B 37 30.83 -2.70 -17.70
CA SER B 37 31.05 -2.49 -16.27
C SER B 37 30.72 -1.07 -15.83
N VAL B 38 31.10 -0.07 -16.62
CA VAL B 38 30.74 1.32 -16.32
C VAL B 38 29.24 1.46 -16.16
N LEU B 39 28.47 0.72 -16.97
CA LEU B 39 27.02 0.76 -16.83
C LEU B 39 26.58 0.02 -15.56
N TYR B 40 27.16 -1.15 -15.31
CA TYR B 40 26.78 -1.98 -14.17
C TYR B 40 27.14 -1.31 -12.85
N ASN B 41 28.34 -0.74 -12.76
CA ASN B 41 28.86 -0.18 -11.52
C ASN B 41 28.35 1.22 -11.25
N SER B 42 27.62 1.81 -12.18
CA SER B 42 26.96 3.09 -11.89
C SER B 42 25.82 2.85 -10.91
N ALA B 43 25.19 3.92 -10.46
CA ALA B 43 24.01 3.78 -9.63
C ALA B 43 22.73 4.11 -10.38
N SER B 44 22.78 4.15 -11.72
CA SER B 44 21.66 4.67 -12.50
C SER B 44 20.55 3.64 -12.75
N PHE B 45 20.82 2.35 -12.56
CA PHE B 45 19.89 1.29 -12.94
C PHE B 45 19.39 0.55 -11.70
N SER B 46 18.09 0.26 -11.67
CA SER B 46 17.52 -0.50 -10.56
C SER B 46 17.57 -2.00 -10.81
N THR B 47 17.73 -2.42 -12.06
CA THR B 47 17.99 -3.80 -12.42
C THR B 47 19.16 -3.87 -13.37
N PHE B 48 20.07 -4.80 -13.11
CA PHE B 48 21.13 -5.12 -14.05
C PHE B 48 21.49 -6.57 -13.74
N LYS B 49 20.70 -7.48 -14.32
CA LYS B 49 20.78 -8.91 -14.02
C LYS B 49 20.97 -9.69 -15.32
N CYS B 50 21.99 -10.53 -15.33
CA CYS B 50 22.36 -11.29 -16.52
C CYS B 50 22.02 -12.77 -16.33
N TYR B 51 21.88 -13.45 -17.45
CA TYR B 51 21.49 -14.86 -17.47
C TYR B 51 22.45 -15.59 -18.42
N GLY B 52 23.06 -16.66 -17.93
CA GLY B 52 24.01 -17.41 -18.72
C GLY B 52 25.38 -16.78 -18.82
N VAL B 53 25.59 -15.65 -18.14
CA VAL B 53 26.84 -14.91 -18.17
C VAL B 53 26.86 -14.04 -16.93
N SER B 54 28.06 -13.81 -16.39
CA SER B 54 28.08 -12.97 -15.20
C SER B 54 28.34 -11.50 -15.56
N PRO B 55 27.65 -10.56 -14.90
CA PRO B 55 27.85 -9.13 -15.25
C PRO B 55 29.28 -8.65 -15.11
N THR B 56 30.02 -9.14 -14.11
CA THR B 56 31.36 -8.64 -13.83
C THR B 56 32.42 -9.19 -14.78
N LYS B 57 32.06 -10.15 -15.65
CA LYS B 57 32.97 -10.68 -16.65
C LYS B 57 32.64 -10.23 -18.06
N LEU B 58 31.58 -9.42 -18.24
CA LEU B 58 31.17 -9.01 -19.58
C LEU B 58 32.28 -8.27 -20.32
N ASN B 59 33.04 -7.43 -19.61
CA ASN B 59 34.11 -6.68 -20.24
C ASN B 59 35.23 -7.58 -20.78
N ASP B 60 35.30 -8.85 -20.38
CA ASP B 60 36.31 -9.79 -20.86
C ASP B 60 35.86 -10.63 -22.05
N LEU B 61 34.64 -10.43 -22.55
CA LEU B 61 34.04 -11.38 -23.47
C LEU B 61 33.75 -10.76 -24.83
N CYS B 62 33.68 -11.62 -25.84
CA CYS B 62 33.32 -11.25 -27.19
C CYS B 62 32.09 -12.04 -27.62
N PHE B 63 31.19 -11.40 -28.35
CA PHE B 63 30.02 -12.06 -28.87
C PHE B 63 29.95 -11.88 -30.37
N THR B 64 29.31 -12.84 -31.03
CA THR B 64 29.12 -12.81 -32.47
C THR B 64 27.86 -12.07 -32.88
N ASN B 65 27.03 -11.67 -31.93
CA ASN B 65 25.84 -10.85 -32.18
C ASN B 65 25.35 -10.27 -30.86
N VAL B 66 24.92 -9.01 -30.89
CA VAL B 66 24.30 -8.36 -29.75
C VAL B 66 23.06 -7.62 -30.21
N TYR B 67 21.92 -7.96 -29.63
CA TYR B 67 20.68 -7.22 -29.82
C TYR B 67 20.35 -6.43 -28.57
N ALA B 68 19.80 -5.23 -28.75
CA ALA B 68 19.41 -4.33 -27.67
C ALA B 68 17.92 -4.02 -27.86
N ASP B 69 17.08 -4.72 -27.10
CA ASP B 69 15.64 -4.50 -27.14
C ASP B 69 15.26 -3.49 -26.07
N SER B 70 14.31 -2.62 -26.36
CA SER B 70 13.98 -1.62 -25.36
C SER B 70 12.53 -1.19 -25.49
N PHE B 71 11.95 -0.76 -24.36
CA PHE B 71 10.53 -0.49 -24.25
C PHE B 71 10.25 0.06 -22.85
N VAL B 72 9.04 0.54 -22.64
CA VAL B 72 8.58 1.05 -21.36
C VAL B 72 7.46 0.15 -20.84
N ILE B 73 7.59 -0.24 -19.56
CA ILE B 73 6.53 -0.89 -18.78
C ILE B 73 6.35 -0.08 -17.51
N ARG B 74 5.50 -0.56 -16.60
CA ARG B 74 5.33 0.08 -15.30
C ARG B 74 6.10 -0.70 -14.24
N GLY B 75 6.37 -0.04 -13.11
CA GLY B 75 7.34 -0.57 -12.15
C GLY B 75 7.06 -1.99 -11.69
N ASP B 76 5.81 -2.29 -11.34
CA ASP B 76 5.44 -3.62 -10.87
C ASP B 76 5.58 -4.72 -11.92
N GLU B 77 5.80 -4.36 -13.18
CA GLU B 77 5.95 -5.35 -14.23
C GLU B 77 7.42 -5.66 -14.54
N VAL B 78 8.37 -4.99 -13.86
CA VAL B 78 9.79 -5.25 -14.15
C VAL B 78 10.14 -6.69 -13.83
N ARG B 79 9.48 -7.28 -12.84
CA ARG B 79 9.74 -8.66 -12.47
C ARG B 79 9.40 -9.65 -13.58
N GLN B 80 8.56 -9.25 -14.54
CA GLN B 80 8.18 -10.13 -15.64
C GLN B 80 9.25 -10.22 -16.74
N ILE B 81 10.21 -9.29 -16.77
CA ILE B 81 11.26 -9.31 -17.79
C ILE B 81 12.34 -10.25 -17.31
N ALA B 82 12.05 -11.55 -17.37
CA ALA B 82 12.99 -12.56 -16.94
C ALA B 82 12.52 -13.88 -17.53
N PRO B 83 13.42 -14.83 -17.75
CA PRO B 83 13.00 -16.15 -18.25
C PRO B 83 11.99 -16.79 -17.32
N GLY B 84 10.97 -17.41 -17.89
CA GLY B 84 10.06 -18.24 -17.14
C GLY B 84 9.02 -17.52 -16.31
N GLN B 85 8.70 -16.27 -16.65
CA GLN B 85 7.70 -15.50 -15.92
C GLN B 85 6.37 -15.53 -16.66
N THR B 86 5.31 -15.18 -15.95
CA THR B 86 3.98 -15.04 -16.54
C THR B 86 3.43 -13.67 -16.15
N GLY B 87 2.33 -13.31 -16.78
CA GLY B 87 1.74 -11.98 -16.72
C GLY B 87 1.53 -11.42 -18.11
N LYS B 88 0.78 -10.34 -18.16
CA LYS B 88 0.42 -9.79 -19.47
C LYS B 88 1.66 -9.41 -20.28
N ILE B 89 2.70 -8.87 -19.63
CA ILE B 89 3.91 -8.50 -20.38
C ILE B 89 4.61 -9.75 -20.91
N ALA B 90 4.98 -10.67 -20.02
CA ALA B 90 5.71 -11.86 -20.46
C ALA B 90 4.89 -12.73 -21.42
N ASP B 91 3.58 -12.84 -21.18
CA ASP B 91 2.73 -13.67 -22.02
C ASP B 91 2.43 -13.03 -23.36
N TYR B 92 2.07 -11.74 -23.37
CA TYR B 92 1.49 -11.12 -24.54
C TYR B 92 2.30 -10.00 -25.17
N ASN B 93 3.42 -9.57 -24.57
CA ASN B 93 4.12 -8.40 -25.13
C ASN B 93 5.59 -8.69 -25.45
N TYR B 94 6.32 -9.24 -24.49
CA TYR B 94 7.75 -9.49 -24.67
C TYR B 94 8.12 -10.69 -23.82
N LYS B 95 8.57 -11.77 -24.46
CA LYS B 95 8.89 -13.01 -23.79
C LYS B 95 10.34 -13.38 -24.02
N LEU B 96 11.05 -13.76 -22.97
CA LEU B 96 12.40 -14.26 -23.00
C LEU B 96 12.40 -15.78 -23.00
N PRO B 97 13.33 -16.42 -23.70
CA PRO B 97 13.38 -17.87 -23.70
C PRO B 97 13.97 -18.41 -22.41
N ASP B 98 13.63 -19.67 -22.11
CA ASP B 98 14.18 -20.32 -20.92
C ASP B 98 15.70 -20.37 -20.97
N ASP B 99 16.29 -20.52 -22.16
CA ASP B 99 17.75 -20.56 -22.31
C ASP B 99 18.36 -19.18 -22.60
N PHE B 100 17.68 -18.11 -22.25
CA PHE B 100 18.13 -16.74 -22.53
C PHE B 100 19.59 -16.55 -22.11
N THR B 101 20.39 -15.98 -23.02
CA THR B 101 21.75 -15.55 -22.70
C THR B 101 21.82 -14.04 -22.93
N GLY B 102 21.85 -13.28 -21.84
CA GLY B 102 21.86 -11.83 -21.96
C GLY B 102 21.68 -11.16 -20.60
N CYS B 103 21.34 -9.88 -20.63
CA CYS B 103 21.20 -9.06 -19.43
C CYS B 103 19.95 -8.19 -19.53
N VAL B 104 19.31 -7.99 -18.39
CA VAL B 104 18.10 -7.19 -18.31
C VAL B 104 18.45 -5.95 -17.50
N ILE B 105 18.20 -4.78 -18.06
CA ILE B 105 18.59 -3.52 -17.44
C ILE B 105 17.35 -2.64 -17.43
N ALA B 106 17.04 -2.07 -16.25
CA ALA B 106 15.82 -1.29 -16.09
C ALA B 106 16.13 -0.09 -15.21
N TRP B 107 15.35 0.98 -15.39
CA TRP B 107 15.49 2.13 -14.51
C TRP B 107 14.19 2.92 -14.53
N ASN B 108 13.94 3.60 -13.41
CA ASN B 108 12.76 4.44 -13.27
C ASN B 108 12.84 5.61 -14.25
N SER B 109 11.74 5.87 -14.96
CA SER B 109 11.76 6.91 -15.99
C SER B 109 10.62 7.88 -15.79
N ASN B 110 10.14 8.00 -14.55
CA ASN B 110 9.06 8.93 -14.23
C ASN B 110 9.33 10.35 -14.74
N ASN B 111 10.55 10.86 -14.51
CA ASN B 111 10.86 12.23 -14.91
C ASN B 111 10.75 12.42 -16.42
N LEU B 112 11.04 11.38 -17.19
CA LEU B 112 11.04 11.43 -18.65
C LEU B 112 9.70 11.07 -19.26
N ASP B 113 8.94 10.14 -18.66
CA ASP B 113 7.83 9.53 -19.36
C ASP B 113 6.47 9.83 -18.74
N SER B 114 6.43 10.52 -17.61
CA SER B 114 5.17 10.98 -17.07
C SER B 114 4.99 12.47 -17.38
N LYS B 115 3.72 12.90 -17.41
CA LYS B 115 3.40 14.29 -17.71
C LYS B 115 2.20 14.73 -16.89
N VAL B 116 2.20 16.01 -16.50
CA VAL B 116 1.04 16.60 -15.85
C VAL B 116 -0.17 16.40 -16.75
N GLY B 117 -1.29 15.96 -16.17
CA GLY B 117 -2.43 15.54 -16.94
C GLY B 117 -2.36 14.12 -17.45
N GLY B 118 -1.18 13.50 -17.46
CA GLY B 118 -1.06 12.09 -17.79
C GLY B 118 -0.55 11.78 -19.18
N ASN B 119 0.50 10.96 -19.26
CA ASN B 119 0.99 10.46 -20.54
C ASN B 119 0.37 9.10 -20.83
N TYR B 120 -0.46 9.05 -21.88
CA TYR B 120 -1.16 7.84 -22.31
C TYR B 120 -0.63 7.27 -23.62
N ASN B 121 0.55 7.70 -24.06
CA ASN B 121 1.08 7.25 -25.34
C ASN B 121 1.72 5.87 -25.30
N TYR B 122 2.06 5.37 -24.12
CA TYR B 122 2.66 4.05 -24.01
C TYR B 122 1.56 2.99 -23.86
N LEU B 123 1.61 1.96 -24.70
CA LEU B 123 0.57 0.95 -24.76
C LEU B 123 1.15 -0.41 -24.44
N TYR B 124 0.27 -1.32 -24.01
CA TYR B 124 0.60 -2.73 -23.87
C TYR B 124 -0.58 -3.56 -24.37
N ARG B 125 -0.30 -4.81 -24.74
CA ARG B 125 -1.33 -5.72 -25.24
C ARG B 125 -1.95 -6.47 -24.06
N LEU B 126 -3.26 -6.28 -23.88
CA LEU B 126 -4.02 -6.87 -22.78
C LEU B 126 -4.62 -8.22 -23.12
N PHE B 127 -4.97 -8.45 -24.39
CA PHE B 127 -5.64 -9.68 -24.82
C PHE B 127 -4.91 -10.28 -26.02
N ARG B 128 -4.77 -11.59 -26.00
CA ARG B 128 -4.21 -12.30 -27.13
C ARG B 128 -4.74 -13.72 -27.12
N LYS B 129 -4.86 -14.31 -28.31
CA LYS B 129 -5.37 -15.68 -28.42
C LYS B 129 -4.45 -16.67 -27.71
N SER B 130 -3.13 -16.45 -27.83
CA SER B 130 -2.16 -17.35 -27.24
C SER B 130 -0.92 -16.57 -26.82
N ASN B 131 -0.09 -17.21 -25.98
CA ASN B 131 1.17 -16.63 -25.53
C ASN B 131 2.13 -16.40 -26.70
N LEU B 132 2.93 -15.34 -26.58
CA LEU B 132 4.00 -15.11 -27.55
C LEU B 132 5.08 -16.17 -27.45
N LYS B 133 5.70 -16.48 -28.58
CA LYS B 133 6.95 -17.22 -28.54
C LYS B 133 8.07 -16.29 -28.09
N PRO B 134 9.17 -16.83 -27.57
CA PRO B 134 10.30 -15.97 -27.15
C PRO B 134 10.77 -15.08 -28.30
N PHE B 135 10.96 -13.80 -27.99
CA PHE B 135 11.39 -12.77 -28.93
C PHE B 135 10.40 -12.54 -30.05
N GLU B 136 9.17 -13.04 -29.94
CA GLU B 136 8.20 -12.73 -30.97
C GLU B 136 7.59 -11.37 -30.70
N ARG B 137 7.16 -10.72 -31.76
CA ARG B 137 6.54 -9.42 -31.64
C ARG B 137 5.22 -9.38 -32.39
N ASP B 138 4.21 -8.75 -31.78
CA ASP B 138 2.86 -8.70 -32.34
C ASP B 138 2.36 -7.26 -32.26
N ILE B 139 2.17 -6.63 -33.41
CA ILE B 139 1.68 -5.26 -33.47
C ILE B 139 0.30 -5.21 -34.12
N SER B 140 -0.36 -6.36 -34.28
CA SER B 140 -1.70 -6.37 -34.87
C SER B 140 -2.71 -5.69 -33.93
N THR B 141 -3.79 -5.16 -34.51
CA THR B 141 -4.85 -4.50 -33.76
C THR B 141 -6.21 -5.05 -34.14
N GLU B 142 -6.31 -6.37 -34.31
CA GLU B 142 -7.58 -7.02 -34.62
C GLU B 142 -8.44 -7.14 -33.37
N ILE B 143 -9.75 -6.92 -33.53
CA ILE B 143 -10.66 -7.03 -32.39
C ILE B 143 -10.56 -8.43 -31.81
N TYR B 144 -10.45 -8.51 -30.48
CA TYR B 144 -10.21 -9.76 -29.79
C TYR B 144 -11.54 -10.42 -29.43
N GLN B 145 -11.70 -11.69 -29.79
CA GLN B 145 -12.94 -12.41 -29.53
C GLN B 145 -12.79 -13.19 -28.24
N ALA B 146 -13.44 -12.70 -27.18
CA ALA B 146 -13.32 -13.31 -25.86
C ALA B 146 -14.32 -14.43 -25.63
N GLY B 147 -15.40 -14.50 -26.41
CA GLY B 147 -16.41 -15.50 -26.16
C GLY B 147 -16.75 -16.26 -27.43
N SER B 148 -17.87 -16.96 -27.42
CA SER B 148 -18.26 -17.77 -28.57
C SER B 148 -18.88 -16.94 -29.69
N THR B 149 -19.39 -15.75 -29.40
CA THR B 149 -20.01 -14.93 -30.45
C THR B 149 -18.96 -14.20 -31.28
N PRO B 150 -18.93 -14.37 -32.61
CA PRO B 150 -17.95 -13.67 -33.44
C PRO B 150 -18.10 -12.16 -33.34
N CYS B 151 -16.99 -11.46 -33.56
CA CYS B 151 -16.95 -10.01 -33.46
C CYS B 151 -17.02 -9.30 -34.81
N ASN B 152 -16.48 -9.91 -35.87
CA ASN B 152 -16.40 -9.30 -37.21
C ASN B 152 -16.02 -7.81 -37.13
N GLY B 153 -14.94 -7.53 -36.40
CA GLY B 153 -14.33 -6.22 -36.40
C GLY B 153 -15.02 -5.14 -35.58
N VAL B 154 -16.17 -5.41 -34.96
CA VAL B 154 -16.86 -4.40 -34.17
C VAL B 154 -16.62 -4.67 -32.68
N GLU B 155 -16.24 -3.63 -31.96
CA GLU B 155 -16.08 -3.72 -30.52
C GLU B 155 -17.43 -3.78 -29.84
N GLY B 156 -17.50 -4.52 -28.73
CA GLY B 156 -18.72 -4.69 -27.99
C GLY B 156 -18.52 -5.70 -26.87
N PHE B 157 -19.63 -6.27 -26.41
CA PHE B 157 -19.55 -7.28 -25.35
C PHE B 157 -18.68 -8.43 -25.82
N ASN B 158 -17.68 -8.78 -25.00
CA ASN B 158 -16.73 -9.86 -25.31
C ASN B 158 -15.96 -9.60 -26.60
N CYS B 159 -15.93 -8.36 -27.09
CA CYS B 159 -15.25 -8.01 -28.34
C CYS B 159 -14.39 -6.78 -28.03
N TYR B 160 -13.09 -7.00 -27.84
CA TYR B 160 -12.21 -6.02 -27.21
C TYR B 160 -11.13 -5.53 -28.17
N PHE B 161 -10.95 -4.22 -28.24
CA PHE B 161 -9.70 -3.72 -28.79
C PHE B 161 -8.56 -4.24 -27.92
N PRO B 162 -7.51 -4.84 -28.49
CA PRO B 162 -6.56 -5.64 -27.70
C PRO B 162 -5.51 -4.86 -26.93
N LEU B 163 -5.30 -3.58 -27.24
CA LEU B 163 -4.24 -2.79 -26.65
C LEU B 163 -4.82 -1.78 -25.67
N GLN B 164 -4.09 -1.55 -24.59
CA GLN B 164 -4.52 -0.64 -23.54
C GLN B 164 -3.36 0.29 -23.20
N SER B 165 -3.68 1.52 -22.81
CA SER B 165 -2.63 2.46 -22.45
C SER B 165 -2.34 2.38 -20.96
N TYR B 166 -1.06 2.55 -20.61
CA TYR B 166 -0.70 2.99 -19.28
C TYR B 166 -1.09 4.45 -19.11
N GLY B 167 -1.43 4.83 -17.88
CA GLY B 167 -1.58 6.24 -17.61
C GLY B 167 -0.49 6.70 -16.67
N PHE B 168 0.59 7.27 -17.19
CA PHE B 168 1.73 7.67 -16.36
C PHE B 168 1.55 9.11 -15.91
N GLN B 169 1.12 9.29 -14.66
CA GLN B 169 1.15 10.62 -14.08
C GLN B 169 2.28 10.75 -13.05
N PRO B 170 2.78 11.98 -12.81
CA PRO B 170 4.02 12.14 -12.05
C PRO B 170 3.96 11.72 -10.59
N THR B 171 2.82 11.85 -9.90
CA THR B 171 2.79 11.42 -8.52
C THR B 171 2.12 10.06 -8.35
N ASN B 172 2.08 9.23 -9.40
CA ASN B 172 1.76 7.83 -9.22
C ASN B 172 2.73 7.20 -8.21
N GLY B 173 2.23 6.22 -7.47
CA GLY B 173 3.10 5.31 -6.76
C GLY B 173 4.12 4.72 -7.69
N VAL B 174 5.29 4.36 -7.14
CA VAL B 174 6.39 3.84 -7.96
C VAL B 174 5.95 2.63 -8.78
N GLY B 175 5.14 1.75 -8.20
CA GLY B 175 4.69 0.58 -8.94
C GLY B 175 3.93 0.93 -10.21
N TYR B 176 3.27 2.09 -10.22
CA TYR B 176 2.55 2.58 -11.40
C TYR B 176 3.31 3.70 -12.11
N GLN B 177 4.59 3.83 -11.84
CA GLN B 177 5.46 4.73 -12.56
C GLN B 177 6.10 4.00 -13.74
N PRO B 178 6.44 4.71 -14.82
CA PRO B 178 7.06 4.05 -15.97
C PRO B 178 8.50 3.70 -15.68
N TYR B 179 8.93 2.56 -16.23
CA TYR B 179 10.30 2.09 -16.16
C TYR B 179 10.74 1.79 -17.58
N ARG B 180 11.94 2.25 -17.93
CA ARG B 180 12.58 1.92 -19.20
C ARG B 180 13.42 0.67 -19.01
N VAL B 181 13.39 -0.19 -20.01
CA VAL B 181 14.08 -1.47 -19.98
C VAL B 181 14.95 -1.60 -21.21
N VAL B 182 16.15 -2.12 -21.03
CA VAL B 182 16.98 -2.55 -22.15
C VAL B 182 17.32 -4.01 -21.89
N VAL B 183 17.05 -4.86 -22.87
CA VAL B 183 17.41 -6.28 -22.80
C VAL B 183 18.51 -6.51 -23.84
N LEU B 184 19.70 -6.85 -23.38
CA LEU B 184 20.78 -7.24 -24.27
C LEU B 184 20.74 -8.76 -24.40
N SER B 185 20.65 -9.27 -25.62
CA SER B 185 20.76 -10.70 -25.87
C SER B 185 22.03 -10.97 -26.65
N PHE B 186 22.75 -12.00 -26.23
CA PHE B 186 24.09 -12.32 -26.72
C PHE B 186 24.08 -13.64 -27.49
N GLU B 187 24.88 -13.70 -28.53
CA GLU B 187 25.00 -14.90 -29.33
C GLU B 187 26.47 -15.27 -29.47
N LEU B 188 26.78 -16.56 -29.45
CA LEU B 188 28.17 -17.03 -29.54
C LEU B 188 28.30 -18.17 -30.55
N LEU B 189 27.97 -17.90 -31.81
CA LEU B 189 28.06 -18.87 -32.88
C LEU B 189 29.50 -19.05 -33.36
N HIS B 190 29.74 -20.17 -34.06
CA HIS B 190 30.97 -20.30 -34.82
C HIS B 190 30.91 -19.30 -35.98
N ALA B 191 31.51 -18.13 -35.76
CA ALA B 191 31.43 -16.97 -36.64
C ALA B 191 32.39 -15.91 -36.11
N PRO B 192 32.71 -14.86 -36.88
CA PRO B 192 33.57 -13.80 -36.34
C PRO B 192 32.94 -13.13 -35.13
N ALA B 193 33.79 -12.63 -34.24
CA ALA B 193 33.28 -11.75 -33.19
C ALA B 193 32.85 -10.42 -33.79
N THR B 194 31.83 -9.80 -33.20
CA THR B 194 31.39 -8.47 -33.62
C THR B 194 31.35 -7.45 -32.48
N VAL B 195 31.23 -7.89 -31.22
CA VAL B 195 31.21 -6.98 -30.08
C VAL B 195 32.15 -7.55 -29.02
N CYS B 196 33.11 -6.75 -28.57
CA CYS B 196 34.01 -7.19 -27.52
C CYS B 196 34.05 -6.16 -26.41
N GLY B 197 34.30 -6.63 -25.19
CA GLY B 197 34.54 -5.76 -24.08
C GLY B 197 35.96 -5.23 -24.17
N PRO B 198 36.23 -4.11 -23.48
CA PRO B 198 37.59 -3.55 -23.52
C PRO B 198 38.64 -4.47 -22.92
N LYS B 199 38.27 -5.25 -21.91
CA LYS B 199 39.21 -5.95 -21.03
C LYS B 199 38.96 -7.46 -20.93
N ASN C 5 34.07 -45.41 17.96
CA ASN C 5 33.70 -44.32 17.07
C ASN C 5 32.17 -44.29 16.89
N LEU C 6 31.63 -43.16 16.42
CA LEU C 6 30.21 -43.04 16.17
C LEU C 6 29.89 -43.50 14.75
N CYS C 7 28.69 -44.03 14.58
CA CYS C 7 28.25 -44.50 13.27
C CYS C 7 28.02 -43.32 12.34
N PRO C 8 28.56 -43.36 11.09
CA PRO C 8 28.47 -42.18 10.21
C PRO C 8 27.08 -41.91 9.66
N PHE C 9 26.10 -41.72 10.56
CA PHE C 9 24.72 -41.47 10.14
C PHE C 9 24.54 -40.10 9.51
N GLY C 10 25.40 -39.14 9.86
CA GLY C 10 25.29 -37.83 9.24
C GLY C 10 25.53 -37.90 7.75
N GLU C 11 26.52 -38.70 7.33
CA GLU C 11 26.85 -38.85 5.93
C GLU C 11 25.73 -39.50 5.12
N VAL C 12 24.93 -40.38 5.75
CA VAL C 12 23.81 -41.01 5.06
C VAL C 12 22.61 -40.05 5.03
N PHE C 13 22.13 -39.66 6.21
CA PHE C 13 20.91 -38.86 6.29
C PHE C 13 21.09 -37.45 5.71
N ASN C 14 22.26 -36.85 5.90
CA ASN C 14 22.45 -35.46 5.51
C ASN C 14 23.31 -35.31 4.26
N ALA C 15 23.47 -36.38 3.47
CA ALA C 15 24.10 -36.25 2.17
C ALA C 15 23.36 -35.22 1.33
N THR C 16 24.11 -34.38 0.59
CA THR C 16 23.45 -33.30 -0.11
C THR C 16 22.67 -33.80 -1.31
N ARG C 17 23.12 -34.87 -1.96
CA ARG C 17 22.40 -35.49 -3.07
C ARG C 17 22.16 -36.96 -2.77
N PHE C 18 20.95 -37.42 -3.10
CA PHE C 18 20.53 -38.80 -2.89
C PHE C 18 20.49 -39.55 -4.22
N ALA C 19 20.62 -40.88 -4.13
CA ALA C 19 20.58 -41.70 -5.33
C ALA C 19 19.16 -41.81 -5.89
N SER C 20 19.07 -42.03 -7.20
CA SER C 20 17.82 -42.46 -7.81
C SER C 20 17.44 -43.84 -7.26
N VAL C 21 16.12 -44.10 -7.19
CA VAL C 21 15.70 -45.30 -6.49
C VAL C 21 16.11 -46.57 -7.25
N TYR C 22 16.14 -46.52 -8.59
CA TYR C 22 16.59 -47.70 -9.33
C TYR C 22 18.08 -48.00 -9.08
N ALA C 23 18.88 -46.96 -8.85
CA ALA C 23 20.29 -47.11 -8.47
C ALA C 23 20.48 -46.84 -7.00
N TRP C 24 19.63 -47.44 -6.16
CA TRP C 24 19.65 -47.11 -4.74
C TRP C 24 21.03 -47.38 -4.14
N ASN C 25 21.36 -46.58 -3.12
CA ASN C 25 22.68 -46.56 -2.51
C ASN C 25 22.70 -47.40 -1.25
N ARG C 26 23.85 -48.00 -0.96
CA ARG C 26 24.01 -48.81 0.23
C ARG C 26 25.30 -48.43 0.92
N LYS C 27 25.25 -48.18 2.23
CA LYS C 27 26.46 -47.94 3.01
C LYS C 27 26.47 -48.93 4.16
N ARG C 28 27.62 -49.60 4.33
CA ARG C 28 27.83 -50.56 5.43
C ARG C 28 28.18 -49.83 6.70
N ILE C 29 27.39 -50.03 7.75
CA ILE C 29 27.66 -49.47 9.07
C ILE C 29 28.32 -50.56 9.91
N SER C 30 29.51 -50.30 10.44
CA SER C 30 30.21 -51.31 11.23
C SER C 30 31.14 -50.65 12.24
N ASN C 31 31.30 -51.33 13.38
CA ASN C 31 32.25 -50.96 14.43
C ASN C 31 32.03 -49.52 14.90
N CYS C 32 30.89 -49.32 15.55
CA CYS C 32 30.52 -47.98 15.98
C CYS C 32 29.30 -48.06 16.89
N VAL C 33 29.04 -46.95 17.59
CA VAL C 33 27.86 -46.75 18.41
C VAL C 33 26.91 -45.83 17.66
N ALA C 34 25.60 -46.06 17.83
CA ALA C 34 24.60 -45.26 17.13
C ALA C 34 23.44 -44.98 18.07
N ASP C 35 23.03 -43.72 18.12
CA ASP C 35 21.88 -43.28 18.91
C ASP C 35 20.68 -43.22 17.95
N TYR C 36 19.85 -44.26 17.96
CA TYR C 36 18.65 -44.27 17.15
C TYR C 36 17.52 -43.45 17.76
N SER C 37 17.45 -43.38 19.10
CA SER C 37 16.33 -42.72 19.75
C SER C 37 16.28 -41.23 19.45
N VAL C 38 17.45 -40.57 19.33
CA VAL C 38 17.44 -39.15 18.98
C VAL C 38 16.86 -38.95 17.59
N LEU C 39 17.12 -39.88 16.67
CA LEU C 39 16.53 -39.81 15.34
C LEU C 39 15.03 -40.07 15.38
N TYR C 40 14.63 -41.11 16.12
CA TYR C 40 13.20 -41.45 16.19
C TYR C 40 12.40 -40.34 16.85
N ASN C 41 12.95 -39.74 17.91
CA ASN C 41 12.23 -38.73 18.69
C ASN C 41 12.36 -37.32 18.13
N SER C 42 13.28 -37.08 17.20
CA SER C 42 13.21 -35.84 16.43
C SER C 42 11.95 -35.86 15.58
N ALA C 43 11.41 -34.67 15.32
CA ALA C 43 10.21 -34.55 14.49
C ALA C 43 10.52 -34.31 13.02
N SER C 44 11.75 -34.60 12.59
CA SER C 44 12.15 -34.30 11.23
C SER C 44 11.78 -35.39 10.22
N PHE C 45 11.20 -36.51 10.68
CA PHE C 45 10.88 -37.63 9.81
C PHE C 45 9.37 -37.86 9.84
N SER C 46 8.79 -38.05 8.65
CA SER C 46 7.38 -38.40 8.54
C SER C 46 7.14 -39.90 8.61
N THR C 47 8.18 -40.71 8.40
CA THR C 47 8.09 -42.15 8.64
C THR C 47 9.30 -42.59 9.43
N PHE C 48 9.05 -43.38 10.48
CA PHE C 48 10.07 -44.10 11.24
C PHE C 48 9.37 -45.37 11.74
N LYS C 49 9.30 -46.38 10.87
CA LYS C 49 8.59 -47.62 11.15
C LYS C 49 9.56 -48.80 11.04
N CYS C 50 9.60 -49.62 12.09
CA CYS C 50 10.52 -50.75 12.15
C CYS C 50 9.78 -52.08 12.09
N TYR C 51 10.48 -53.10 11.60
CA TYR C 51 9.93 -54.43 11.40
C TYR C 51 10.83 -55.43 12.10
N GLY C 52 10.22 -56.31 12.89
CA GLY C 52 10.98 -57.26 13.67
C GLY C 52 11.79 -56.66 14.79
N VAL C 53 11.64 -55.36 15.05
CA VAL C 53 12.37 -54.71 16.14
C VAL C 53 11.62 -53.46 16.52
N SER C 54 11.72 -53.06 17.82
CA SER C 54 10.95 -51.84 18.02
C SER C 54 11.87 -50.63 18.09
N PRO C 55 11.43 -49.48 17.59
CA PRO C 55 12.34 -48.32 17.55
C PRO C 55 12.75 -47.82 18.92
N THR C 56 11.98 -48.10 19.96
CA THR C 56 12.32 -47.62 21.29
C THR C 56 13.39 -48.48 21.95
N LYS C 57 13.50 -49.76 21.56
CA LYS C 57 14.48 -50.66 22.14
C LYS C 57 15.76 -50.76 21.31
N LEU C 58 15.92 -49.90 20.30
CA LEU C 58 17.08 -50.01 19.43
C LEU C 58 18.35 -49.52 20.11
N ASN C 59 18.23 -48.61 21.08
CA ASN C 59 19.38 -48.01 21.73
C ASN C 59 20.04 -48.93 22.73
N ASP C 60 19.41 -50.04 23.10
CA ASP C 60 20.08 -51.03 23.92
C ASP C 60 20.08 -52.38 23.21
N LEU C 61 20.46 -52.38 21.94
CA LEU C 61 20.68 -53.60 21.16
C LEU C 61 22.00 -53.50 20.43
N CYS C 62 22.59 -54.66 20.15
CA CYS C 62 23.82 -54.75 19.39
C CYS C 62 23.59 -55.68 18.22
N PHE C 63 24.23 -55.39 17.09
CA PHE C 63 24.07 -56.16 15.87
C PHE C 63 25.44 -56.42 15.25
N THR C 64 25.50 -57.45 14.42
CA THR C 64 26.74 -57.80 13.73
C THR C 64 27.12 -56.70 12.75
N ASN C 65 26.28 -56.48 11.75
CA ASN C 65 26.47 -55.41 10.79
C ASN C 65 25.15 -54.67 10.62
N VAL C 66 25.23 -53.47 10.05
CA VAL C 66 24.04 -52.67 9.75
C VAL C 66 24.21 -52.10 8.36
N TYR C 67 23.15 -52.15 7.57
CA TYR C 67 23.11 -51.57 6.24
C TYR C 67 22.21 -50.35 6.26
N ALA C 68 22.62 -49.30 5.55
CA ALA C 68 21.81 -48.10 5.35
C ALA C 68 21.62 -47.89 3.86
N ASP C 69 20.40 -48.11 3.38
CA ASP C 69 20.06 -47.91 1.97
C ASP C 69 19.29 -46.60 1.81
N SER C 70 19.54 -45.88 0.72
CA SER C 70 18.94 -44.56 0.60
C SER C 70 18.70 -44.23 -0.87
N PHE C 71 17.63 -43.47 -1.10
CA PHE C 71 17.15 -43.13 -2.45
C PHE C 71 16.02 -42.12 -2.31
N VAL C 72 15.48 -41.69 -3.46
CA VAL C 72 14.36 -40.76 -3.51
C VAL C 72 13.22 -41.38 -4.31
N ILE C 73 11.99 -41.22 -3.78
CA ILE C 73 10.75 -41.60 -4.46
C ILE C 73 9.76 -40.44 -4.30
N ARG C 74 8.59 -40.58 -4.92
CA ARG C 74 7.59 -39.55 -4.70
C ARG C 74 6.67 -39.94 -3.53
N GLY C 75 5.98 -38.92 -3.00
CA GLY C 75 5.25 -39.08 -1.73
C GLY C 75 4.29 -40.25 -1.70
N ASP C 76 3.47 -40.41 -2.75
CA ASP C 76 2.47 -41.48 -2.78
C ASP C 76 3.08 -42.88 -2.78
N GLU C 77 4.39 -43.02 -3.03
CA GLU C 77 5.08 -44.29 -3.10
C GLU C 77 5.78 -44.68 -1.79
N VAL C 78 5.77 -43.82 -0.77
CA VAL C 78 6.40 -44.15 0.51
C VAL C 78 5.82 -45.45 1.06
N ARG C 79 4.51 -45.67 0.86
CA ARG C 79 3.87 -46.88 1.38
C ARG C 79 4.43 -48.16 0.76
N GLN C 80 5.13 -48.07 -0.38
CA GLN C 80 5.70 -49.26 -1.01
C GLN C 80 6.99 -49.73 -0.37
N ILE C 81 7.62 -48.89 0.46
CA ILE C 81 8.90 -49.26 1.12
C ILE C 81 8.52 -50.00 2.39
N ALA C 82 8.16 -51.26 2.23
CA ALA C 82 7.72 -52.14 3.31
C ALA C 82 7.73 -53.57 2.79
N PRO C 83 7.85 -54.56 3.68
CA PRO C 83 7.62 -55.94 3.26
C PRO C 83 6.20 -56.14 2.78
N GLY C 84 6.04 -56.90 1.70
CA GLY C 84 4.75 -57.33 1.25
C GLY C 84 4.06 -56.42 0.25
N GLN C 85 4.72 -55.37 -0.21
CA GLN C 85 4.07 -54.38 -1.06
C GLN C 85 4.29 -54.69 -2.52
N THR C 86 3.38 -54.18 -3.34
CA THR C 86 3.56 -54.20 -4.79
C THR C 86 3.41 -52.78 -5.33
N GLY C 87 3.68 -52.61 -6.61
CA GLY C 87 3.82 -51.34 -7.27
C GLY C 87 5.17 -51.24 -7.95
N LYS C 88 5.31 -50.16 -8.72
CA LYS C 88 6.53 -50.08 -9.54
C LYS C 88 7.80 -50.00 -8.69
N ILE C 89 7.74 -49.36 -7.53
CA ILE C 89 8.93 -49.25 -6.69
C ILE C 89 9.28 -50.61 -6.09
N ALA C 90 8.33 -51.24 -5.38
CA ALA C 90 8.60 -52.52 -4.76
C ALA C 90 8.87 -53.64 -5.76
N ASP C 91 8.25 -53.60 -6.94
CA ASP C 91 8.44 -54.68 -7.93
C ASP C 91 9.72 -54.50 -8.72
N TYR C 92 10.03 -53.27 -9.11
CA TYR C 92 11.05 -53.02 -10.13
C TYR C 92 12.23 -52.18 -9.65
N ASN C 93 12.27 -51.73 -8.39
CA ASN C 93 13.31 -50.81 -7.99
C ASN C 93 13.95 -51.15 -6.65
N TYR C 94 13.16 -51.32 -5.60
CA TYR C 94 13.69 -51.62 -4.27
C TYR C 94 12.71 -52.52 -3.52
N LYS C 95 13.15 -53.73 -3.20
CA LYS C 95 12.26 -54.79 -2.73
C LYS C 95 12.73 -55.25 -1.37
N LEU C 96 11.84 -55.22 -0.39
CA LEU C 96 12.17 -55.70 0.94
C LEU C 96 11.61 -57.11 1.15
N PRO C 97 12.33 -57.97 1.88
CA PRO C 97 11.87 -59.34 2.09
C PRO C 97 10.78 -59.41 3.16
N ASP C 98 10.02 -60.51 3.13
CA ASP C 98 8.96 -60.66 4.11
C ASP C 98 9.50 -60.77 5.53
N ASP C 99 10.69 -61.35 5.70
CA ASP C 99 11.30 -61.51 7.01
C ASP C 99 12.13 -60.30 7.43
N PHE C 100 11.79 -59.10 6.97
CA PHE C 100 12.65 -57.94 7.15
C PHE C 100 12.83 -57.60 8.62
N THR C 101 14.08 -57.38 9.04
CA THR C 101 14.43 -56.88 10.37
C THR C 101 15.16 -55.55 10.17
N GLY C 102 14.46 -54.45 10.36
CA GLY C 102 15.04 -53.14 10.13
C GLY C 102 13.99 -52.05 10.24
N CYS C 103 14.39 -50.84 9.86
CA CYS C 103 13.52 -49.66 9.96
C CYS C 103 13.50 -48.87 8.66
N VAL C 104 12.31 -48.42 8.27
CA VAL C 104 12.14 -47.52 7.13
C VAL C 104 11.97 -46.10 7.66
N ILE C 105 12.79 -45.18 7.15
CA ILE C 105 12.78 -43.78 7.55
C ILE C 105 12.61 -42.91 6.31
N ALA C 106 11.64 -42.00 6.34
CA ALA C 106 11.37 -41.15 5.19
C ALA C 106 11.03 -39.72 5.64
N TRP C 107 11.36 -38.75 4.79
CA TRP C 107 10.98 -37.36 5.05
C TRP C 107 10.80 -36.62 3.74
N ASN C 108 9.95 -35.60 3.75
CA ASN C 108 9.73 -34.77 2.57
C ASN C 108 11.00 -33.98 2.24
N SER C 109 11.44 -34.06 0.99
CA SER C 109 12.67 -33.40 0.57
C SER C 109 12.42 -32.37 -0.53
N ASN C 110 11.19 -31.86 -0.60
CA ASN C 110 10.79 -30.94 -1.65
C ASN C 110 11.75 -29.77 -1.79
N ASN C 111 12.14 -29.17 -0.68
CA ASN C 111 12.95 -27.96 -0.79
C ASN C 111 14.42 -28.27 -1.12
N LEU C 112 14.80 -29.54 -1.16
CA LEU C 112 16.13 -29.98 -1.55
C LEU C 112 16.17 -30.55 -2.96
N ASP C 113 15.12 -31.26 -3.37
CA ASP C 113 15.15 -32.06 -4.59
C ASP C 113 14.24 -31.55 -5.69
N SER C 114 13.41 -30.54 -5.42
CA SER C 114 12.56 -29.91 -6.42
C SER C 114 13.19 -28.59 -6.87
N LYS C 115 13.13 -28.33 -8.18
CA LYS C 115 13.64 -27.11 -8.79
C LYS C 115 12.53 -26.46 -9.62
N VAL C 116 12.65 -25.14 -9.85
CA VAL C 116 11.57 -24.37 -10.49
C VAL C 116 11.33 -24.85 -11.92
N GLY C 117 12.37 -25.09 -12.68
CA GLY C 117 12.12 -25.64 -13.99
C GLY C 117 11.72 -27.10 -14.03
N GLY C 118 11.52 -27.72 -12.87
CA GLY C 118 11.40 -29.17 -12.81
C GLY C 118 12.77 -29.84 -12.71
N ASN C 119 12.97 -30.64 -11.67
CA ASN C 119 14.18 -31.45 -11.55
C ASN C 119 13.87 -32.83 -12.11
N TYR C 120 14.51 -33.17 -13.23
CA TYR C 120 14.30 -34.45 -13.90
C TYR C 120 15.44 -35.42 -13.67
N ASN C 121 16.28 -35.17 -12.66
CA ASN C 121 17.45 -35.99 -12.41
C ASN C 121 17.12 -37.29 -11.67
N TYR C 122 16.06 -37.31 -10.85
CA TYR C 122 15.69 -38.53 -10.13
C TYR C 122 14.90 -39.45 -11.04
N LEU C 123 15.34 -40.70 -11.15
CA LEU C 123 14.76 -41.66 -12.07
C LEU C 123 14.25 -42.89 -11.31
N TYR C 124 13.41 -43.66 -12.01
CA TYR C 124 12.92 -44.95 -11.52
C TYR C 124 12.75 -45.89 -12.70
N ARG C 125 12.78 -47.18 -12.42
CA ARG C 125 12.58 -48.16 -13.49
C ARG C 125 11.08 -48.41 -13.66
N LEU C 126 10.58 -48.17 -14.88
CA LEU C 126 9.17 -48.38 -15.19
C LEU C 126 8.91 -49.75 -15.81
N PHE C 127 9.86 -50.30 -16.55
CA PHE C 127 9.68 -51.58 -17.23
C PHE C 127 10.80 -52.54 -16.83
N ARG C 128 10.42 -53.75 -16.46
CA ARG C 128 11.34 -54.82 -16.15
C ARG C 128 10.66 -56.14 -16.47
N LYS C 129 11.43 -57.10 -16.98
CA LYS C 129 10.82 -58.37 -17.38
C LYS C 129 10.20 -59.08 -16.19
N SER C 130 10.81 -58.97 -15.01
CA SER C 130 10.29 -59.67 -13.84
C SER C 130 10.64 -58.86 -12.60
N ASN C 131 9.98 -59.21 -11.49
CA ASN C 131 10.18 -58.55 -10.21
C ASN C 131 11.59 -58.79 -9.69
N LEU C 132 12.10 -57.82 -8.93
CA LEU C 132 13.31 -58.00 -8.16
C LEU C 132 13.06 -58.94 -6.99
N LYS C 133 14.07 -59.75 -6.66
CA LYS C 133 14.08 -60.40 -5.36
C LYS C 133 14.59 -59.41 -4.32
N PRO C 134 14.35 -59.67 -3.04
CA PRO C 134 14.74 -58.70 -2.01
C PRO C 134 16.20 -58.28 -2.11
N PHE C 135 16.42 -56.97 -2.00
CA PHE C 135 17.72 -56.29 -2.02
C PHE C 135 18.46 -56.42 -3.34
N GLU C 136 17.80 -56.88 -4.40
CA GLU C 136 18.41 -56.82 -5.72
C GLU C 136 18.45 -55.38 -6.22
N ARG C 137 19.40 -55.12 -7.12
CA ARG C 137 19.66 -53.79 -7.64
C ARG C 137 19.89 -53.91 -9.13
N ASP C 138 18.99 -53.32 -9.93
CA ASP C 138 19.08 -53.38 -11.37
C ASP C 138 19.38 -51.97 -11.88
N ILE C 139 20.58 -51.77 -12.40
CA ILE C 139 20.96 -50.50 -13.01
C ILE C 139 21.14 -50.63 -14.51
N SER C 140 20.73 -51.74 -15.10
CA SER C 140 20.85 -51.88 -16.54
C SER C 140 19.87 -50.95 -17.24
N THR C 141 20.16 -50.67 -18.50
CA THR C 141 19.37 -49.77 -19.32
C THR C 141 19.16 -50.34 -20.71
N GLU C 142 18.95 -51.66 -20.78
CA GLU C 142 18.61 -52.31 -22.04
C GLU C 142 17.21 -51.94 -22.49
N ILE C 143 17.01 -51.90 -23.80
CA ILE C 143 15.69 -51.60 -24.35
C ILE C 143 14.76 -52.76 -24.04
N TYR C 144 13.62 -52.46 -23.44
CA TYR C 144 12.74 -53.49 -22.92
C TYR C 144 11.71 -53.90 -23.98
N GLN C 145 11.55 -55.21 -24.14
CA GLN C 145 10.69 -55.78 -25.20
C GLN C 145 9.31 -56.02 -24.60
N ALA C 146 8.36 -55.15 -24.92
CA ALA C 146 7.05 -55.22 -24.30
C ALA C 146 6.13 -56.23 -24.95
N GLY C 147 6.41 -56.64 -26.19
CA GLY C 147 5.57 -57.54 -26.95
C GLY C 147 6.38 -58.64 -27.62
N SER C 148 5.79 -59.22 -28.67
CA SER C 148 6.38 -60.38 -29.32
C SER C 148 7.53 -60.04 -30.25
N THR C 149 7.52 -58.84 -30.83
CA THR C 149 8.57 -58.46 -31.78
C THR C 149 9.86 -58.12 -31.04
N PRO C 150 10.98 -58.77 -31.37
CA PRO C 150 12.26 -58.38 -30.76
C PRO C 150 12.61 -56.94 -31.09
N CYS C 151 13.50 -56.37 -30.29
CA CYS C 151 13.90 -54.98 -30.42
C CYS C 151 15.30 -54.79 -30.96
N ASN C 152 16.25 -55.65 -30.58
CA ASN C 152 17.66 -55.52 -30.97
C ASN C 152 18.19 -54.11 -30.66
N GLY C 153 17.96 -53.67 -29.42
CA GLY C 153 18.40 -52.35 -28.99
C GLY C 153 17.77 -51.17 -29.72
N VAL C 154 16.76 -51.43 -30.55
CA VAL C 154 16.07 -50.37 -31.29
C VAL C 154 14.84 -49.94 -30.50
N GLU C 155 14.82 -48.68 -30.05
CA GLU C 155 13.68 -48.11 -29.37
C GLU C 155 12.56 -47.83 -30.37
N GLY C 156 11.33 -48.16 -29.98
CA GLY C 156 10.18 -47.95 -30.85
C GLY C 156 8.93 -48.51 -30.19
N PHE C 157 7.92 -48.79 -31.02
CA PHE C 157 6.69 -49.41 -30.53
C PHE C 157 7.01 -50.71 -29.78
N ASN C 158 6.41 -50.87 -28.59
CA ASN C 158 6.64 -52.04 -27.75
C ASN C 158 8.13 -52.26 -27.43
N CYS C 159 8.96 -51.24 -27.61
CA CYS C 159 10.40 -51.32 -27.34
C CYS C 159 10.79 -50.05 -26.60
N TYR C 160 10.90 -50.13 -25.27
CA TYR C 160 10.95 -48.95 -24.41
C TYR C 160 12.28 -48.86 -23.67
N PHE C 161 12.85 -47.65 -23.65
CA PHE C 161 13.83 -47.37 -22.63
C PHE C 161 13.20 -47.66 -21.26
N PRO C 162 13.88 -48.41 -20.38
CA PRO C 162 13.21 -48.92 -19.18
C PRO C 162 13.03 -47.89 -18.05
N LEU C 163 13.75 -46.77 -18.07
CA LEU C 163 13.76 -45.81 -16.96
C LEU C 163 12.92 -44.59 -17.31
N GLN C 164 12.30 -44.02 -16.27
CA GLN C 164 11.48 -42.83 -16.44
C GLN C 164 11.86 -41.80 -15.38
N SER C 165 11.52 -40.56 -15.65
CA SER C 165 11.90 -39.44 -14.80
C SER C 165 10.72 -39.01 -13.94
N TYR C 166 10.97 -38.81 -12.64
CA TYR C 166 10.06 -37.98 -11.85
C TYR C 166 10.21 -36.53 -12.30
N GLY C 167 9.10 -35.80 -12.33
CA GLY C 167 9.22 -34.40 -12.64
C GLY C 167 8.99 -33.58 -11.40
N PHE C 168 10.05 -33.28 -10.65
CA PHE C 168 9.89 -32.68 -9.33
C PHE C 168 9.93 -31.16 -9.45
N GLN C 169 8.75 -30.54 -9.33
CA GLN C 169 8.54 -29.10 -9.27
C GLN C 169 8.05 -28.69 -7.88
N PRO C 170 8.44 -27.51 -7.39
CA PRO C 170 8.20 -27.18 -5.97
C PRO C 170 6.73 -27.11 -5.59
N THR C 171 5.86 -26.85 -6.55
CA THR C 171 4.43 -26.68 -6.29
C THR C 171 3.60 -27.91 -6.62
N ASN C 172 4.23 -29.04 -6.92
CA ASN C 172 3.48 -30.29 -7.04
C ASN C 172 2.68 -30.54 -5.77
N GLY C 173 1.53 -31.19 -5.91
CA GLY C 173 0.86 -31.80 -4.77
C GLY C 173 1.86 -32.64 -4.00
N VAL C 174 1.61 -32.85 -2.70
CA VAL C 174 2.58 -33.53 -1.85
C VAL C 174 2.80 -34.97 -2.32
N GLY C 175 1.73 -35.64 -2.78
CA GLY C 175 1.92 -36.97 -3.33
C GLY C 175 2.92 -37.03 -4.47
N TYR C 176 3.13 -35.92 -5.18
CA TYR C 176 4.05 -35.87 -6.30
C TYR C 176 5.28 -35.02 -6.01
N GLN C 177 5.59 -34.78 -4.71
CA GLN C 177 6.80 -34.21 -4.14
C GLN C 177 7.80 -35.29 -3.76
N PRO C 178 9.10 -34.97 -3.77
CA PRO C 178 10.11 -35.99 -3.51
C PRO C 178 10.24 -36.26 -2.02
N TYR C 179 10.45 -37.53 -1.70
CA TYR C 179 10.73 -37.97 -0.34
C TYR C 179 12.05 -38.70 -0.36
N ARG C 180 12.90 -38.37 0.61
CA ARG C 180 14.14 -39.10 0.82
C ARG C 180 13.86 -40.24 1.77
N VAL C 181 14.47 -41.39 1.49
CA VAL C 181 14.22 -42.60 2.27
C VAL C 181 15.57 -43.18 2.68
N VAL C 182 15.66 -43.58 3.95
CA VAL C 182 16.75 -44.37 4.47
C VAL C 182 16.16 -45.66 5.03
N VAL C 183 16.70 -46.79 4.60
CA VAL C 183 16.28 -48.11 5.08
C VAL C 183 17.44 -48.72 5.86
N LEU C 184 17.24 -48.93 7.15
CA LEU C 184 18.26 -49.57 7.99
C LEU C 184 17.93 -51.05 8.12
N SER C 185 18.89 -51.91 7.78
CA SER C 185 18.78 -53.36 8.01
C SER C 185 19.74 -53.79 9.10
N PHE C 186 19.25 -54.59 10.04
CA PHE C 186 20.02 -55.01 11.20
C PHE C 186 20.37 -56.49 11.08
N GLU C 187 21.67 -56.78 11.02
CA GLU C 187 22.17 -58.13 10.80
C GLU C 187 22.56 -58.78 12.13
N LEU C 188 22.01 -59.97 12.39
CA LEU C 188 22.32 -60.73 13.60
C LEU C 188 22.87 -62.11 13.24
N LEU C 189 24.20 -62.24 13.23
CA LEU C 189 24.88 -63.48 12.85
C LEU C 189 25.69 -64.03 14.02
N HIS C 190 26.40 -65.14 13.74
CA HIS C 190 27.28 -65.79 14.72
C HIS C 190 28.69 -65.25 14.51
N ALA C 191 28.88 -64.03 15.01
CA ALA C 191 30.03 -63.21 14.78
C ALA C 191 29.99 -62.12 15.84
N PRO C 192 30.98 -61.21 15.96
CA PRO C 192 30.90 -60.20 17.02
C PRO C 192 29.98 -59.02 16.68
N ALA C 193 29.34 -58.47 17.72
CA ALA C 193 28.45 -57.32 17.58
C ALA C 193 29.31 -56.06 17.46
N THR C 194 29.27 -55.42 16.29
CA THR C 194 30.09 -54.25 16.04
C THR C 194 29.29 -52.95 16.02
N VAL C 195 27.96 -53.01 15.98
CA VAL C 195 27.13 -51.80 15.99
C VAL C 195 26.19 -51.89 17.19
N CYS C 196 26.34 -50.97 18.12
CA CYS C 196 25.56 -50.97 19.35
C CYS C 196 24.92 -49.60 19.57
N GLY C 197 23.83 -49.60 20.33
CA GLY C 197 23.29 -48.38 20.86
C GLY C 197 24.16 -47.91 22.01
N PRO C 198 23.90 -46.71 22.54
CA PRO C 198 24.70 -46.25 23.69
C PRO C 198 24.59 -47.15 24.90
N LYS C 199 23.58 -48.04 24.96
CA LYS C 199 23.40 -49.04 26.01
C LYS C 199 23.00 -48.37 27.32
N ASN D 5 -3.44 19.86 50.48
CA ASN D 5 -3.70 18.45 50.22
C ASN D 5 -4.29 18.24 48.82
N LEU D 6 -4.00 19.17 47.92
CA LEU D 6 -4.44 19.08 46.53
C LEU D 6 -3.43 18.24 45.73
N CYS D 7 -3.95 17.35 44.89
CA CYS D 7 -3.10 16.41 44.14
C CYS D 7 -2.07 17.17 43.32
N PRO D 8 -0.83 16.65 43.22
CA PRO D 8 0.29 17.40 42.61
C PRO D 8 0.31 17.32 41.09
N PHE D 9 -0.78 17.75 40.47
CA PHE D 9 -0.86 17.69 39.01
C PHE D 9 0.01 18.74 38.36
N GLY D 10 0.24 19.87 39.05
CA GLY D 10 1.15 20.87 38.51
C GLY D 10 2.55 20.32 38.29
N GLU D 11 3.02 19.49 39.21
CA GLU D 11 4.37 18.95 39.04
C GLU D 11 4.43 17.91 37.92
N VAL D 12 3.31 17.27 37.58
CA VAL D 12 3.31 16.39 36.41
C VAL D 12 3.20 17.21 35.13
N PHE D 13 2.21 18.09 35.03
CA PHE D 13 1.94 18.78 33.78
C PHE D 13 2.90 19.94 33.54
N ASN D 14 3.44 20.54 34.59
CA ASN D 14 4.27 21.74 34.48
C ASN D 14 5.73 21.46 34.74
N ALA D 15 6.14 20.19 34.78
CA ALA D 15 7.55 19.88 34.97
C ALA D 15 8.39 20.55 33.87
N THR D 16 9.61 20.92 34.25
CA THR D 16 10.49 21.60 33.30
C THR D 16 10.95 20.66 32.20
N ARG D 17 11.39 19.46 32.57
CA ARG D 17 11.82 18.47 31.60
C ARG D 17 10.93 17.24 31.71
N PHE D 18 10.73 16.56 30.58
CA PHE D 18 9.98 15.31 30.50
C PHE D 18 10.96 14.17 30.21
N ALA D 19 10.52 12.96 30.53
CA ALA D 19 11.30 11.76 30.24
C ALA D 19 11.31 11.46 28.75
N SER D 20 12.38 10.78 28.30
CA SER D 20 12.36 10.14 26.99
C SER D 20 11.33 9.00 26.99
N VAL D 21 10.66 8.78 25.85
CA VAL D 21 9.54 7.83 25.84
C VAL D 21 10.02 6.41 26.20
N TYR D 22 11.23 6.02 25.80
CA TYR D 22 11.71 4.69 26.19
C TYR D 22 11.89 4.58 27.71
N ALA D 23 12.22 5.68 28.39
CA ALA D 23 12.36 5.73 29.84
C ALA D 23 11.18 6.47 30.50
N TRP D 24 9.97 6.21 30.02
CA TRP D 24 8.80 7.00 30.40
C TRP D 24 8.60 7.04 31.91
N ASN D 25 8.26 8.21 32.41
CA ASN D 25 8.12 8.43 33.85
C ASN D 25 6.72 8.01 34.33
N ARG D 26 6.67 7.51 35.56
CA ARG D 26 5.39 7.15 36.18
C ARG D 26 5.32 7.77 37.57
N LYS D 27 4.28 8.55 37.81
CA LYS D 27 4.03 9.21 39.09
C LYS D 27 2.69 8.74 39.64
N ARG D 28 2.69 8.21 40.87
CA ARG D 28 1.45 7.80 41.50
C ARG D 28 0.82 9.02 42.16
N ILE D 29 -0.47 9.21 41.91
CA ILE D 29 -1.27 10.26 42.54
C ILE D 29 -2.12 9.60 43.62
N SER D 30 -1.90 10.00 44.88
CA SER D 30 -2.52 9.30 46.01
C SER D 30 -2.62 10.25 47.20
N ASN D 31 -3.52 9.89 48.13
CA ASN D 31 -3.72 10.61 49.39
C ASN D 31 -3.77 12.12 49.16
N CYS D 32 -4.77 12.51 48.38
CA CYS D 32 -4.94 13.90 47.96
C CYS D 32 -6.32 14.01 47.34
N VAL D 33 -6.78 15.24 47.19
CA VAL D 33 -8.05 15.50 46.53
C VAL D 33 -7.76 16.14 45.17
N ALA D 34 -8.35 15.56 44.13
CA ALA D 34 -8.09 15.95 42.76
C ALA D 34 -9.35 16.59 42.20
N ASP D 35 -9.20 17.80 41.66
CA ASP D 35 -10.24 18.44 40.88
C ASP D 35 -9.80 18.34 39.42
N TYR D 36 -10.31 17.31 38.73
CA TYR D 36 -9.92 17.03 37.35
C TYR D 36 -10.44 18.06 36.35
N SER D 37 -11.38 18.93 36.74
CA SER D 37 -11.82 20.00 35.85
C SER D 37 -10.70 21.00 35.58
N VAL D 38 -9.74 21.09 36.51
CA VAL D 38 -8.48 21.80 36.26
C VAL D 38 -7.81 21.30 34.99
N LEU D 39 -8.03 20.03 34.65
CA LEU D 39 -7.47 19.45 33.43
C LEU D 39 -8.45 19.42 32.27
N TYR D 40 -9.67 18.86 32.46
CA TYR D 40 -10.53 18.70 31.29
C TYR D 40 -11.13 20.02 30.80
N ASN D 41 -11.21 21.05 31.65
CA ASN D 41 -11.62 22.38 31.18
C ASN D 41 -10.45 23.22 30.67
N SER D 42 -9.25 22.64 30.53
CA SER D 42 -8.11 23.37 30.02
C SER D 42 -8.23 23.61 28.51
N ALA D 43 -7.66 24.73 28.05
CA ALA D 43 -7.55 25.02 26.63
C ALA D 43 -6.17 24.71 26.03
N SER D 44 -5.29 24.02 26.77
CA SER D 44 -3.88 23.92 26.37
C SER D 44 -3.51 22.57 25.76
N PHE D 45 -4.48 21.72 25.44
CA PHE D 45 -4.21 20.37 24.99
C PHE D 45 -4.74 20.15 23.59
N SER D 46 -4.01 19.35 22.79
CA SER D 46 -4.50 18.95 21.48
C SER D 46 -5.14 17.56 21.51
N THR D 47 -4.89 16.78 22.55
CA THR D 47 -5.54 15.51 22.80
C THR D 47 -5.97 15.45 24.25
N PHE D 48 -7.21 15.06 24.48
CA PHE D 48 -7.73 14.71 25.80
C PHE D 48 -8.82 13.69 25.53
N LYS D 49 -8.40 12.44 25.41
CA LYS D 49 -9.28 11.35 25.04
C LYS D 49 -9.27 10.31 26.16
N CYS D 50 -10.44 9.90 26.61
CA CYS D 50 -10.53 8.91 27.66
C CYS D 50 -11.13 7.60 27.15
N TYR D 51 -10.90 6.56 27.94
CA TYR D 51 -11.24 5.18 27.60
C TYR D 51 -11.80 4.53 28.85
N GLY D 52 -13.04 4.04 28.78
CA GLY D 52 -13.71 3.46 29.93
C GLY D 52 -14.23 4.44 30.96
N VAL D 53 -14.10 5.75 30.71
CA VAL D 53 -14.57 6.81 31.58
C VAL D 53 -14.88 7.99 30.68
N SER D 54 -15.82 8.90 31.12
CA SER D 54 -16.14 10.10 30.32
C SER D 54 -15.29 11.26 30.78
N PRO D 55 -14.69 12.02 29.84
CA PRO D 55 -13.80 13.11 30.25
C PRO D 55 -14.44 14.14 31.15
N THR D 56 -15.74 14.43 30.97
CA THR D 56 -16.41 15.47 31.74
C THR D 56 -16.93 14.99 33.10
N LYS D 57 -16.82 13.68 33.39
CA LYS D 57 -17.38 13.08 34.60
C LYS D 57 -16.32 12.65 35.62
N LEU D 58 -15.06 13.03 35.43
CA LEU D 58 -13.96 12.43 36.19
C LEU D 58 -14.00 12.76 37.67
N ASN D 59 -14.60 13.91 38.05
CA ASN D 59 -14.70 14.20 39.48
C ASN D 59 -15.76 13.36 40.17
N ASP D 60 -16.61 12.66 39.44
CA ASP D 60 -17.69 11.87 40.03
C ASP D 60 -17.29 10.42 40.31
N LEU D 61 -16.15 9.96 39.80
CA LEU D 61 -15.80 8.56 39.97
C LEU D 61 -14.95 8.38 41.22
N CYS D 62 -14.88 7.14 41.69
CA CYS D 62 -14.01 6.79 42.81
C CYS D 62 -12.87 5.94 42.26
N PHE D 63 -11.65 6.43 42.44
CA PHE D 63 -10.44 5.76 41.98
C PHE D 63 -9.73 5.15 43.17
N THR D 64 -9.41 3.86 43.08
CA THR D 64 -8.57 3.23 44.09
C THR D 64 -7.09 3.45 43.80
N ASN D 65 -6.73 3.70 42.54
CA ASN D 65 -5.35 4.05 42.19
C ASN D 65 -5.38 4.95 40.97
N VAL D 66 -4.40 5.86 40.89
CA VAL D 66 -4.24 6.80 39.78
C VAL D 66 -2.75 6.96 39.50
N TYR D 67 -2.31 6.59 38.29
CA TYR D 67 -0.96 6.87 37.83
C TYR D 67 -0.98 7.91 36.73
N ALA D 68 0.05 8.76 36.71
CA ALA D 68 0.32 9.65 35.60
C ALA D 68 1.66 9.25 34.97
N ASP D 69 1.59 8.83 33.72
CA ASP D 69 2.78 8.53 32.93
C ASP D 69 3.03 9.69 31.98
N SER D 70 4.30 10.06 31.80
CA SER D 70 4.62 11.23 31.00
C SER D 70 5.90 10.98 30.23
N PHE D 71 5.98 11.56 29.03
CA PHE D 71 7.09 11.41 28.08
C PHE D 71 6.88 12.34 26.89
N VAL D 72 7.89 12.36 26.00
CA VAL D 72 7.88 13.13 24.76
C VAL D 72 8.00 12.18 23.57
N ILE D 73 7.19 12.44 22.55
CA ILE D 73 7.29 11.80 21.24
C ILE D 73 7.18 12.89 20.19
N ARG D 74 7.23 12.51 18.91
CA ARG D 74 6.99 13.51 17.87
C ARG D 74 5.53 13.44 17.42
N GLY D 75 5.08 14.53 16.78
CA GLY D 75 3.66 14.74 16.57
C GLY D 75 2.96 13.59 15.86
N ASP D 76 3.58 13.07 14.79
CA ASP D 76 2.95 11.99 14.01
C ASP D 76 2.80 10.69 14.80
N GLU D 77 3.35 10.61 16.01
CA GLU D 77 3.23 9.41 16.82
C GLU D 77 2.15 9.52 17.89
N VAL D 78 1.52 10.68 18.06
CA VAL D 78 0.47 10.80 19.07
C VAL D 78 -0.62 9.75 18.85
N ARG D 79 -0.89 9.39 17.59
CA ARG D 79 -1.90 8.38 17.29
C ARG D 79 -1.55 7.02 17.85
N GLN D 80 -0.28 6.78 18.19
CA GLN D 80 0.09 5.48 18.74
C GLN D 80 -0.23 5.36 20.23
N ILE D 81 -0.46 6.46 20.93
CA ILE D 81 -0.77 6.41 22.35
C ILE D 81 -2.26 6.14 22.48
N ALA D 82 -2.67 4.92 22.18
CA ALA D 82 -4.07 4.51 22.28
C ALA D 82 -4.10 3.00 22.33
N PRO D 83 -5.11 2.38 22.92
CA PRO D 83 -5.21 0.91 22.88
C PRO D 83 -5.32 0.40 21.45
N GLY D 84 -4.66 -0.74 21.20
CA GLY D 84 -4.74 -1.43 19.93
C GLY D 84 -3.76 -0.95 18.88
N GLN D 85 -2.97 0.08 19.15
CA GLN D 85 -2.13 0.69 18.11
C GLN D 85 -0.84 -0.10 17.92
N THR D 86 -0.25 0.07 16.74
CA THR D 86 1.03 -0.53 16.41
C THR D 86 1.96 0.58 15.91
N GLY D 87 3.25 0.27 15.89
CA GLY D 87 4.28 1.24 15.57
C GLY D 87 5.40 1.19 16.60
N LYS D 88 6.49 1.88 16.26
CA LYS D 88 7.69 1.80 17.08
C LYS D 88 7.43 2.22 18.53
N ILE D 89 6.59 3.24 18.74
CA ILE D 89 6.31 3.70 20.10
C ILE D 89 5.43 2.69 20.82
N ALA D 90 4.31 2.31 20.20
CA ALA D 90 3.40 1.34 20.82
C ALA D 90 4.07 -0.01 21.00
N ASP D 91 4.84 -0.47 20.01
CA ASP D 91 5.47 -1.78 20.10
C ASP D 91 6.64 -1.78 21.08
N TYR D 92 7.57 -0.82 20.96
CA TYR D 92 8.86 -0.92 21.67
C TYR D 92 9.09 0.10 22.77
N ASN D 93 8.17 1.05 23.01
CA ASN D 93 8.46 2.12 23.98
C ASN D 93 7.39 2.26 25.06
N TYR D 94 6.11 2.38 24.66
CA TYR D 94 5.01 2.59 25.61
C TYR D 94 3.74 1.98 25.04
N LYS D 95 3.21 0.98 25.73
CA LYS D 95 2.10 0.19 25.25
C LYS D 95 0.93 0.29 26.23
N LEU D 96 -0.25 0.59 25.71
CA LEU D 96 -1.48 0.54 26.51
C LEU D 96 -2.19 -0.78 26.31
N PRO D 97 -2.82 -1.31 27.36
CA PRO D 97 -3.61 -2.54 27.24
C PRO D 97 -4.89 -2.31 26.45
N ASP D 98 -5.45 -3.42 25.97
CA ASP D 98 -6.73 -3.35 25.26
C ASP D 98 -7.83 -2.78 26.16
N ASP D 99 -7.81 -3.14 27.44
CA ASP D 99 -8.87 -2.76 28.36
C ASP D 99 -8.50 -1.53 29.18
N PHE D 100 -7.67 -0.65 28.61
CA PHE D 100 -7.22 0.56 29.27
C PHE D 100 -8.39 1.36 29.85
N THR D 101 -8.26 1.74 31.11
CA THR D 101 -9.20 2.64 31.78
C THR D 101 -8.39 3.88 32.15
N GLY D 102 -8.56 4.95 31.38
CA GLY D 102 -7.83 6.17 31.67
C GLY D 102 -8.00 7.19 30.55
N CYS D 103 -7.15 8.21 30.59
CA CYS D 103 -7.19 9.30 29.63
C CYS D 103 -5.81 9.59 29.08
N VAL D 104 -5.77 9.91 27.80
CA VAL D 104 -4.55 10.26 27.09
C VAL D 104 -4.61 11.75 26.81
N ILE D 105 -3.58 12.47 27.24
CA ILE D 105 -3.49 13.92 27.11
C ILE D 105 -2.18 14.23 26.40
N ALA D 106 -2.23 15.15 25.43
CA ALA D 106 -1.04 15.53 24.66
C ALA D 106 -1.12 16.99 24.24
N TRP D 107 0.04 17.63 24.09
CA TRP D 107 0.11 18.98 23.58
C TRP D 107 1.46 19.21 22.92
N ASN D 108 1.49 20.19 22.02
CA ASN D 108 2.71 20.51 21.29
C ASN D 108 3.70 21.15 22.24
N SER D 109 4.95 20.67 22.24
CA SER D 109 5.93 21.22 23.18
C SER D 109 7.16 21.79 22.46
N ASN D 110 6.98 22.19 21.19
CA ASN D 110 8.08 22.72 20.37
C ASN D 110 8.81 23.87 21.05
N ASN D 111 8.08 24.81 21.67
CA ASN D 111 8.71 25.95 22.33
C ASN D 111 9.63 25.52 23.49
N LEU D 112 9.33 24.41 24.14
CA LEU D 112 10.15 23.98 25.27
C LEU D 112 11.22 22.96 24.89
N ASP D 113 10.95 22.08 23.91
CA ASP D 113 11.74 20.87 23.70
C ASP D 113 12.55 20.88 22.41
N SER D 114 12.39 21.89 21.57
CA SER D 114 13.28 22.08 20.44
C SER D 114 14.28 23.19 20.76
N LYS D 115 15.43 23.14 20.11
CA LYS D 115 16.50 24.10 20.36
C LYS D 115 17.11 24.46 19.01
N VAL D 116 17.50 25.73 18.84
CA VAL D 116 18.26 26.10 17.66
C VAL D 116 19.50 25.22 17.58
N GLY D 117 19.68 24.56 16.45
CA GLY D 117 20.75 23.59 16.31
C GLY D 117 20.35 22.18 16.65
N GLY D 118 19.19 21.98 17.26
CA GLY D 118 18.67 20.65 17.48
C GLY D 118 18.81 20.17 18.91
N ASN D 119 17.70 19.73 19.49
CA ASN D 119 17.71 19.00 20.75
C ASN D 119 17.68 17.51 20.45
N TYR D 120 18.79 16.83 20.76
CA TYR D 120 18.93 15.40 20.52
C TYR D 120 18.84 14.60 21.82
N ASN D 121 18.39 15.22 22.91
CA ASN D 121 18.35 14.55 24.20
C ASN D 121 17.17 13.59 24.36
N TYR D 122 16.10 13.73 23.57
CA TYR D 122 14.96 12.81 23.64
C TYR D 122 15.21 11.62 22.73
N LEU D 123 15.10 10.42 23.27
CA LEU D 123 15.39 9.17 22.57
C LEU D 123 14.15 8.28 22.54
N TYR D 124 14.14 7.34 21.60
CA TYR D 124 13.15 6.27 21.56
C TYR D 124 13.86 4.96 21.23
N ARG D 125 13.22 3.84 21.56
CA ARG D 125 13.79 2.54 21.22
C ARG D 125 13.34 2.15 19.83
N LEU D 126 14.30 1.95 18.94
CA LEU D 126 14.08 1.55 17.56
C LEU D 126 14.09 0.03 17.36
N PHE D 127 14.89 -0.71 18.14
CA PHE D 127 15.06 -2.15 17.98
C PHE D 127 14.77 -2.86 19.30
N ARG D 128 14.14 -4.02 19.21
CA ARG D 128 13.88 -4.87 20.38
C ARG D 128 13.52 -6.26 19.86
N LYS D 129 13.78 -7.29 20.67
CA LYS D 129 13.48 -8.64 20.20
C LYS D 129 11.97 -8.88 20.15
N SER D 130 11.20 -8.28 21.05
CA SER D 130 9.77 -8.48 21.07
C SER D 130 9.06 -7.21 21.52
N ASN D 131 7.74 -7.16 21.30
CA ASN D 131 6.93 -6.04 21.75
C ASN D 131 6.88 -6.02 23.28
N LEU D 132 6.79 -4.80 23.82
CA LEU D 132 6.45 -4.66 25.22
C LEU D 132 5.05 -5.18 25.50
N LYS D 133 4.89 -5.76 26.69
CA LYS D 133 3.56 -5.93 27.24
C LYS D 133 3.03 -4.56 27.71
N PRO D 134 1.73 -4.44 27.94
CA PRO D 134 1.18 -3.16 28.37
C PRO D 134 1.81 -2.65 29.66
N PHE D 135 2.12 -1.35 29.68
CA PHE D 135 2.75 -0.67 30.81
C PHE D 135 4.12 -1.25 31.18
N GLU D 136 4.73 -2.07 30.33
CA GLU D 136 6.11 -2.49 30.53
C GLU D 136 7.07 -1.35 30.14
N ARG D 137 8.25 -1.35 30.76
CA ARG D 137 9.28 -0.36 30.49
C ARG D 137 10.60 -1.07 30.26
N ASP D 138 11.30 -0.68 29.20
CA ASP D 138 12.60 -1.25 28.89
C ASP D 138 13.60 -0.10 28.77
N ILE D 139 14.54 -0.02 29.71
CA ILE D 139 15.58 1.00 29.68
C ILE D 139 16.96 0.40 29.43
N SER D 140 17.03 -0.86 29.02
CA SER D 140 18.30 -1.49 28.69
C SER D 140 18.88 -0.88 27.42
N THR D 141 20.21 -1.03 27.29
CA THR D 141 20.97 -0.44 26.19
C THR D 141 21.92 -1.47 25.58
N GLU D 142 21.54 -2.75 25.58
CA GLU D 142 22.34 -3.77 24.92
C GLU D 142 22.32 -3.58 23.40
N ILE D 143 23.47 -3.79 22.76
CA ILE D 143 23.53 -3.77 21.29
C ILE D 143 22.56 -4.82 20.78
N TYR D 144 21.75 -4.44 19.79
CA TYR D 144 20.71 -5.30 19.22
C TYR D 144 21.30 -6.15 18.09
N GLN D 145 21.18 -7.47 18.23
CA GLN D 145 21.71 -8.44 17.26
C GLN D 145 20.65 -8.69 16.20
N ALA D 146 20.78 -8.05 15.05
CA ALA D 146 19.77 -8.18 14.01
C ALA D 146 19.95 -9.46 13.20
N GLY D 147 21.12 -10.09 13.25
CA GLY D 147 21.39 -11.24 12.41
C GLY D 147 21.94 -12.40 13.20
N SER D 148 22.63 -13.33 12.54
CA SER D 148 23.08 -14.53 13.24
C SER D 148 24.44 -14.34 13.91
N THR D 149 25.17 -13.28 13.58
CA THR D 149 26.50 -13.12 14.17
C THR D 149 26.40 -12.33 15.47
N PRO D 150 27.01 -12.82 16.55
CA PRO D 150 26.99 -12.06 17.80
C PRO D 150 27.69 -10.72 17.64
N CYS D 151 27.29 -9.75 18.47
CA CYS D 151 27.80 -8.39 18.39
C CYS D 151 28.93 -8.12 19.36
N ASN D 152 29.00 -8.85 20.46
CA ASN D 152 30.06 -8.67 21.45
C ASN D 152 30.12 -7.23 21.98
N GLY D 153 28.95 -6.63 22.20
CA GLY D 153 28.88 -5.27 22.74
C GLY D 153 29.34 -4.16 21.83
N VAL D 154 29.50 -4.41 20.52
CA VAL D 154 30.08 -3.45 19.58
C VAL D 154 29.11 -3.22 18.42
N GLU D 155 28.86 -1.94 18.11
CA GLU D 155 28.01 -1.63 16.99
C GLU D 155 28.71 -2.00 15.70
N GLY D 156 27.92 -2.31 14.67
CA GLY D 156 28.50 -2.75 13.41
C GLY D 156 27.42 -3.22 12.47
N PHE D 157 27.83 -4.01 11.48
CA PHE D 157 26.88 -4.57 10.53
C PHE D 157 25.95 -5.52 11.25
N ASN D 158 24.64 -5.30 11.10
CA ASN D 158 23.62 -6.08 11.80
C ASN D 158 23.79 -6.00 13.33
N CYS D 159 24.44 -4.96 13.85
CA CYS D 159 24.63 -4.80 15.30
C CYS D 159 24.38 -3.33 15.67
N TYR D 160 23.22 -3.04 16.23
CA TYR D 160 22.78 -1.66 16.36
C TYR D 160 22.58 -1.27 17.82
N PHE D 161 23.06 -0.09 18.18
CA PHE D 161 22.61 0.50 19.43
C PHE D 161 21.09 0.62 19.39
N PRO D 162 20.38 0.27 20.47
CA PRO D 162 18.91 0.13 20.37
C PRO D 162 18.15 1.45 20.40
N LEU D 163 18.71 2.51 20.97
CA LEU D 163 18.01 3.78 21.08
C LEU D 163 18.45 4.72 19.97
N GLN D 164 17.52 5.55 19.51
CA GLN D 164 17.80 6.55 18.51
C GLN D 164 17.20 7.88 18.96
N SER D 165 17.87 8.98 18.65
CA SER D 165 17.43 10.29 19.09
C SER D 165 16.46 10.89 18.07
N TYR D 166 15.45 11.58 18.58
CA TYR D 166 14.77 12.57 17.77
C TYR D 166 15.69 13.77 17.55
N GLY D 167 15.56 14.40 16.40
CA GLY D 167 16.23 15.68 16.23
C GLY D 167 15.20 16.78 16.24
N PHE D 168 14.96 17.41 17.37
CA PHE D 168 13.90 18.41 17.46
C PHE D 168 14.50 19.78 17.19
N GLN D 169 14.25 20.29 16.01
CA GLN D 169 14.59 21.64 15.67
C GLN D 169 13.32 22.46 15.53
N PRO D 170 13.38 23.76 15.86
CA PRO D 170 12.14 24.55 15.98
C PRO D 170 11.36 24.70 14.69
N THR D 171 12.02 24.65 13.54
CA THR D 171 11.40 24.84 12.24
C THR D 171 10.96 23.53 11.58
N ASN D 172 11.10 22.39 12.25
CA ASN D 172 10.49 21.16 11.75
C ASN D 172 9.01 21.36 11.46
N GLY D 173 8.54 20.61 10.46
CA GLY D 173 7.10 20.45 10.29
C GLY D 173 6.48 19.89 11.55
N VAL D 174 5.19 20.17 11.75
CA VAL D 174 4.54 19.85 13.02
C VAL D 174 4.65 18.35 13.33
N GLY D 175 4.50 17.50 12.31
CA GLY D 175 4.61 16.06 12.51
C GLY D 175 5.94 15.62 13.10
N TYR D 176 7.01 16.38 12.84
CA TYR D 176 8.33 16.13 13.41
C TYR D 176 8.65 17.10 14.55
N GLN D 177 7.62 17.77 15.12
CA GLN D 177 7.82 18.54 16.34
C GLN D 177 7.53 17.68 17.55
N PRO D 178 8.14 18.01 18.68
CA PRO D 178 7.93 17.23 19.90
C PRO D 178 6.56 17.52 20.48
N TYR D 179 5.99 16.49 21.08
CA TYR D 179 4.73 16.57 21.82
C TYR D 179 4.96 15.95 23.18
N ARG D 180 4.49 16.63 24.22
CA ARG D 180 4.47 16.07 25.56
C ARG D 180 3.17 15.33 25.76
N VAL D 181 3.26 14.18 26.41
CA VAL D 181 2.13 13.30 26.64
C VAL D 181 2.02 13.01 28.13
N VAL D 182 0.80 13.04 28.65
CA VAL D 182 0.49 12.54 29.99
C VAL D 182 -0.65 11.53 29.86
N VAL D 183 -0.42 10.31 30.35
CA VAL D 183 -1.43 9.25 30.35
C VAL D 183 -1.88 9.03 31.79
N LEU D 184 -3.12 9.39 32.09
CA LEU D 184 -3.73 9.05 33.37
C LEU D 184 -4.34 7.66 33.28
N SER D 185 -3.97 6.77 34.18
CA SER D 185 -4.63 5.48 34.24
C SER D 185 -5.29 5.30 35.60
N PHE D 186 -6.51 4.77 35.59
CA PHE D 186 -7.35 4.70 36.78
C PHE D 186 -7.70 3.24 37.09
N GLU D 187 -7.87 2.94 38.37
CA GLU D 187 -8.58 1.74 38.81
C GLU D 187 -9.84 2.19 39.53
N LEU D 188 -10.98 1.71 39.08
CA LEU D 188 -12.27 2.20 39.57
C LEU D 188 -12.78 1.38 40.75
N LEU D 189 -13.29 2.08 41.76
CA LEU D 189 -14.13 1.49 42.80
C LEU D 189 -15.57 1.84 42.47
N HIS D 190 -16.36 0.82 42.12
CA HIS D 190 -17.74 1.00 41.67
C HIS D 190 -18.69 1.11 42.87
N ALA D 191 -18.43 2.11 43.70
CA ALA D 191 -19.14 2.36 44.95
C ALA D 191 -20.01 3.60 44.81
N PRO D 192 -21.08 3.72 45.61
CA PRO D 192 -21.90 4.94 45.55
C PRO D 192 -21.06 6.16 45.92
N ALA D 193 -21.47 7.31 45.35
CA ALA D 193 -20.75 8.57 45.60
C ALA D 193 -20.52 8.82 47.08
N THR D 194 -21.44 8.36 47.92
CA THR D 194 -21.34 8.55 49.36
C THR D 194 -20.44 7.52 50.05
N VAL E 2 -11.85 -23.71 -6.80
CA VAL E 2 -11.30 -22.59 -7.57
C VAL E 2 -10.98 -21.36 -6.69
N GLN E 3 -9.75 -20.86 -6.86
CA GLN E 3 -9.24 -19.74 -6.09
C GLN E 3 -9.18 -18.49 -6.97
N LEU E 4 -9.56 -17.35 -6.39
CA LEU E 4 -9.49 -16.04 -7.05
C LEU E 4 -8.36 -15.25 -6.43
N VAL E 5 -7.53 -14.62 -7.26
CA VAL E 5 -6.40 -13.82 -6.78
C VAL E 5 -6.39 -12.49 -7.52
N GLU E 6 -6.55 -11.40 -6.78
CA GLU E 6 -6.51 -10.07 -7.36
C GLU E 6 -5.06 -9.56 -7.48
N SER E 7 -4.82 -8.73 -8.48
CA SER E 7 -3.57 -7.97 -8.53
C SER E 7 -3.85 -6.66 -9.23
N GLY E 8 -2.80 -5.86 -9.38
CA GLY E 8 -2.94 -4.57 -10.02
C GLY E 8 -3.22 -3.42 -9.06
N GLY E 9 -3.29 -3.68 -7.76
CA GLY E 9 -3.47 -2.60 -6.81
C GLY E 9 -2.27 -1.67 -6.78
N GLY E 10 -2.52 -0.44 -6.33
CA GLY E 10 -1.44 0.49 -6.09
C GLY E 10 -1.96 1.85 -5.70
N SER E 11 -1.15 2.87 -5.95
CA SER E 11 -1.47 4.24 -5.61
C SER E 11 -1.23 5.11 -6.84
N VAL E 12 -2.23 5.90 -7.22
CA VAL E 12 -2.13 6.82 -8.35
C VAL E 12 -2.78 8.13 -7.95
N GLN E 13 -2.42 9.19 -8.67
CA GLN E 13 -3.05 10.45 -8.31
C GLN E 13 -4.38 10.60 -9.03
N ALA E 14 -5.23 11.43 -8.45
CA ALA E 14 -6.52 11.77 -9.02
C ALA E 14 -6.39 12.11 -10.50
N GLY E 15 -7.41 11.75 -11.26
CA GLY E 15 -7.36 11.83 -12.70
C GLY E 15 -6.63 10.69 -13.37
N GLY E 16 -5.91 9.87 -12.61
CA GLY E 16 -5.10 8.81 -13.18
C GLY E 16 -5.90 7.54 -13.45
N SER E 17 -5.18 6.47 -13.73
CA SER E 17 -5.80 5.25 -14.19
C SER E 17 -5.00 4.02 -13.74
N LEU E 18 -5.70 2.89 -13.65
CA LEU E 18 -5.05 1.66 -13.27
C LEU E 18 -5.92 0.49 -13.71
N ARG E 19 -5.37 -0.70 -13.62
CA ARG E 19 -6.09 -1.90 -14.00
C ARG E 19 -5.95 -2.96 -12.91
N LEU E 20 -7.07 -3.47 -12.44
CA LEU E 20 -7.09 -4.61 -11.53
C LEU E 20 -7.36 -5.87 -12.33
N SER E 21 -6.89 -6.99 -11.80
CA SER E 21 -7.06 -8.29 -12.43
C SER E 21 -7.57 -9.29 -11.38
N CYS E 22 -8.49 -10.13 -11.79
CA CYS E 22 -9.05 -11.16 -10.92
C CYS E 22 -8.80 -12.49 -11.63
N ALA E 23 -7.72 -13.16 -11.25
CA ALA E 23 -7.30 -14.41 -11.88
C ALA E 23 -7.85 -15.62 -11.14
N ALA E 24 -8.50 -16.51 -11.86
CA ALA E 24 -9.04 -17.75 -11.28
C ALA E 24 -8.10 -18.91 -11.56
N SER E 25 -7.86 -19.73 -10.53
CA SER E 25 -6.95 -20.86 -10.70
C SER E 25 -7.59 -21.96 -11.54
N GLY E 26 -8.84 -22.31 -11.23
CA GLY E 26 -9.57 -23.29 -11.99
C GLY E 26 -10.44 -22.66 -13.07
N TYR E 27 -11.25 -23.50 -13.70
CA TYR E 27 -12.30 -23.06 -14.60
C TYR E 27 -13.55 -23.83 -14.22
N THR E 28 -14.29 -23.30 -13.26
CA THR E 28 -15.62 -23.84 -12.99
C THR E 28 -16.60 -23.32 -14.04
N ILE E 29 -17.46 -24.22 -14.53
CA ILE E 29 -18.51 -23.79 -15.46
C ILE E 29 -19.71 -23.22 -14.74
N ASN E 30 -19.81 -23.43 -13.42
CA ASN E 30 -20.90 -22.87 -12.63
C ASN E 30 -20.80 -21.36 -12.46
N THR E 31 -19.70 -20.74 -12.89
CA THR E 31 -19.55 -19.30 -12.77
C THR E 31 -20.33 -18.65 -13.91
N ASP E 32 -21.48 -18.05 -13.59
CA ASP E 32 -22.23 -17.29 -14.58
C ASP E 32 -21.75 -15.85 -14.69
N ALA E 33 -21.11 -15.31 -13.65
CA ALA E 33 -20.81 -13.89 -13.56
C ALA E 33 -19.64 -13.67 -12.61
N VAL E 34 -18.91 -12.58 -12.85
CA VAL E 34 -17.83 -12.13 -11.98
C VAL E 34 -18.12 -10.68 -11.61
N ALA E 35 -17.89 -10.34 -10.35
CA ALA E 35 -18.23 -9.03 -9.81
C ALA E 35 -17.00 -8.42 -9.15
N TRP E 36 -16.87 -7.11 -9.26
CA TRP E 36 -15.91 -6.35 -8.48
C TRP E 36 -16.69 -5.55 -7.44
N PHE E 37 -16.27 -5.68 -6.19
CA PHE E 37 -16.76 -4.92 -5.05
C PHE E 37 -15.66 -3.99 -4.54
N ARG E 38 -16.07 -2.99 -3.77
CA ARG E 38 -15.11 -2.13 -3.08
C ARG E 38 -15.60 -1.83 -1.67
N GLN E 39 -14.63 -1.74 -0.77
CA GLN E 39 -14.86 -1.63 0.66
C GLN E 39 -14.05 -0.44 1.16
N ALA E 40 -14.73 0.46 1.86
CA ALA E 40 -14.11 1.68 2.36
C ALA E 40 -14.84 2.05 3.65
N PRO E 41 -14.17 2.71 4.59
CA PRO E 41 -14.84 3.02 5.87
C PRO E 41 -16.00 3.98 5.69
N GLY E 42 -17.03 3.80 6.53
CA GLY E 42 -18.13 4.74 6.58
C GLY E 42 -19.31 4.45 5.65
N LYS E 43 -19.24 3.39 4.84
CA LYS E 43 -20.34 3.03 3.95
C LYS E 43 -20.32 1.52 3.75
N GLY E 44 -21.45 0.95 3.34
CA GLY E 44 -21.48 -0.46 3.01
C GLY E 44 -20.70 -0.74 1.74
N ASP E 45 -20.23 -1.98 1.59
CA ASP E 45 -19.50 -2.38 0.39
C ASP E 45 -20.39 -2.27 -0.84
N GLU E 46 -19.81 -1.85 -1.96
CA GLU E 46 -20.56 -1.58 -3.17
C GLU E 46 -20.13 -2.53 -4.28
N ARG E 47 -21.11 -3.18 -4.92
CA ARG E 47 -20.85 -3.99 -6.10
C ARG E 47 -20.77 -3.02 -7.29
N VAL E 48 -19.55 -2.67 -7.72
CA VAL E 48 -19.42 -1.63 -8.72
C VAL E 48 -19.50 -2.12 -10.17
N ALA E 49 -19.23 -3.40 -10.43
CA ALA E 49 -19.27 -3.87 -11.81
C ALA E 49 -19.44 -5.38 -11.84
N VAL E 50 -20.19 -5.85 -12.83
CA VAL E 50 -20.48 -7.26 -13.06
C VAL E 50 -20.34 -7.53 -14.54
N ILE E 51 -19.73 -8.65 -14.89
CA ILE E 51 -19.68 -9.13 -16.25
C ILE E 51 -20.25 -10.55 -16.25
N TYR E 52 -21.12 -10.82 -17.23
CA TYR E 52 -21.71 -12.13 -17.43
C TYR E 52 -20.80 -12.94 -18.33
N THR E 53 -20.31 -14.08 -17.84
CA THR E 53 -19.18 -14.75 -18.50
C THR E 53 -19.54 -15.23 -19.91
N GLY E 54 -20.75 -15.75 -20.10
CA GLY E 54 -21.10 -16.30 -21.42
C GLY E 54 -21.18 -15.24 -22.51
N SER E 55 -21.89 -14.15 -22.25
CA SER E 55 -22.09 -13.13 -23.26
C SER E 55 -21.14 -11.95 -23.16
N GLY E 56 -20.45 -11.75 -22.01
CA GLY E 56 -19.71 -10.52 -21.79
C GLY E 56 -20.56 -9.29 -21.56
N ASN E 57 -21.87 -9.45 -21.37
CA ASN E 57 -22.68 -8.32 -20.95
C ASN E 57 -22.17 -7.79 -19.60
N THR E 58 -22.40 -6.51 -19.34
CA THR E 58 -21.82 -5.83 -18.19
C THR E 58 -22.84 -4.90 -17.53
N ASN E 59 -22.78 -4.80 -16.19
CA ASN E 59 -23.56 -3.85 -15.40
C ASN E 59 -22.61 -3.11 -14.45
N TYR E 60 -22.87 -1.81 -14.31
CA TYR E 60 -22.04 -0.91 -13.51
C TYR E 60 -22.91 -0.19 -12.50
N ALA E 61 -22.31 0.11 -11.35
CA ALA E 61 -22.93 1.05 -10.44
C ALA E 61 -22.83 2.47 -11.00
N ASP E 62 -23.82 3.30 -10.68
CA ASP E 62 -23.82 4.68 -11.17
C ASP E 62 -22.57 5.42 -10.72
N SER E 63 -21.98 5.05 -9.57
CA SER E 63 -20.80 5.75 -9.10
C SER E 63 -19.61 5.62 -10.04
N VAL E 64 -19.56 4.57 -10.87
CA VAL E 64 -18.40 4.34 -11.74
C VAL E 64 -18.74 4.27 -13.22
N LYS E 65 -20.03 4.25 -13.58
CA LYS E 65 -20.44 4.21 -14.98
C LYS E 65 -19.73 5.28 -15.80
N GLY E 66 -19.23 4.90 -16.98
CA GLY E 66 -18.49 5.79 -17.83
C GLY E 66 -17.00 5.91 -17.50
N ARG E 67 -16.58 5.54 -16.31
CA ARG E 67 -15.17 5.61 -15.95
C ARG E 67 -14.51 4.25 -15.79
N PHE E 68 -15.26 3.22 -15.41
CA PHE E 68 -14.68 1.90 -15.21
C PHE E 68 -15.16 0.96 -16.32
N THR E 69 -14.31 0.00 -16.68
CA THR E 69 -14.66 -0.98 -17.69
C THR E 69 -14.25 -2.35 -17.16
N ILE E 70 -15.18 -3.27 -17.10
CA ILE E 70 -14.89 -4.64 -16.72
C ILE E 70 -14.85 -5.47 -17.99
N SER E 71 -13.91 -6.40 -18.06
CA SER E 71 -13.76 -7.26 -19.23
C SER E 71 -13.18 -8.59 -18.78
N GLN E 72 -13.07 -9.53 -19.71
CA GLN E 72 -12.68 -10.88 -19.34
C GLN E 72 -11.89 -11.54 -20.46
N ASP E 73 -11.00 -12.45 -20.05
CA ASP E 73 -10.20 -13.27 -20.95
C ASP E 73 -10.34 -14.71 -20.47
N ASN E 74 -11.22 -15.47 -21.12
CA ASN E 74 -11.51 -16.83 -20.67
C ASN E 74 -10.29 -17.75 -20.78
N ALA E 75 -9.41 -17.51 -21.76
CA ALA E 75 -8.21 -18.34 -21.91
C ALA E 75 -7.29 -18.25 -20.69
N LYS E 76 -7.25 -17.10 -20.05
CA LYS E 76 -6.51 -16.93 -18.80
C LYS E 76 -7.40 -17.03 -17.57
N ASN E 77 -8.69 -17.30 -17.73
CA ASN E 77 -9.66 -17.29 -16.62
C ASN E 77 -9.49 -16.06 -15.74
N THR E 78 -9.42 -14.89 -16.39
CA THR E 78 -9.16 -13.65 -15.68
C THR E 78 -10.19 -12.61 -16.10
N VAL E 79 -10.60 -11.77 -15.15
CA VAL E 79 -11.50 -10.65 -15.37
C VAL E 79 -10.77 -9.38 -14.95
N TYR E 80 -10.86 -8.32 -15.76
CA TYR E 80 -10.15 -7.06 -15.48
C TYR E 80 -11.11 -5.93 -15.15
N LEU E 81 -10.63 -4.99 -14.35
CA LEU E 81 -11.35 -3.75 -14.09
C LEU E 81 -10.42 -2.59 -14.44
N GLN E 82 -10.70 -1.93 -15.54
CA GLN E 82 -9.89 -0.80 -15.99
C GLN E 82 -10.52 0.47 -15.42
N MET E 83 -9.75 1.20 -14.62
CA MET E 83 -10.28 2.36 -13.91
C MET E 83 -9.63 3.62 -14.46
N ASN E 84 -10.43 4.49 -15.07
CA ASN E 84 -9.94 5.77 -15.57
C ASN E 84 -10.57 6.90 -14.77
N SER E 85 -9.98 8.09 -14.91
CA SER E 85 -10.52 9.31 -14.30
C SER E 85 -10.79 9.09 -12.81
N LEU E 86 -9.80 8.50 -12.15
CA LEU E 86 -9.96 8.14 -10.75
C LEU E 86 -10.16 9.40 -9.88
N LYS E 87 -10.96 9.26 -8.84
CA LYS E 87 -11.19 10.32 -7.88
C LYS E 87 -10.85 9.79 -6.50
N PRO E 88 -10.52 10.70 -5.55
CA PRO E 88 -10.17 10.23 -4.20
C PRO E 88 -11.26 9.39 -3.57
N GLU E 89 -12.52 9.67 -3.88
CA GLU E 89 -13.60 8.85 -3.35
C GLU E 89 -13.60 7.42 -3.90
N ASP E 90 -12.77 7.12 -4.92
CA ASP E 90 -12.55 5.76 -5.40
C ASP E 90 -11.58 4.96 -4.54
N THR E 91 -10.97 5.58 -3.54
CA THR E 91 -10.07 4.86 -2.65
C THR E 91 -10.84 3.78 -1.90
N ALA E 92 -10.32 2.56 -1.92
CA ALA E 92 -11.05 1.44 -1.34
C ALA E 92 -10.21 0.17 -1.45
N LEU E 93 -10.56 -0.82 -0.64
CA LEU E 93 -10.16 -2.19 -0.89
C LEU E 93 -11.08 -2.77 -1.96
N TYR E 94 -10.53 -3.11 -3.13
CA TYR E 94 -11.29 -3.76 -4.21
C TYR E 94 -11.10 -5.27 -4.16
N TYR E 95 -12.19 -6.00 -4.35
CA TYR E 95 -12.12 -7.45 -4.32
C TYR E 95 -13.12 -8.01 -5.31
N CYS E 96 -12.77 -9.14 -5.91
CA CYS E 96 -13.63 -9.75 -6.89
C CYS E 96 -14.27 -10.99 -6.29
N ALA E 97 -15.29 -11.48 -7.00
CA ALA E 97 -16.09 -12.63 -6.64
C ALA E 97 -16.67 -13.23 -7.91
N SER E 98 -16.81 -14.55 -7.94
CA SER E 98 -17.57 -15.22 -8.99
C SER E 98 -18.75 -15.93 -8.35
N GLY E 99 -19.80 -16.17 -9.14
CA GLY E 99 -20.90 -16.93 -8.59
C GLY E 99 -22.03 -17.14 -9.57
N TYR E 100 -23.17 -17.51 -8.99
CA TYR E 100 -24.39 -17.79 -9.73
C TYR E 100 -25.03 -16.50 -10.17
N TYR E 101 -25.58 -16.50 -11.38
CA TYR E 101 -26.47 -15.45 -11.86
C TYR E 101 -27.45 -16.06 -12.84
N GLY E 102 -28.74 -15.97 -12.54
CA GLY E 102 -29.75 -16.49 -13.43
C GLY E 102 -31.15 -16.19 -12.97
N ALA E 103 -32.13 -17.02 -13.38
CA ALA E 103 -33.53 -16.73 -13.07
C ALA E 103 -33.77 -16.63 -11.58
N SER E 104 -33.01 -17.37 -10.77
CA SER E 104 -33.19 -17.33 -9.32
C SER E 104 -32.52 -16.14 -8.63
N GLY E 105 -31.77 -15.28 -9.33
CA GLY E 105 -31.08 -14.15 -8.73
C GLY E 105 -29.57 -14.22 -8.94
N TYR E 106 -28.80 -13.81 -7.92
CA TYR E 106 -27.35 -13.78 -8.00
C TYR E 106 -26.74 -14.20 -6.68
N ASP E 107 -25.56 -14.82 -6.75
CA ASP E 107 -24.95 -15.37 -5.52
C ASP E 107 -23.44 -15.39 -5.73
N PHE E 108 -22.80 -14.25 -5.45
CA PHE E 108 -21.34 -14.11 -5.54
C PHE E 108 -20.73 -14.69 -4.28
N ASN E 109 -20.22 -15.92 -4.37
CA ASN E 109 -19.83 -16.63 -3.15
C ASN E 109 -18.44 -17.26 -3.23
N ASN E 110 -17.70 -17.04 -4.31
CA ASN E 110 -16.29 -17.41 -4.38
C ASN E 110 -15.47 -16.12 -4.33
N TRP E 111 -14.56 -16.01 -3.36
CA TRP E 111 -13.99 -14.72 -2.98
C TRP E 111 -12.51 -14.62 -3.28
N GLY E 112 -12.10 -13.46 -3.79
CA GLY E 112 -10.71 -13.10 -3.81
C GLY E 112 -10.27 -12.63 -2.43
N GLN E 113 -9.03 -12.14 -2.37
CA GLN E 113 -8.48 -11.70 -1.10
C GLN E 113 -8.70 -10.20 -0.87
N GLY E 114 -8.60 -9.38 -1.92
CA GLY E 114 -8.71 -7.92 -1.92
C GLY E 114 -7.38 -7.24 -2.20
N THR E 115 -7.41 -6.12 -2.95
CA THR E 115 -6.22 -5.28 -3.10
C THR E 115 -6.60 -3.82 -2.96
N GLN E 116 -5.70 -3.06 -2.34
CA GLN E 116 -5.97 -1.68 -2.02
C GLN E 116 -5.72 -0.79 -3.22
N VAL E 117 -6.64 0.14 -3.43
CA VAL E 117 -6.47 1.21 -4.41
C VAL E 117 -6.53 2.53 -3.65
N THR E 118 -5.52 3.37 -3.88
CA THR E 118 -5.37 4.64 -3.18
C THR E 118 -5.24 5.72 -4.24
N VAL E 119 -6.16 6.67 -4.23
CA VAL E 119 -6.16 7.78 -5.15
C VAL E 119 -5.91 9.05 -4.33
N SER E 120 -4.84 9.76 -4.64
CA SER E 120 -4.38 10.88 -3.83
C SER E 120 -4.54 12.19 -4.59
N SER E 121 -4.92 13.25 -3.87
CA SER E 121 -5.00 14.58 -4.45
C SER E 121 -3.59 15.15 -4.66
N ALA E 122 -3.54 16.36 -5.24
CA ALA E 122 -2.30 17.13 -5.49
C ALA E 122 -1.16 16.29 -6.06
N GLN F 1 4.47 -11.58 -4.03
CA GLN F 1 3.36 -10.66 -3.78
C GLN F 1 3.48 -9.96 -2.41
N VAL F 2 4.71 -9.81 -1.92
CA VAL F 2 4.95 -9.13 -0.64
C VAL F 2 5.06 -7.63 -0.88
N GLN F 3 4.21 -6.86 -0.21
CA GLN F 3 4.13 -5.41 -0.36
C GLN F 3 5.12 -4.70 0.54
N LEU F 4 5.66 -3.60 0.05
CA LEU F 4 6.48 -2.69 0.83
C LEU F 4 5.76 -1.36 1.00
N VAL F 5 5.79 -0.81 2.21
CA VAL F 5 5.09 0.42 2.54
C VAL F 5 6.08 1.31 3.26
N GLU F 6 6.29 2.51 2.74
CA GLU F 6 7.14 3.47 3.42
C GLU F 6 6.33 4.31 4.37
N SER F 7 7.01 4.78 5.42
CA SER F 7 6.50 5.83 6.26
C SER F 7 7.69 6.64 6.78
N GLY F 8 7.38 7.79 7.39
CA GLY F 8 8.38 8.64 8.01
C GLY F 8 8.62 9.95 7.27
N GLY F 9 7.96 10.19 6.14
CA GLY F 9 8.17 11.42 5.41
C GLY F 9 7.76 12.65 6.23
N GLY F 10 8.32 13.79 5.84
CA GLY F 10 7.98 15.04 6.51
C GLY F 10 8.87 16.17 6.03
N SER F 11 8.83 17.27 6.77
CA SER F 11 9.58 18.48 6.48
C SER F 11 10.43 18.86 7.68
N VAL F 12 11.70 19.15 7.42
CA VAL F 12 12.63 19.61 8.44
C VAL F 12 13.50 20.68 7.81
N GLN F 13 14.15 21.47 8.66
CA GLN F 13 15.12 22.45 8.16
C GLN F 13 16.45 21.78 7.91
N ALA F 14 17.22 22.35 6.99
CA ALA F 14 18.60 21.92 6.78
C ALA F 14 19.33 21.75 8.11
N GLY F 15 20.17 20.72 8.20
CA GLY F 15 20.79 20.34 9.44
C GLY F 15 19.97 19.42 10.32
N GLY F 16 18.68 19.26 10.02
CA GLY F 16 17.84 18.39 10.80
C GLY F 16 18.01 16.92 10.45
N SER F 17 17.16 16.10 11.08
CA SER F 17 17.25 14.67 10.95
C SER F 17 15.86 14.06 10.83
N LEU F 18 15.82 12.80 10.41
CA LEU F 18 14.54 12.18 10.12
C LEU F 18 14.77 10.69 9.90
N ARG F 19 13.75 9.88 10.16
CA ARG F 19 13.81 8.43 9.94
C ARG F 19 12.71 7.97 8.98
N LEU F 20 13.10 7.27 7.94
CA LEU F 20 12.16 6.58 7.06
C LEU F 20 12.15 5.10 7.39
N SER F 21 11.00 4.47 7.17
CA SER F 21 10.83 3.03 7.37
C SER F 21 10.28 2.39 6.11
N CYS F 22 10.73 1.20 5.83
CA CYS F 22 10.26 0.41 4.68
C CYS F 22 9.77 -0.90 5.26
N ALA F 23 8.47 -0.99 5.53
CA ALA F 23 7.89 -2.18 6.15
C ALA F 23 7.35 -3.12 5.08
N ALA F 24 7.77 -4.38 5.14
CA ALA F 24 7.29 -5.41 4.24
C ALA F 24 6.17 -6.21 4.91
N SER F 25 5.16 -6.58 4.10
CA SER F 25 3.95 -7.21 4.62
C SER F 25 4.23 -8.58 5.22
N GLY F 26 5.20 -9.30 4.69
CA GLY F 26 5.60 -10.56 5.28
C GLY F 26 7.00 -10.88 4.77
N TYR F 27 7.59 -11.90 5.37
CA TYR F 27 8.93 -12.30 4.96
C TYR F 27 8.92 -12.83 3.53
N THR F 28 10.04 -12.67 2.85
CA THR F 28 10.33 -13.44 1.64
C THR F 28 11.85 -13.67 1.62
N ILE F 29 12.24 -14.92 1.78
CA ILE F 29 13.65 -15.30 1.84
C ILE F 29 14.27 -15.14 0.46
N ASN F 30 13.44 -14.81 -0.53
CA ASN F 30 13.89 -14.66 -1.90
C ASN F 30 14.63 -13.34 -2.16
N THR F 31 14.49 -12.35 -1.28
CA THR F 31 15.14 -11.07 -1.47
C THR F 31 16.49 -11.06 -0.75
N ASP F 32 17.53 -10.65 -1.47
CA ASP F 32 18.87 -10.56 -0.93
C ASP F 32 19.22 -9.16 -0.44
N ALA F 33 18.48 -8.14 -0.86
CA ALA F 33 18.85 -6.76 -0.57
C ALA F 33 17.60 -5.89 -0.52
N VAL F 34 17.68 -4.84 0.27
CA VAL F 34 16.70 -3.77 0.28
C VAL F 34 17.44 -2.47 0.03
N ALA F 35 16.94 -1.66 -0.91
CA ALA F 35 17.54 -0.38 -1.28
C ALA F 35 16.57 0.77 -1.03
N TRP F 36 17.14 1.95 -0.79
CA TRP F 36 16.39 3.19 -0.80
C TRP F 36 16.83 3.99 -2.02
N PHE F 37 15.87 4.43 -2.80
CA PHE F 37 16.06 5.29 -3.95
C PHE F 37 15.47 6.67 -3.64
N ARG F 38 15.89 7.67 -4.40
CA ARG F 38 15.22 8.95 -4.32
C ARG F 38 15.05 9.53 -5.70
N GLN F 39 13.98 10.30 -5.85
CA GLN F 39 13.53 10.82 -7.13
C GLN F 39 13.34 12.31 -6.98
N ALA F 40 13.94 13.10 -7.87
CA ALA F 40 13.79 14.54 -7.84
C ALA F 40 13.90 15.07 -9.26
N PRO F 41 13.27 16.20 -9.55
CA PRO F 41 13.23 16.68 -10.94
C PRO F 41 14.62 16.96 -11.49
N GLY F 42 14.74 16.80 -12.80
CA GLY F 42 15.97 17.15 -13.49
C GLY F 42 17.14 16.21 -13.29
N LYS F 43 16.92 15.01 -12.74
CA LYS F 43 18.00 14.02 -12.69
C LYS F 43 17.37 12.64 -12.61
N GLY F 44 18.17 11.64 -12.97
CA GLY F 44 17.73 10.27 -12.82
C GLY F 44 17.64 9.87 -11.37
N ASP F 45 16.79 8.88 -11.10
CA ASP F 45 16.63 8.38 -9.74
C ASP F 45 17.95 7.81 -9.23
N GLU F 46 18.20 7.95 -7.94
CA GLU F 46 19.50 7.64 -7.35
C GLU F 46 19.34 6.64 -6.23
N ARG F 47 20.15 5.59 -6.24
CA ARG F 47 20.21 4.60 -5.16
C ARG F 47 21.08 5.15 -4.05
N VAL F 48 20.48 5.58 -2.94
CA VAL F 48 21.27 6.22 -1.90
C VAL F 48 21.82 5.23 -0.89
N ALA F 49 21.19 4.07 -0.71
CA ALA F 49 21.66 3.12 0.28
C ALA F 49 21.11 1.73 -0.03
N VAL F 50 21.89 0.71 0.30
CA VAL F 50 21.44 -0.67 0.13
C VAL F 50 21.97 -1.46 1.31
N ILE F 51 21.18 -2.41 1.78
CA ILE F 51 21.59 -3.32 2.84
C ILE F 51 21.38 -4.74 2.33
N TYR F 52 22.35 -5.61 2.57
CA TYR F 52 22.26 -7.01 2.18
C TYR F 52 21.71 -7.78 3.36
N THR F 53 20.55 -8.43 3.15
CA THR F 53 19.75 -8.92 4.27
C THR F 53 20.53 -9.94 5.11
N GLY F 54 21.27 -10.84 4.48
CA GLY F 54 21.93 -11.90 5.22
C GLY F 54 23.05 -11.40 6.14
N SER F 55 23.84 -10.44 5.68
CA SER F 55 25.00 -10.00 6.44
C SER F 55 24.79 -8.68 7.16
N GLY F 56 23.92 -7.81 6.65
CA GLY F 56 23.83 -6.46 7.14
C GLY F 56 24.87 -5.52 6.57
N ASN F 57 25.73 -6.01 5.69
CA ASN F 57 26.64 -5.12 4.94
C ASN F 57 25.82 -4.08 4.18
N THR F 58 26.39 -2.89 4.05
CA THR F 58 25.68 -1.77 3.45
C THR F 58 26.58 -1.08 2.44
N ASN F 59 25.94 -0.35 1.53
CA ASN F 59 26.61 0.55 0.59
C ASN F 59 25.80 1.82 0.49
N TYR F 60 26.51 2.94 0.31
CA TYR F 60 25.93 4.27 0.28
C TYR F 60 26.45 5.06 -0.92
N ALA F 61 25.58 5.84 -1.52
CA ALA F 61 26.01 6.83 -2.50
C ALA F 61 26.91 7.86 -1.84
N ASP F 62 27.90 8.36 -2.60
CA ASP F 62 28.90 9.27 -2.02
C ASP F 62 28.24 10.51 -1.42
N SER F 63 27.15 10.98 -2.03
CA SER F 63 26.47 12.19 -1.56
C SER F 63 25.87 12.06 -0.17
N VAL F 64 25.62 10.85 0.32
CA VAL F 64 24.99 10.68 1.63
C VAL F 64 25.91 10.02 2.65
N LYS F 65 27.10 9.58 2.25
CA LYS F 65 27.99 8.86 3.13
C LYS F 65 28.27 9.68 4.38
N GLY F 66 28.24 9.01 5.53
CA GLY F 66 28.39 9.66 6.82
C GLY F 66 27.17 10.42 7.30
N ARG F 67 26.14 10.59 6.48
CA ARG F 67 24.93 11.27 6.92
C ARG F 67 23.74 10.34 7.03
N PHE F 68 23.60 9.38 6.12
CA PHE F 68 22.48 8.43 6.13
C PHE F 68 22.98 7.10 6.66
N THR F 69 22.12 6.40 7.38
CA THR F 69 22.41 5.05 7.83
C THR F 69 21.21 4.16 7.53
N ILE F 70 21.46 3.05 6.86
CA ILE F 70 20.43 2.06 6.61
C ILE F 70 20.65 0.91 7.59
N SER F 71 19.56 0.38 8.13
CA SER F 71 19.60 -0.72 9.10
C SER F 71 18.36 -1.57 8.91
N GLN F 72 18.32 -2.72 9.57
CA GLN F 72 17.22 -3.66 9.35
C GLN F 72 16.80 -4.37 10.64
N ASP F 73 15.49 -4.62 10.73
CA ASP F 73 14.89 -5.40 11.82
C ASP F 73 14.11 -6.55 11.17
N ASN F 74 14.69 -7.74 11.20
CA ASN F 74 14.04 -8.85 10.51
C ASN F 74 12.80 -9.34 11.25
N ALA F 75 12.76 -9.19 12.57
CA ALA F 75 11.54 -9.57 13.29
C ALA F 75 10.37 -8.66 12.93
N LYS F 76 10.64 -7.42 12.51
CA LYS F 76 9.57 -6.54 12.03
C LYS F 76 9.51 -6.49 10.51
N ASN F 77 10.37 -7.25 9.82
CA ASN F 77 10.49 -7.20 8.37
C ASN F 77 10.52 -5.76 7.86
N THR F 78 11.40 -4.96 8.46
CA THR F 78 11.44 -3.52 8.21
C THR F 78 12.89 -3.08 8.07
N VAL F 79 13.11 -2.11 7.18
CA VAL F 79 14.41 -1.53 6.92
C VAL F 79 14.29 -0.02 7.13
N TYR F 80 15.24 0.56 7.85
CA TYR F 80 15.19 1.98 8.19
C TYR F 80 16.26 2.75 7.43
N LEU F 81 15.96 4.01 7.17
CA LEU F 81 16.93 4.98 6.66
C LEU F 81 16.89 6.15 7.61
N GLN F 82 17.92 6.27 8.44
CA GLN F 82 18.04 7.41 9.34
C GLN F 82 18.82 8.49 8.59
N MET F 83 18.27 9.69 8.52
CA MET F 83 18.87 10.77 7.73
C MET F 83 19.29 11.91 8.65
N ASN F 84 20.59 12.11 8.79
CA ASN F 84 21.15 13.17 9.63
C ASN F 84 21.74 14.26 8.76
N SER F 85 21.89 15.46 9.36
CA SER F 85 22.54 16.60 8.71
C SER F 85 21.95 16.85 7.32
N LEU F 86 20.62 16.92 7.26
CA LEU F 86 19.94 17.04 5.99
C LEU F 86 20.29 18.34 5.30
N LYS F 87 20.40 18.27 3.98
CA LYS F 87 20.65 19.41 3.14
C LYS F 87 19.45 19.64 2.22
N PRO F 88 19.26 20.86 1.71
CA PRO F 88 18.11 21.09 0.81
C PRO F 88 18.16 20.20 -0.41
N GLU F 89 19.35 19.79 -0.86
CA GLU F 89 19.45 18.92 -2.02
C GLU F 89 19.01 17.50 -1.71
N ASP F 90 18.77 17.16 -0.43
CA ASP F 90 18.18 15.88 -0.07
C ASP F 90 16.67 15.85 -0.30
N THR F 91 16.05 16.97 -0.70
CA THR F 91 14.61 17.01 -0.92
C THR F 91 14.27 16.10 -2.09
N ALA F 92 13.37 15.15 -1.89
CA ALA F 92 13.07 14.17 -2.93
C ALA F 92 11.92 13.28 -2.48
N LEU F 93 11.37 12.57 -3.45
CA LEU F 93 10.55 11.39 -3.19
C LEU F 93 11.47 10.21 -2.92
N TYR F 94 11.41 9.66 -1.70
CA TYR F 94 12.21 8.50 -1.33
C TYR F 94 11.35 7.26 -1.40
N TYR F 95 11.89 6.20 -2.00
CA TYR F 95 11.14 4.96 -2.08
C TYR F 95 12.07 3.79 -1.87
N CYS F 96 11.54 2.73 -1.27
CA CYS F 96 12.33 1.54 -1.02
C CYS F 96 11.99 0.45 -2.02
N ALA F 97 12.87 -0.53 -2.07
CA ALA F 97 12.72 -1.66 -2.99
C ALA F 97 13.55 -2.83 -2.48
N SER F 98 13.10 -4.03 -2.80
CA SER F 98 13.82 -5.25 -2.48
C SER F 98 13.95 -6.10 -3.73
N GLY F 99 14.91 -7.02 -3.72
CA GLY F 99 15.05 -7.92 -4.84
C GLY F 99 16.32 -8.72 -4.78
N TYR F 100 16.63 -9.31 -5.93
CA TYR F 100 17.77 -10.20 -6.06
C TYR F 100 19.07 -9.40 -6.02
N TYR F 101 20.10 -9.99 -5.42
CA TYR F 101 21.45 -9.43 -5.44
C TYR F 101 22.41 -10.57 -5.24
N GLY F 102 23.25 -10.84 -6.23
CA GLY F 102 24.09 -12.01 -6.19
C GLY F 102 25.07 -12.01 -7.35
N ALA F 103 25.61 -13.20 -7.64
CA ALA F 103 26.60 -13.33 -8.70
C ALA F 103 26.08 -12.90 -10.07
N SER F 104 24.76 -13.02 -10.31
CA SER F 104 24.17 -12.62 -11.59
C SER F 104 23.85 -11.14 -11.70
N GLY F 105 24.08 -10.35 -10.64
CA GLY F 105 23.80 -8.93 -10.68
C GLY F 105 22.79 -8.54 -9.60
N TYR F 106 21.88 -7.63 -9.94
CA TYR F 106 20.88 -7.18 -8.99
C TYR F 106 19.62 -6.85 -9.75
N ASP F 107 18.48 -7.01 -9.05
CA ASP F 107 17.17 -6.84 -9.66
C ASP F 107 16.19 -6.37 -8.57
N PHE F 108 16.13 -5.06 -8.35
CA PHE F 108 15.19 -4.48 -7.41
C PHE F 108 13.84 -4.35 -8.11
N ASN F 109 12.89 -5.22 -7.75
CA ASN F 109 11.65 -5.32 -8.52
C ASN F 109 10.41 -5.48 -7.64
N ASN F 110 10.54 -5.38 -6.32
CA ASN F 110 9.43 -5.14 -5.42
C ASN F 110 9.53 -3.68 -4.94
N TRP F 111 8.46 -2.90 -5.16
CA TRP F 111 8.50 -1.46 -4.97
C TRP F 111 7.58 -1.02 -3.84
N GLY F 112 8.07 -0.12 -3.01
CA GLY F 112 7.20 0.70 -2.19
C GLY F 112 6.49 1.72 -3.04
N GLN F 113 5.77 2.62 -2.36
CA GLN F 113 4.98 3.64 -3.05
C GLN F 113 5.71 4.97 -3.17
N GLY F 114 6.58 5.30 -2.22
CA GLY F 114 7.27 6.58 -2.20
C GLY F 114 6.76 7.42 -1.05
N THR F 115 7.67 8.17 -0.42
CA THR F 115 7.29 9.12 0.63
C THR F 115 8.14 10.38 0.48
N GLN F 116 7.50 11.55 0.61
CA GLN F 116 8.18 12.81 0.32
C GLN F 116 8.97 13.30 1.53
N VAL F 117 10.20 13.71 1.27
CA VAL F 117 11.08 14.34 2.25
C VAL F 117 11.38 15.74 1.73
N THR F 118 11.07 16.76 2.53
CA THR F 118 11.31 18.16 2.16
C THR F 118 12.26 18.80 3.16
N VAL F 119 13.37 19.35 2.67
CA VAL F 119 14.35 20.02 3.51
C VAL F 119 14.45 21.48 3.07
N SER F 120 14.12 22.40 3.97
CA SER F 120 14.13 23.83 3.65
C SER F 120 15.38 24.49 4.22
N SER F 121 16.04 25.32 3.42
CA SER F 121 17.19 26.07 3.90
C SER F 121 16.75 27.26 4.75
N ALA F 122 17.61 27.63 5.71
CA ALA F 122 17.49 28.82 6.57
C ALA F 122 16.09 29.44 6.69
N GLN G 1 -4.92 -45.88 1.34
CA GLN G 1 -6.12 -46.16 0.57
C GLN G 1 -7.21 -45.14 0.90
N VAL G 2 -6.81 -44.04 1.52
CA VAL G 2 -7.70 -42.99 1.98
C VAL G 2 -7.39 -41.71 1.21
N GLN G 3 -8.41 -40.89 0.99
CA GLN G 3 -8.25 -39.62 0.30
C GLN G 3 -8.45 -38.47 1.28
N LEU G 4 -7.48 -37.58 1.35
CA LEU G 4 -7.42 -36.49 2.31
C LEU G 4 -7.56 -35.16 1.57
N VAL G 5 -8.57 -34.39 1.96
CA VAL G 5 -8.89 -33.13 1.30
C VAL G 5 -8.81 -32.01 2.34
N GLU G 6 -7.90 -31.07 2.14
CA GLU G 6 -7.78 -29.91 3.03
C GLU G 6 -8.64 -28.75 2.53
N SER G 7 -9.14 -27.97 3.48
CA SER G 7 -9.81 -26.70 3.18
C SER G 7 -9.55 -25.73 4.34
N GLY G 8 -10.08 -24.53 4.21
CA GLY G 8 -9.94 -23.54 5.27
C GLY G 8 -8.76 -22.57 5.10
N GLY G 9 -7.96 -22.72 4.05
CA GLY G 9 -6.87 -21.80 3.81
C GLY G 9 -7.34 -20.42 3.41
N GLY G 10 -6.45 -19.45 3.54
CA GLY G 10 -6.73 -18.07 3.17
C GLY G 10 -5.69 -17.13 3.74
N SER G 11 -6.04 -15.85 3.75
CA SER G 11 -5.14 -14.78 4.16
C SER G 11 -5.74 -14.08 5.37
N VAL G 12 -4.94 -13.98 6.42
CA VAL G 12 -5.41 -13.41 7.67
C VAL G 12 -4.33 -12.48 8.20
N GLN G 13 -4.79 -11.45 8.88
CA GLN G 13 -3.92 -10.48 9.52
C GLN G 13 -3.17 -11.10 10.69
N ALA G 14 -1.90 -10.70 10.85
CA ALA G 14 -1.12 -11.15 11.98
C ALA G 14 -1.88 -10.87 13.28
N GLY G 15 -1.78 -11.79 14.24
CA GLY G 15 -2.59 -11.72 15.42
C GLY G 15 -3.96 -12.36 15.27
N GLY G 16 -4.39 -12.65 14.04
CA GLY G 16 -5.69 -13.24 13.79
C GLY G 16 -5.71 -14.75 13.92
N SER G 17 -6.76 -15.34 13.38
CA SER G 17 -7.10 -16.72 13.64
C SER G 17 -7.71 -17.37 12.41
N LEU G 18 -7.70 -18.69 12.39
CA LEU G 18 -8.02 -19.42 11.18
C LEU G 18 -8.21 -20.90 11.53
N ARG G 19 -9.03 -21.60 10.75
CA ARG G 19 -9.24 -23.03 10.96
C ARG G 19 -9.01 -23.80 9.67
N LEU G 20 -8.11 -24.79 9.72
CA LEU G 20 -7.92 -25.74 8.65
C LEU G 20 -8.67 -27.03 8.94
N SER G 21 -9.06 -27.73 7.88
CA SER G 21 -9.77 -28.98 8.00
C SER G 21 -9.11 -30.01 7.10
N CYS G 22 -8.98 -31.23 7.60
CA CYS G 22 -8.46 -32.35 6.83
C CYS G 22 -9.55 -33.41 6.83
N ALA G 23 -10.30 -33.52 5.74
CA ALA G 23 -11.44 -34.42 5.65
C ALA G 23 -11.04 -35.70 4.90
N ALA G 24 -11.30 -36.85 5.53
CA ALA G 24 -10.90 -38.14 5.00
C ALA G 24 -12.13 -38.89 4.51
N SER G 25 -11.98 -39.58 3.38
CA SER G 25 -12.97 -40.53 2.92
C SER G 25 -12.28 -41.86 2.67
N GLY G 26 -13.05 -42.94 2.77
CA GLY G 26 -12.50 -44.26 2.53
C GLY G 26 -12.27 -45.06 3.79
N TYR G 27 -11.24 -45.90 3.78
CA TYR G 27 -11.01 -46.89 4.82
C TYR G 27 -10.06 -46.32 5.88
N THR G 28 -10.63 -45.43 6.70
CA THR G 28 -9.91 -44.77 7.78
C THR G 28 -9.61 -45.68 8.96
N ILE G 29 -10.06 -46.94 8.90
CA ILE G 29 -9.94 -47.84 10.04
C ILE G 29 -8.47 -48.16 10.33
N ASN G 30 -7.63 -48.21 9.30
CA ASN G 30 -6.20 -48.48 9.45
C ASN G 30 -5.36 -47.21 9.56
N THR G 31 -5.84 -46.23 10.33
CA THR G 31 -5.16 -44.95 10.51
C THR G 31 -5.15 -44.65 12.01
N ASP G 32 -3.98 -44.69 12.61
CA ASP G 32 -3.85 -44.43 14.04
C ASP G 32 -3.57 -42.97 14.37
N ALA G 33 -3.24 -42.14 13.37
CA ALA G 33 -2.88 -40.77 13.66
C ALA G 33 -3.04 -39.92 12.40
N VAL G 34 -3.33 -38.64 12.62
CA VAL G 34 -3.38 -37.61 11.59
C VAL G 34 -2.49 -36.47 12.05
N ALA G 35 -1.67 -35.94 11.14
CA ALA G 35 -0.76 -34.86 11.47
C ALA G 35 -0.92 -33.73 10.45
N TRP G 36 -0.52 -32.54 10.87
CA TRP G 36 -0.39 -31.40 9.98
C TRP G 36 1.09 -31.06 9.84
N PHE G 37 1.52 -30.90 8.60
CA PHE G 37 2.85 -30.42 8.27
C PHE G 37 2.71 -29.03 7.66
N ARG G 38 3.79 -28.24 7.74
CA ARG G 38 3.80 -27.00 6.96
C ARG G 38 5.07 -26.91 6.16
N GLN G 39 4.93 -26.32 4.99
CA GLN G 39 6.03 -26.24 4.04
C GLN G 39 6.31 -24.76 3.77
N ALA G 40 7.53 -24.34 4.04
CA ALA G 40 7.98 -22.99 3.78
C ALA G 40 9.31 -23.04 3.05
N PRO G 41 9.59 -22.05 2.20
CA PRO G 41 10.86 -22.06 1.46
C PRO G 41 12.04 -21.91 2.41
N GLY G 42 13.08 -22.71 2.17
CA GLY G 42 14.31 -22.66 2.93
C GLY G 42 14.33 -23.56 4.16
N LYS G 43 13.17 -23.89 4.69
CA LYS G 43 13.04 -24.81 5.81
C LYS G 43 12.84 -26.23 5.28
N GLY G 44 13.26 -27.20 6.08
CA GLY G 44 12.70 -28.53 5.94
C GLY G 44 11.27 -28.54 6.43
N ASP G 45 10.47 -29.48 5.93
CA ASP G 45 9.09 -29.55 6.38
C ASP G 45 9.06 -29.77 7.88
N GLU G 46 8.01 -29.24 8.51
CA GLU G 46 7.90 -29.23 9.95
C GLU G 46 6.55 -29.81 10.35
N ARG G 47 6.57 -30.83 11.19
CA ARG G 47 5.34 -31.40 11.70
C ARG G 47 4.84 -30.47 12.81
N VAL G 48 3.76 -29.74 12.54
CA VAL G 48 3.32 -28.76 13.52
C VAL G 48 2.43 -29.38 14.58
N ALA G 49 1.70 -30.45 14.24
CA ALA G 49 0.78 -31.05 15.20
C ALA G 49 0.38 -32.43 14.72
N VAL G 50 0.09 -33.30 15.67
CA VAL G 50 -0.37 -34.66 15.40
C VAL G 50 -1.42 -35.01 16.46
N ILE G 51 -2.43 -35.76 16.05
CA ILE G 51 -3.46 -36.25 16.95
C ILE G 51 -3.57 -37.75 16.76
N TYR G 52 -3.53 -38.49 17.87
CA TYR G 52 -3.77 -39.93 17.84
C TYR G 52 -5.27 -40.14 17.93
N THR G 53 -5.85 -40.77 16.91
CA THR G 53 -7.30 -40.75 16.77
C THR G 53 -7.99 -41.50 17.90
N GLY G 54 -7.39 -42.59 18.38
CA GLY G 54 -7.95 -43.36 19.47
C GLY G 54 -8.06 -42.60 20.79
N SER G 55 -6.92 -42.19 21.34
CA SER G 55 -6.97 -41.46 22.60
C SER G 55 -7.35 -39.99 22.41
N GLY G 56 -6.88 -39.36 21.35
CA GLY G 56 -6.99 -37.93 21.23
C GLY G 56 -5.78 -37.18 21.76
N ASN G 57 -4.74 -37.91 22.17
CA ASN G 57 -3.52 -37.25 22.61
C ASN G 57 -2.92 -36.47 21.46
N THR G 58 -2.22 -35.39 21.80
CA THR G 58 -1.68 -34.48 20.81
C THR G 58 -0.24 -34.16 21.15
N ASN G 59 0.54 -33.86 20.11
CA ASN G 59 1.87 -33.30 20.26
C ASN G 59 1.96 -32.13 19.30
N TYR G 60 2.68 -31.08 19.71
CA TYR G 60 2.81 -29.87 18.93
C TYR G 60 4.29 -29.54 18.77
N ALA G 61 4.65 -29.03 17.59
CA ALA G 61 5.91 -28.33 17.47
C ALA G 61 5.99 -27.23 18.51
N ASP G 62 7.20 -26.96 19.00
CA ASP G 62 7.38 -25.93 20.02
C ASP G 62 6.94 -24.56 19.50
N SER G 63 7.18 -24.28 18.23
CA SER G 63 6.86 -22.98 17.66
C SER G 63 5.36 -22.65 17.70
N VAL G 64 4.48 -23.65 17.89
CA VAL G 64 3.05 -23.40 17.85
C VAL G 64 2.34 -23.72 19.16
N LYS G 65 3.05 -24.27 20.16
CA LYS G 65 2.42 -24.65 21.41
C LYS G 65 1.64 -23.48 22.01
N GLY G 66 0.43 -23.77 22.51
CA GLY G 66 -0.44 -22.74 23.03
C GLY G 66 -1.14 -21.88 21.99
N ARG G 67 -0.71 -21.91 20.74
CA ARG G 67 -1.35 -21.11 19.71
C ARG G 67 -2.22 -21.94 18.78
N PHE G 68 -1.73 -23.12 18.36
CA PHE G 68 -2.47 -24.03 17.51
C PHE G 68 -3.09 -25.12 18.37
N THR G 69 -4.25 -25.61 17.93
CA THR G 69 -4.96 -26.70 18.59
C THR G 69 -5.46 -27.65 17.51
N ILE G 70 -5.05 -28.92 17.59
CA ILE G 70 -5.55 -29.94 16.69
C ILE G 70 -6.64 -30.73 17.40
N SER G 71 -7.69 -31.06 16.66
CA SER G 71 -8.88 -31.74 17.20
C SER G 71 -9.47 -32.61 16.09
N GLN G 72 -10.56 -33.32 16.40
CA GLN G 72 -11.12 -34.23 15.40
C GLN G 72 -12.61 -34.41 15.61
N ASP G 73 -13.33 -34.60 14.50
CA ASP G 73 -14.74 -34.99 14.50
C ASP G 73 -14.81 -36.34 13.81
N ASN G 74 -15.25 -37.37 14.53
CA ASN G 74 -15.09 -38.71 13.97
C ASN G 74 -16.24 -39.11 13.05
N ALA G 75 -17.45 -38.60 13.28
CA ALA G 75 -18.53 -38.88 12.34
C ALA G 75 -18.26 -38.23 10.99
N LYS G 76 -17.56 -37.09 10.96
CA LYS G 76 -17.20 -36.43 9.71
C LYS G 76 -15.86 -36.88 9.16
N ASN G 77 -15.12 -37.72 9.90
CA ASN G 77 -13.80 -38.16 9.47
C ASN G 77 -12.93 -36.95 9.13
N THR G 78 -12.96 -35.96 10.02
CA THR G 78 -12.30 -34.70 9.75
C THR G 78 -11.49 -34.28 10.95
N VAL G 79 -10.25 -33.86 10.71
CA VAL G 79 -9.35 -33.36 11.74
C VAL G 79 -9.12 -31.87 11.46
N TYR G 80 -9.17 -31.07 12.52
CA TYR G 80 -9.05 -29.62 12.43
C TYR G 80 -7.72 -29.12 13.01
N LEU G 81 -7.25 -28.02 12.47
CA LEU G 81 -6.16 -27.26 13.06
C LEU G 81 -6.67 -25.84 13.25
N GLN G 82 -6.97 -25.50 14.50
CA GLN G 82 -7.37 -24.15 14.87
C GLN G 82 -6.11 -23.36 15.17
N MET G 83 -5.93 -22.24 14.48
CA MET G 83 -4.70 -21.46 14.59
C MET G 83 -5.03 -20.07 15.10
N ASN G 84 -4.51 -19.75 16.28
CA ASN G 84 -4.69 -18.46 16.92
C ASN G 84 -3.36 -17.71 16.98
N SER G 85 -3.47 -16.42 17.26
CA SER G 85 -2.32 -15.54 17.43
C SER G 85 -1.31 -15.79 16.34
N LEU G 86 -1.79 -15.78 15.10
CA LEU G 86 -0.94 -16.09 13.96
C LEU G 86 0.15 -15.04 13.82
N LYS G 87 1.35 -15.50 13.38
CA LYS G 87 2.54 -14.72 13.10
C LYS G 87 2.88 -14.78 11.62
N PRO G 88 3.54 -13.74 11.09
CA PRO G 88 3.97 -13.82 9.68
C PRO G 88 4.79 -15.07 9.35
N GLU G 89 5.61 -15.55 10.28
CA GLU G 89 6.37 -16.76 9.99
C GLU G 89 5.52 -18.03 9.99
N ASP G 90 4.22 -17.93 10.26
CA ASP G 90 3.31 -19.06 10.10
C ASP G 90 2.85 -19.24 8.65
N THR G 91 3.18 -18.29 7.79
CA THR G 91 2.88 -18.42 6.37
C THR G 91 3.55 -19.68 5.83
N ALA G 92 2.77 -20.54 5.18
CA ALA G 92 3.29 -21.79 4.68
C ALA G 92 2.20 -22.48 3.88
N LEU G 93 2.62 -23.48 3.11
CA LEU G 93 1.70 -24.49 2.62
C LEU G 93 1.48 -25.49 3.75
N TYR G 94 0.24 -25.66 4.19
CA TYR G 94 -0.09 -26.63 5.22
C TYR G 94 -0.70 -27.87 4.56
N TYR G 95 -0.27 -29.04 5.00
CA TYR G 95 -0.83 -30.26 4.45
C TYR G 95 -0.95 -31.29 5.55
N CYS G 96 -2.01 -32.08 5.47
CA CYS G 96 -2.23 -33.12 6.46
C CYS G 96 -1.82 -34.48 5.90
N ALA G 97 -1.65 -35.42 6.82
CA ALA G 97 -1.18 -36.74 6.50
C ALA G 97 -1.78 -37.70 7.51
N SER G 98 -1.96 -38.94 7.10
CA SER G 98 -2.44 -39.96 8.02
C SER G 98 -1.64 -41.24 7.78
N GLY G 99 -1.52 -42.04 8.83
CA GLY G 99 -0.89 -43.34 8.69
C GLY G 99 -0.80 -44.09 10.00
N TYR G 100 0.17 -44.99 10.05
CA TYR G 100 0.34 -45.91 11.17
C TYR G 100 1.06 -45.23 12.33
N TYR G 101 0.61 -45.51 13.56
CA TYR G 101 1.32 -45.16 14.79
C TYR G 101 1.08 -46.28 15.79
N GLY G 102 2.17 -46.79 16.37
CA GLY G 102 2.02 -47.93 17.26
C GLY G 102 3.35 -48.39 17.79
N ALA G 103 3.38 -49.66 18.24
CA ALA G 103 4.59 -50.21 18.84
C ALA G 103 5.77 -50.19 17.88
N SER G 104 5.52 -50.33 16.58
CA SER G 104 6.61 -50.39 15.62
C SER G 104 7.08 -49.01 15.15
N GLY G 105 6.47 -47.91 15.61
CA GLY G 105 6.87 -46.57 15.22
C GLY G 105 5.69 -45.78 14.62
N TYR G 106 5.99 -45.01 13.57
CA TYR G 106 5.00 -44.21 12.88
C TYR G 106 5.30 -44.15 11.38
N ASP G 107 4.25 -44.03 10.58
CA ASP G 107 4.42 -43.96 9.13
C ASP G 107 3.26 -43.16 8.55
N PHE G 108 3.48 -41.86 8.31
CA PHE G 108 2.51 -41.01 7.64
C PHE G 108 2.74 -41.14 6.14
N ASN G 109 1.83 -41.80 5.45
CA ASN G 109 2.05 -42.09 4.03
C ASN G 109 0.78 -41.92 3.20
N ASN G 110 -0.26 -41.33 3.78
CA ASN G 110 -1.41 -40.81 3.05
C ASN G 110 -1.35 -39.30 3.08
N TRP G 111 -1.25 -38.67 1.91
CA TRP G 111 -0.97 -37.24 1.83
C TRP G 111 -2.17 -36.47 1.32
N GLY G 112 -2.46 -35.35 1.96
CA GLY G 112 -3.38 -34.39 1.40
C GLY G 112 -2.75 -33.67 0.21
N GLN G 113 -3.48 -32.68 -0.30
CA GLN G 113 -3.01 -31.91 -1.45
C GLN G 113 -2.11 -30.76 -1.03
N GLY G 114 -2.57 -29.96 -0.05
CA GLY G 114 -1.90 -28.76 0.38
C GLY G 114 -2.91 -27.63 0.46
N THR G 115 -2.77 -26.73 1.43
CA THR G 115 -3.59 -25.52 1.45
C THR G 115 -2.69 -24.38 1.89
N GLN G 116 -2.88 -23.21 1.28
CA GLN G 116 -2.00 -22.07 1.52
C GLN G 116 -2.55 -21.24 2.68
N VAL G 117 -1.68 -20.92 3.62
CA VAL G 117 -1.98 -20.01 4.72
C VAL G 117 -1.02 -18.84 4.61
N THR G 118 -1.54 -17.63 4.39
CA THR G 118 -0.69 -16.44 4.37
C THR G 118 -1.10 -15.52 5.52
N VAL G 119 -0.12 -15.12 6.33
CA VAL G 119 -0.34 -14.21 7.44
C VAL G 119 0.43 -12.92 7.17
N SER G 120 -0.29 -11.82 7.01
CA SER G 120 0.37 -10.58 6.66
C SER G 120 0.36 -9.57 7.81
N VAL H 2 -4.11 10.09 6.83
CA VAL H 2 -4.62 11.39 6.37
C VAL H 2 -3.52 12.46 6.31
N GLN H 3 -3.17 12.91 5.10
CA GLN H 3 -2.16 13.95 4.89
C GLN H 3 -2.81 15.33 4.74
N LEU H 4 -2.35 16.30 5.52
CA LEU H 4 -2.86 17.67 5.48
C LEU H 4 -1.75 18.60 4.99
N VAL H 5 -2.11 19.60 4.18
CA VAL H 5 -1.16 20.59 3.70
C VAL H 5 -1.81 21.97 3.74
N GLU H 6 -1.15 22.90 4.42
CA GLU H 6 -1.59 24.29 4.50
C GLU H 6 -1.03 25.14 3.37
N SER H 7 -1.81 26.12 2.95
CA SER H 7 -1.30 27.20 2.12
C SER H 7 -1.96 28.51 2.57
N GLY H 8 -1.47 29.62 2.02
CA GLY H 8 -2.04 30.94 2.26
C GLY H 8 -1.25 31.80 3.21
N GLY H 9 -0.14 31.31 3.76
CA GLY H 9 0.66 32.13 4.64
C GLY H 9 1.26 33.33 3.93
N GLY H 10 1.63 34.32 4.71
CA GLY H 10 2.32 35.47 4.16
C GLY H 10 2.37 36.60 5.18
N SER H 11 2.71 37.80 4.68
CA SER H 11 2.81 39.00 5.51
C SER H 11 1.73 40.00 5.12
N VAL H 12 1.03 40.51 6.11
CA VAL H 12 -0.09 41.41 5.89
C VAL H 12 -0.05 42.52 6.93
N GLN H 13 -0.38 43.73 6.51
CA GLN H 13 -0.39 44.88 7.41
C GLN H 13 -1.47 44.72 8.47
N ALA H 14 -1.17 45.22 9.67
CA ALA H 14 -2.14 45.24 10.76
C ALA H 14 -3.46 45.89 10.32
N GLY H 15 -4.57 45.28 10.73
CA GLY H 15 -5.87 45.67 10.26
C GLY H 15 -6.32 44.94 9.01
N GLY H 16 -5.41 44.25 8.33
CA GLY H 16 -5.71 43.57 7.10
C GLY H 16 -6.31 42.19 7.31
N SER H 17 -6.38 41.45 6.22
CA SER H 17 -7.05 40.16 6.20
C SER H 17 -6.21 39.16 5.39
N LEU H 18 -6.54 37.88 5.58
CA LEU H 18 -5.73 36.79 5.05
C LEU H 18 -6.57 35.52 5.10
N ARG H 19 -6.27 34.56 4.22
CA ARG H 19 -6.97 33.28 4.21
C ARG H 19 -5.97 32.14 4.21
N LEU H 20 -6.14 31.21 5.14
CA LEU H 20 -5.36 29.99 5.18
C LEU H 20 -6.23 28.85 4.69
N SER H 21 -5.61 27.89 4.03
CA SER H 21 -6.30 26.72 3.54
C SER H 21 -5.60 25.48 4.06
N CYS H 22 -6.39 24.49 4.42
CA CYS H 22 -5.90 23.21 4.93
C CYS H 22 -6.46 22.13 4.02
N ALA H 23 -5.67 21.72 3.03
CA ALA H 23 -6.09 20.74 2.02
C ALA H 23 -5.74 19.34 2.47
N ALA H 24 -6.71 18.45 2.42
CA ALA H 24 -6.58 17.10 2.97
C ALA H 24 -6.54 16.07 1.85
N SER H 25 -6.17 14.86 2.24
CA SER H 25 -6.38 13.66 1.45
C SER H 25 -6.30 12.45 2.39
N GLY H 26 -7.07 11.42 2.08
CA GLY H 26 -7.10 10.21 2.87
C GLY H 26 -8.49 9.94 3.41
N TYR H 27 -8.55 8.99 4.35
CA TYR H 27 -9.79 8.56 4.96
C TYR H 27 -10.25 9.60 6.00
N THR H 28 -10.73 10.74 5.50
CA THR H 28 -11.18 11.82 6.35
C THR H 28 -12.52 11.53 7.02
N ILE H 29 -13.24 10.51 6.57
CA ILE H 29 -14.49 10.11 7.19
C ILE H 29 -14.27 9.61 8.60
N ASN H 30 -13.04 9.20 8.93
CA ASN H 30 -12.64 8.73 10.25
C ASN H 30 -12.33 9.86 11.22
N THR H 31 -12.45 11.11 10.79
CA THR H 31 -12.22 12.25 11.65
C THR H 31 -13.52 13.02 11.84
N ASP H 32 -13.66 13.59 13.03
CA ASP H 32 -14.87 14.32 13.42
C ASP H 32 -14.68 15.83 13.41
N ALA H 33 -13.44 16.31 13.35
CA ALA H 33 -13.21 17.74 13.45
C ALA H 33 -11.88 18.10 12.80
N VAL H 34 -11.78 19.36 12.36
CA VAL H 34 -10.55 19.95 11.85
C VAL H 34 -10.33 21.22 12.65
N ALA H 35 -9.11 21.42 13.13
CA ALA H 35 -8.79 22.56 13.96
C ALA H 35 -7.60 23.32 13.38
N TRP H 36 -7.55 24.61 13.67
CA TRP H 36 -6.38 25.43 13.43
C TRP H 36 -5.73 25.76 14.76
N PHE H 37 -4.43 25.51 14.87
CA PHE H 37 -3.61 25.89 16.01
C PHE H 37 -2.65 27.00 15.58
N ARG H 38 -2.12 27.73 16.56
CA ARG H 38 -1.02 28.63 16.25
C ARG H 38 0.02 28.53 17.35
N GLN H 39 1.26 28.81 16.96
CA GLN H 39 2.45 28.61 17.74
C GLN H 39 3.28 29.88 17.66
N ALA H 40 3.65 30.42 18.82
CA ALA H 40 4.38 31.68 18.93
C ALA H 40 5.26 31.62 20.17
N PRO H 41 6.42 32.29 20.17
CA PRO H 41 7.38 32.16 21.28
C PRO H 41 6.78 32.51 22.64
N GLY H 42 7.25 31.79 23.66
CA GLY H 42 6.89 32.10 25.02
C GLY H 42 5.45 31.84 25.37
N LYS H 43 4.82 30.86 24.75
CA LYS H 43 3.41 30.61 25.00
C LYS H 43 3.07 29.21 24.48
N GLY H 44 2.19 28.51 25.20
CA GLY H 44 1.70 27.24 24.71
C GLY H 44 0.85 27.43 23.47
N ASP H 45 0.84 26.41 22.62
CA ASP H 45 0.11 26.52 21.35
C ASP H 45 -1.38 26.67 21.64
N GLU H 46 -2.04 27.49 20.84
CA GLU H 46 -3.41 27.89 21.10
C GLU H 46 -4.27 27.35 19.98
N ARG H 47 -5.35 26.66 20.34
CA ARG H 47 -6.33 26.27 19.33
C ARG H 47 -7.21 27.48 19.05
N VAL H 48 -7.11 28.05 17.85
CA VAL H 48 -7.86 29.27 17.57
C VAL H 48 -9.26 28.98 17.05
N ALA H 49 -9.48 27.84 16.38
CA ALA H 49 -10.76 27.57 15.73
C ALA H 49 -10.89 26.08 15.46
N VAL H 50 -12.11 25.57 15.58
CA VAL H 50 -12.41 24.18 15.28
C VAL H 50 -13.75 24.12 14.55
N ILE H 51 -13.87 23.16 13.63
CA ILE H 51 -15.13 22.91 12.92
C ILE H 51 -15.41 21.42 13.00
N TYR H 52 -16.64 21.06 13.34
CA TYR H 52 -17.06 19.66 13.37
C TYR H 52 -17.58 19.33 11.98
N THR H 53 -16.97 18.33 11.35
CA THR H 53 -17.09 18.18 9.90
C THR H 53 -18.51 17.83 9.46
N GLY H 54 -19.24 17.04 10.25
CA GLY H 54 -20.56 16.60 9.83
C GLY H 54 -21.60 17.70 9.89
N SER H 55 -21.57 18.51 10.95
CA SER H 55 -22.54 19.57 11.18
C SER H 55 -22.10 20.93 10.65
N GLY H 56 -20.80 21.21 10.58
CA GLY H 56 -20.34 22.55 10.32
C GLY H 56 -20.35 23.47 11.53
N ASN H 57 -20.70 22.96 12.70
CA ASN H 57 -20.62 23.77 13.90
C ASN H 57 -19.18 24.19 14.16
N THR H 58 -18.99 25.32 14.83
CA THR H 58 -17.68 25.89 15.03
C THR H 58 -17.53 26.43 16.45
N ASN H 59 -16.27 26.47 16.90
CA ASN H 59 -15.91 27.10 18.16
C ASN H 59 -14.61 27.87 17.94
N TYR H 60 -14.51 29.04 18.59
CA TYR H 60 -13.36 29.91 18.44
C TYR H 60 -12.78 30.25 19.81
N ALA H 61 -11.47 30.43 19.83
CA ALA H 61 -10.83 31.02 21.00
C ALA H 61 -11.26 32.47 21.14
N ASP H 62 -11.42 32.91 22.39
CA ASP H 62 -11.88 34.27 22.67
C ASP H 62 -11.01 35.31 21.99
N SER H 63 -9.70 35.07 21.94
CA SER H 63 -8.79 36.03 21.34
C SER H 63 -9.08 36.32 19.87
N VAL H 64 -9.85 35.48 19.17
CA VAL H 64 -10.12 35.69 17.75
C VAL H 64 -11.61 35.77 17.44
N LYS H 65 -12.49 35.55 18.42
CA LYS H 65 -13.92 35.62 18.19
C LYS H 65 -14.27 36.92 17.50
N GLY H 66 -15.13 36.83 16.49
CA GLY H 66 -15.54 38.00 15.74
C GLY H 66 -14.57 38.45 14.66
N ARG H 67 -13.36 37.87 14.59
CA ARG H 67 -12.38 38.26 13.59
C ARG H 67 -11.95 37.14 12.66
N PHE H 68 -12.01 35.88 13.11
CA PHE H 68 -11.60 34.72 12.33
C PHE H 68 -12.83 33.86 12.07
N THR H 69 -12.83 33.20 10.91
CA THR H 69 -13.93 32.32 10.55
C THR H 69 -13.37 31.04 9.94
N ILE H 70 -13.76 29.92 10.48
CA ILE H 70 -13.38 28.64 9.92
C ILE H 70 -14.56 28.09 9.15
N SER H 71 -14.28 27.52 7.98
CA SER H 71 -15.28 26.95 7.08
C SER H 71 -14.67 25.73 6.39
N GLN H 72 -15.53 24.92 5.77
CA GLN H 72 -15.08 23.73 5.07
C GLN H 72 -15.72 23.63 3.69
N ASP H 73 -14.99 23.01 2.76
CA ASP H 73 -15.48 22.68 1.43
C ASP H 73 -15.21 21.20 1.23
N ASN H 74 -16.21 20.37 1.54
CA ASN H 74 -16.03 18.93 1.44
C ASN H 74 -15.73 18.48 0.01
N ALA H 75 -16.24 19.20 -1.00
CA ALA H 75 -15.95 18.85 -2.38
C ALA H 75 -14.47 19.00 -2.70
N LYS H 76 -13.81 20.01 -2.12
CA LYS H 76 -12.37 20.15 -2.30
C LYS H 76 -11.57 19.50 -1.16
N ASN H 77 -12.23 18.88 -0.19
CA ASN H 77 -11.54 18.28 0.96
C ASN H 77 -10.62 19.31 1.63
N THR H 78 -11.16 20.51 1.86
CA THR H 78 -10.34 21.64 2.30
C THR H 78 -11.06 22.42 3.38
N VAL H 79 -10.31 22.90 4.37
CA VAL H 79 -10.84 23.71 5.47
C VAL H 79 -10.09 25.03 5.47
N TYR H 80 -10.84 26.13 5.53
CA TYR H 80 -10.27 27.46 5.43
C TYR H 80 -10.32 28.18 6.77
N LEU H 81 -9.35 29.06 7.00
CA LEU H 81 -9.35 30.01 8.10
C LEU H 81 -9.23 31.40 7.49
N GLN H 82 -10.34 32.13 7.49
CA GLN H 82 -10.34 33.52 7.05
C GLN H 82 -10.01 34.38 8.26
N MET H 83 -9.05 35.28 8.11
CA MET H 83 -8.57 36.08 9.22
C MET H 83 -8.73 37.55 8.86
N ASN H 84 -9.53 38.28 9.64
CA ASN H 84 -9.77 39.70 9.42
C ASN H 84 -9.34 40.53 10.62
N SER H 85 -9.18 41.83 10.39
CA SER H 85 -8.77 42.78 11.45
C SER H 85 -7.53 42.26 12.17
N LEU H 86 -6.53 41.86 11.38
CA LEU H 86 -5.36 41.22 11.95
C LEU H 86 -4.57 42.19 12.84
N LYS H 87 -4.10 41.67 13.96
CA LYS H 87 -3.28 42.38 14.92
C LYS H 87 -1.88 41.78 14.92
N PRO H 88 -0.87 42.57 15.28
CA PRO H 88 0.50 42.03 15.30
C PRO H 88 0.68 40.84 16.21
N GLU H 89 -0.15 40.72 17.26
CA GLU H 89 -0.07 39.54 18.13
C GLU H 89 -0.72 38.31 17.51
N ASP H 90 -1.30 38.41 16.31
CA ASP H 90 -1.71 37.22 15.56
C ASP H 90 -0.54 36.57 14.81
N THR H 91 0.63 37.19 14.82
CA THR H 91 1.81 36.65 14.18
C THR H 91 2.17 35.30 14.79
N ALA H 92 2.28 34.28 13.94
CA ALA H 92 2.49 32.92 14.46
C ALA H 92 2.65 31.94 13.31
N LEU H 93 3.15 30.77 13.65
CA LEU H 93 3.08 29.60 12.78
C LEU H 93 1.70 28.97 12.96
N TYR H 94 0.89 28.97 11.89
CA TYR H 94 -0.44 28.38 11.92
C TYR H 94 -0.38 26.98 11.32
N TYR H 95 -1.05 26.03 11.97
CA TYR H 95 -1.10 24.68 11.42
C TYR H 95 -2.46 24.05 11.67
N CYS H 96 -2.89 23.24 10.71
CA CYS H 96 -4.16 22.58 10.85
C CYS H 96 -3.95 21.14 11.32
N ALA H 97 -5.05 20.57 11.81
CA ALA H 97 -5.05 19.26 12.43
C ALA H 97 -6.46 18.68 12.33
N SER H 98 -6.53 17.36 12.32
CA SER H 98 -7.80 16.68 12.32
C SER H 98 -7.72 15.47 13.23
N GLY H 99 -8.88 14.97 13.66
CA GLY H 99 -8.87 13.81 14.52
C GLY H 99 -10.25 13.52 15.09
N TYR H 100 -10.24 12.70 16.14
CA TYR H 100 -11.46 12.33 16.83
C TYR H 100 -12.01 13.50 17.64
N TYR H 101 -13.33 13.62 17.68
CA TYR H 101 -14.04 14.53 18.58
C TYR H 101 -15.41 13.94 18.86
N GLY H 102 -15.71 13.67 20.12
CA GLY H 102 -16.95 13.03 20.49
C GLY H 102 -17.07 12.78 21.97
N ALA H 103 -17.84 11.76 22.37
CA ALA H 103 -18.14 11.56 23.79
C ALA H 103 -16.90 11.23 24.60
N SER H 104 -15.88 10.65 23.99
CA SER H 104 -14.67 10.26 24.70
C SER H 104 -13.66 11.39 24.82
N GLY H 105 -13.98 12.57 24.26
CA GLY H 105 -13.09 13.72 24.29
C GLY H 105 -12.70 14.13 22.88
N TYR H 106 -11.43 14.46 22.70
CA TYR H 106 -10.92 14.91 21.42
C TYR H 106 -9.49 14.42 21.27
N ASP H 107 -9.07 14.21 20.02
CA ASP H 107 -7.70 13.71 19.80
C ASP H 107 -7.25 14.16 18.41
N PHE H 108 -6.65 15.35 18.34
CA PHE H 108 -6.13 15.85 17.08
C PHE H 108 -4.77 15.19 16.83
N ASN H 109 -4.71 14.27 15.86
CA ASN H 109 -3.49 13.50 15.69
C ASN H 109 -3.07 13.36 14.22
N ASN H 110 -3.74 14.05 13.30
CA ASN H 110 -3.25 14.27 11.94
C ASN H 110 -2.84 15.72 11.81
N TRP H 111 -1.62 15.96 11.34
CA TRP H 111 -1.00 17.28 11.36
C TRP H 111 -0.60 17.75 9.97
N GLY H 112 -0.88 19.01 9.66
CA GLY H 112 -0.22 19.68 8.57
C GLY H 112 1.22 19.99 8.92
N GLN H 113 1.87 20.76 8.06
CA GLN H 113 3.26 21.11 8.27
C GLN H 113 3.42 22.43 9.03
N GLY H 114 2.45 23.35 8.89
CA GLY H 114 2.54 24.67 9.48
C GLY H 114 2.92 25.72 8.46
N THR H 115 2.36 26.93 8.58
CA THR H 115 2.72 28.02 7.68
C THR H 115 2.71 29.33 8.45
N GLN H 116 3.69 30.16 8.17
CA GLN H 116 3.93 31.37 8.94
C GLN H 116 2.95 32.45 8.52
N VAL H 117 2.38 33.13 9.50
CA VAL H 117 1.61 34.35 9.28
C VAL H 117 2.29 35.47 10.04
N THR H 118 2.58 36.57 9.34
CA THR H 118 3.28 37.69 9.92
C THR H 118 2.43 38.94 9.74
N VAL H 119 2.03 39.56 10.85
CA VAL H 119 1.24 40.79 10.85
C VAL H 119 2.14 41.93 11.32
N SER H 120 2.35 42.91 10.45
CA SER H 120 3.24 44.01 10.73
C SER H 120 2.45 45.31 10.88
N SER H 121 2.91 46.18 11.78
CA SER H 121 2.29 47.48 11.98
C SER H 121 2.93 48.55 11.09
N LEU I 6 -3.91 53.39 -31.82
CA LEU I 6 -5.27 53.40 -32.33
C LEU I 6 -6.17 52.46 -31.51
N CYS I 7 -5.58 51.37 -30.96
CA CYS I 7 -6.38 50.48 -30.11
C CYS I 7 -6.53 51.11 -28.72
N PRO I 8 -7.69 50.93 -28.07
CA PRO I 8 -7.93 51.61 -26.79
C PRO I 8 -7.28 50.90 -25.61
N PHE I 9 -6.04 50.45 -25.78
CA PHE I 9 -5.34 49.75 -24.71
C PHE I 9 -5.20 50.62 -23.47
N GLY I 10 -5.15 51.95 -23.65
CA GLY I 10 -4.98 52.84 -22.51
C GLY I 10 -6.10 52.73 -21.50
N GLU I 11 -7.35 52.67 -21.97
CA GLU I 11 -8.47 52.57 -21.05
C GLU I 11 -8.63 51.18 -20.47
N VAL I 12 -7.96 50.18 -21.03
CA VAL I 12 -7.88 48.85 -20.44
C VAL I 12 -6.84 48.83 -19.33
N PHE I 13 -5.57 49.00 -19.70
CA PHE I 13 -4.48 48.80 -18.76
C PHE I 13 -4.47 49.86 -17.66
N ASN I 14 -4.91 51.07 -17.97
CA ASN I 14 -4.76 52.20 -17.05
C ASN I 14 -6.08 52.64 -16.42
N ALA I 15 -7.10 51.78 -16.43
CA ALA I 15 -8.39 52.13 -15.83
C ALA I 15 -8.24 52.39 -14.34
N THR I 16 -9.01 53.36 -13.83
CA THR I 16 -8.92 53.69 -12.40
C THR I 16 -9.27 52.50 -11.53
N ARG I 17 -10.24 51.68 -11.97
CA ARG I 17 -10.69 50.52 -11.23
C ARG I 17 -10.79 49.35 -12.19
N PHE I 18 -10.47 48.15 -11.70
CA PHE I 18 -10.62 46.90 -12.43
C PHE I 18 -11.77 46.11 -11.81
N ALA I 19 -12.24 45.12 -12.56
CA ALA I 19 -13.30 44.23 -12.09
C ALA I 19 -12.77 43.18 -11.12
N SER I 20 -13.65 42.72 -10.23
CA SER I 20 -13.38 41.56 -9.40
C SER I 20 -13.21 40.32 -10.27
N VAL I 21 -12.40 39.36 -9.80
CA VAL I 21 -12.06 38.21 -10.63
C VAL I 21 -13.28 37.30 -10.84
N TYR I 22 -14.18 37.24 -9.86
CA TYR I 22 -15.38 36.43 -10.07
C TYR I 22 -16.29 37.05 -11.13
N ALA I 23 -16.33 38.38 -11.20
CA ALA I 23 -17.06 39.12 -12.23
C ALA I 23 -16.10 39.72 -13.25
N TRP I 24 -15.29 38.88 -13.90
CA TRP I 24 -14.16 39.40 -14.67
C TRP I 24 -14.64 40.07 -15.95
N ASN I 25 -14.17 41.30 -16.19
CA ASN I 25 -14.63 42.08 -17.32
C ASN I 25 -14.00 41.62 -18.62
N ARG I 26 -14.77 41.77 -19.70
CA ARG I 26 -14.29 41.55 -21.05
C ARG I 26 -14.62 42.74 -21.94
N LYS I 27 -13.61 43.27 -22.62
CA LYS I 27 -13.77 44.35 -23.57
C LYS I 27 -13.31 43.86 -24.94
N ARG I 28 -14.20 43.93 -25.93
CA ARG I 28 -13.84 43.52 -27.29
C ARG I 28 -13.09 44.64 -27.98
N ILE I 29 -11.99 44.27 -28.66
CA ILE I 29 -11.14 45.22 -29.36
C ILE I 29 -11.16 44.90 -30.83
N SER I 30 -11.42 45.91 -31.66
CA SER I 30 -11.52 45.74 -33.11
C SER I 30 -11.24 47.08 -33.78
N ASN I 31 -10.98 47.01 -35.10
CA ASN I 31 -10.87 48.18 -35.96
C ASN I 31 -9.79 49.16 -35.47
N CYS I 32 -8.60 48.62 -35.21
CA CYS I 32 -7.51 49.46 -34.71
C CYS I 32 -6.19 48.74 -34.93
N VAL I 33 -5.11 49.50 -34.79
CA VAL I 33 -3.76 48.97 -34.86
C VAL I 33 -3.21 48.88 -33.43
N ALA I 34 -2.49 47.80 -33.15
CA ALA I 34 -2.03 47.46 -31.82
C ALA I 34 -0.52 47.26 -31.80
N ASP I 35 0.16 47.98 -30.92
CA ASP I 35 1.60 47.79 -30.70
C ASP I 35 1.74 46.93 -29.45
N TYR I 36 1.84 45.62 -29.65
CA TYR I 36 2.10 44.73 -28.52
C TYR I 36 3.52 44.88 -28.02
N SER I 37 4.48 45.08 -28.93
CA SER I 37 5.90 44.99 -28.60
C SER I 37 6.32 46.04 -27.57
N VAL I 38 5.82 47.28 -27.69
CA VAL I 38 6.19 48.32 -26.75
C VAL I 38 5.72 47.96 -25.35
N LEU I 39 4.61 47.22 -25.23
CA LEU I 39 4.19 46.70 -23.94
C LEU I 39 5.09 45.56 -23.50
N TYR I 40 5.28 44.57 -24.37
CA TYR I 40 6.11 43.42 -24.05
C TYR I 40 7.52 43.86 -23.63
N ASN I 41 8.14 44.73 -24.43
CA ASN I 41 9.50 45.16 -24.16
C ASN I 41 9.60 46.18 -23.04
N SER I 42 8.50 46.54 -22.40
CA SER I 42 8.56 47.45 -21.27
C SER I 42 9.01 46.73 -20.01
N ALA I 43 9.46 47.51 -19.03
CA ALA I 43 9.82 47.00 -17.72
C ALA I 43 8.69 47.15 -16.70
N SER I 44 7.45 47.29 -17.16
CA SER I 44 6.35 47.57 -16.25
C SER I 44 5.39 46.39 -16.06
N PHE I 45 5.65 45.25 -16.68
CA PHE I 45 4.84 44.03 -16.51
C PHE I 45 5.68 42.92 -15.90
N SER I 46 5.12 42.25 -14.90
CA SER I 46 5.78 41.10 -14.30
C SER I 46 5.45 39.79 -15.00
N THR I 47 4.35 39.74 -15.76
CA THR I 47 4.07 38.60 -16.62
C THR I 47 3.69 39.12 -17.99
N PHE I 48 4.24 38.47 -19.02
CA PHE I 48 3.80 38.63 -20.40
C PHE I 48 4.17 37.35 -21.12
N LYS I 49 3.32 36.34 -20.97
CA LYS I 49 3.51 35.00 -21.49
C LYS I 49 2.36 34.68 -22.44
N CYS I 50 2.70 34.27 -23.66
CA CYS I 50 1.74 33.89 -24.70
C CYS I 50 1.83 32.40 -24.96
N TYR I 51 0.72 31.79 -25.37
CA TYR I 51 0.64 30.32 -25.36
C TYR I 51 0.51 29.66 -26.73
N GLY I 52 -0.25 30.23 -27.65
CA GLY I 52 -0.31 29.68 -28.99
C GLY I 52 0.22 30.68 -29.99
N VAL I 53 1.25 31.41 -29.58
CA VAL I 53 1.79 32.53 -30.34
C VAL I 53 3.06 32.99 -29.65
N SER I 54 4.00 33.53 -30.41
CA SER I 54 5.20 34.10 -29.82
C SER I 54 4.97 35.58 -29.52
N PRO I 55 5.31 36.07 -28.32
CA PRO I 55 5.07 37.48 -28.03
C PRO I 55 5.85 38.41 -28.93
N THR I 56 7.05 38.01 -29.37
CA THR I 56 7.84 38.85 -30.26
C THR I 56 7.32 38.85 -31.69
N LYS I 57 6.57 37.82 -32.09
CA LYS I 57 5.98 37.72 -33.41
C LYS I 57 4.54 38.22 -33.46
N LEU I 58 4.12 39.00 -32.47
CA LEU I 58 2.72 39.41 -32.34
C LEU I 58 2.41 40.63 -33.20
N ASN I 59 3.27 41.65 -33.14
CA ASN I 59 3.08 42.87 -33.92
C ASN I 59 3.03 42.63 -35.42
N ASP I 60 3.39 41.42 -35.88
CA ASP I 60 3.36 41.06 -37.29
C ASP I 60 2.17 40.18 -37.64
N LEU I 61 1.07 40.30 -36.90
CA LEU I 61 -0.08 39.45 -37.12
C LEU I 61 -1.35 40.31 -37.17
N CYS I 62 -2.35 39.80 -37.89
CA CYS I 62 -3.66 40.43 -37.99
C CYS I 62 -4.71 39.48 -37.45
N PHE I 63 -5.72 40.03 -36.78
CA PHE I 63 -6.75 39.23 -36.15
C PHE I 63 -8.12 39.86 -36.42
N THR I 64 -9.14 39.00 -36.42
CA THR I 64 -10.52 39.48 -36.49
C THR I 64 -10.87 40.34 -35.28
N ASN I 65 -10.80 39.74 -34.09
CA ASN I 65 -11.13 40.43 -32.85
C ASN I 65 -10.13 40.03 -31.78
N VAL I 66 -9.82 40.97 -30.89
CA VAL I 66 -9.05 40.70 -29.68
C VAL I 66 -9.94 40.95 -28.49
N TYR I 67 -9.97 40.00 -27.56
CA TYR I 67 -10.75 40.09 -26.33
C TYR I 67 -9.80 40.30 -25.16
N ALA I 68 -9.99 41.40 -24.44
CA ALA I 68 -9.17 41.73 -23.27
C ALA I 68 -9.99 41.45 -22.01
N ASP I 69 -9.73 40.29 -21.40
CA ASP I 69 -10.28 39.98 -20.09
C ASP I 69 -9.39 40.55 -19.01
N SER I 70 -10.00 41.22 -18.03
CA SER I 70 -9.22 41.92 -17.01
C SER I 70 -9.91 41.80 -15.65
N PHE I 71 -9.08 41.70 -14.61
CA PHE I 71 -9.50 41.47 -13.23
C PHE I 71 -8.31 41.69 -12.30
N VAL I 72 -8.57 41.61 -11.00
CA VAL I 72 -7.55 41.73 -9.95
C VAL I 72 -7.57 40.45 -9.09
N ILE I 73 -6.38 39.89 -8.85
CA ILE I 73 -6.14 38.81 -7.90
C ILE I 73 -4.97 39.24 -7.02
N ARG I 74 -4.58 38.39 -6.07
CA ARG I 74 -3.40 38.74 -5.28
C ARG I 74 -2.15 38.10 -5.88
N GLY I 75 -0.99 38.58 -5.42
CA GLY I 75 0.27 38.23 -6.08
C GLY I 75 0.50 36.74 -6.19
N ASP I 76 0.31 36.02 -5.08
CA ASP I 76 0.55 34.57 -5.11
C ASP I 76 -0.41 33.81 -6.02
N GLU I 77 -1.43 34.46 -6.58
CA GLU I 77 -2.39 33.76 -7.43
C GLU I 77 -2.11 33.91 -8.92
N VAL I 78 -1.14 34.75 -9.30
CA VAL I 78 -0.84 34.96 -10.71
C VAL I 78 -0.50 33.64 -11.39
N ARG I 79 0.19 32.73 -10.68
CA ARG I 79 0.54 31.44 -11.26
C ARG I 79 -0.68 30.65 -11.73
N GLN I 80 -1.89 30.99 -11.24
CA GLN I 80 -3.06 30.22 -11.64
C GLN I 80 -3.63 30.65 -12.99
N ILE I 81 -3.26 31.83 -13.50
CA ILE I 81 -3.75 32.27 -14.80
C ILE I 81 -2.89 31.64 -15.88
N ALA I 82 -3.13 30.36 -16.12
CA ALA I 82 -2.42 29.59 -17.13
C ALA I 82 -3.22 28.31 -17.37
N PRO I 83 -3.20 27.78 -18.58
CA PRO I 83 -3.84 26.48 -18.83
C PRO I 83 -3.32 25.40 -17.91
N GLY I 84 -4.23 24.57 -17.42
CA GLY I 84 -3.86 23.42 -16.63
C GLY I 84 -3.67 23.69 -15.15
N GLN I 85 -3.95 24.90 -14.69
CA GLN I 85 -3.69 25.30 -13.32
C GLN I 85 -4.88 24.97 -12.42
N THR I 86 -4.58 24.69 -11.16
CA THR I 86 -5.56 24.39 -10.13
C THR I 86 -5.53 25.49 -9.07
N GLY I 87 -6.65 25.65 -8.37
CA GLY I 87 -6.71 26.64 -7.30
C GLY I 87 -8.05 27.35 -7.30
N LYS I 88 -8.29 28.16 -6.27
CA LYS I 88 -9.59 28.82 -6.15
C LYS I 88 -9.87 29.74 -7.33
N ILE I 89 -8.84 30.44 -7.83
CA ILE I 89 -9.06 31.36 -8.95
C ILE I 89 -9.35 30.57 -10.23
N ALA I 90 -8.52 29.57 -10.54
CA ALA I 90 -8.70 28.81 -11.77
C ALA I 90 -9.94 27.94 -11.72
N ASP I 91 -10.24 27.36 -10.55
CA ASP I 91 -11.40 26.48 -10.44
C ASP I 91 -12.71 27.26 -10.38
N TYR I 92 -12.74 28.39 -9.65
CA TYR I 92 -14.01 29.02 -9.34
C TYR I 92 -14.18 30.44 -9.88
N ASN I 93 -13.17 31.03 -10.52
CA ASN I 93 -13.32 32.43 -10.89
C ASN I 93 -13.02 32.69 -12.37
N TYR I 94 -11.93 32.15 -12.87
CA TYR I 94 -11.52 32.41 -14.25
C TYR I 94 -10.62 31.26 -14.68
N LYS I 95 -11.08 30.49 -15.65
CA LYS I 95 -10.42 29.27 -16.07
C LYS I 95 -9.99 29.43 -17.52
N LEU I 96 -8.80 29.06 -17.80
CA LEU I 96 -8.23 29.09 -19.11
C LEU I 96 -8.34 27.71 -19.76
N PRO I 97 -8.56 27.68 -21.07
CA PRO I 97 -8.65 26.39 -21.76
C PRO I 97 -7.27 25.80 -22.00
N ASP I 98 -7.24 24.48 -22.08
CA ASP I 98 -5.99 23.77 -22.34
C ASP I 98 -5.37 24.22 -23.66
N ASP I 99 -6.20 24.49 -24.66
CA ASP I 99 -5.76 24.91 -25.99
C ASP I 99 -5.69 26.43 -26.12
N PHE I 100 -5.30 27.14 -25.07
CA PHE I 100 -5.42 28.60 -25.05
C PHE I 100 -4.53 29.25 -26.11
N THR I 101 -5.10 30.18 -26.87
CA THR I 101 -4.34 30.96 -27.84
C THR I 101 -4.48 32.43 -27.44
N GLY I 102 -3.45 32.95 -26.78
CA GLY I 102 -3.47 34.33 -26.33
C GLY I 102 -2.31 34.58 -25.38
N CYS I 103 -2.33 35.76 -24.77
CA CYS I 103 -1.27 36.17 -23.85
C CYS I 103 -1.86 36.50 -22.50
N VAL I 104 -1.10 36.18 -21.45
CA VAL I 104 -1.39 36.61 -20.09
C VAL I 104 -0.41 37.72 -19.73
N ILE I 105 -0.94 38.84 -19.26
CA ILE I 105 -0.15 40.00 -18.87
C ILE I 105 -0.57 40.36 -17.46
N ALA I 106 0.41 40.59 -16.58
CA ALA I 106 0.10 40.93 -15.20
C ALA I 106 1.10 41.96 -14.70
N TRP I 107 0.66 42.74 -13.72
CA TRP I 107 1.56 43.72 -13.13
C TRP I 107 1.08 44.03 -11.72
N ASN I 108 2.03 44.45 -10.89
CA ASN I 108 1.73 44.81 -9.52
C ASN I 108 0.96 46.13 -9.47
N SER I 109 -0.18 46.14 -8.77
CA SER I 109 -1.05 47.32 -8.75
C SER I 109 -1.24 47.87 -7.34
N ASN I 110 -0.31 47.57 -6.44
CA ASN I 110 -0.43 48.04 -5.06
C ASN I 110 -0.68 49.55 -4.99
N ASN I 111 0.10 50.35 -5.72
CA ASN I 111 -0.04 51.80 -5.65
C ASN I 111 -1.45 52.25 -6.04
N LEU I 112 -2.13 51.50 -6.91
CA LEU I 112 -3.46 51.85 -7.38
C LEU I 112 -4.59 51.22 -6.56
N ASP I 113 -4.45 49.94 -6.21
CA ASP I 113 -5.56 49.13 -5.72
C ASP I 113 -5.57 48.91 -4.22
N SER I 114 -4.57 49.39 -3.50
CA SER I 114 -4.55 49.37 -2.05
C SER I 114 -4.77 50.78 -1.50
N LYS I 115 -5.41 50.87 -0.34
CA LYS I 115 -5.73 52.16 0.27
C LYS I 115 -5.38 52.12 1.76
N VAL I 116 -5.02 53.30 2.29
CA VAL I 116 -4.84 53.43 3.73
C VAL I 116 -6.17 53.12 4.40
N GLY I 117 -6.17 52.13 5.30
CA GLY I 117 -7.38 51.58 5.86
C GLY I 117 -7.87 50.33 5.18
N GLY I 118 -7.40 50.05 3.97
CA GLY I 118 -7.72 48.81 3.31
C GLY I 118 -8.80 48.94 2.25
N ASN I 119 -8.50 48.47 1.05
CA ASN I 119 -9.48 48.36 0.00
C ASN I 119 -10.04 46.93 0.05
N TYR I 120 -11.32 46.82 0.37
CA TYR I 120 -12.01 45.54 0.50
C TYR I 120 -13.02 45.33 -0.61
N ASN I 121 -12.88 46.03 -1.73
CA ASN I 121 -13.89 45.95 -2.80
C ASN I 121 -13.65 44.82 -3.78
N TYR I 122 -12.42 44.38 -4.01
CA TYR I 122 -12.18 43.25 -4.91
C TYR I 122 -12.58 41.95 -4.24
N LEU I 123 -13.32 41.12 -4.96
CA LEU I 123 -13.85 39.89 -4.42
C LEU I 123 -13.42 38.72 -5.29
N TYR I 124 -13.52 37.52 -4.70
CA TYR I 124 -13.38 36.26 -5.41
C TYR I 124 -14.38 35.27 -4.84
N ARG I 125 -14.66 34.23 -5.62
CA ARG I 125 -15.57 33.16 -5.22
C ARG I 125 -14.76 32.07 -4.51
N LEU I 126 -15.07 31.86 -3.24
CA LEU I 126 -14.39 30.82 -2.45
C LEU I 126 -15.06 29.46 -2.58
N PHE I 127 -16.38 29.42 -2.74
CA PHE I 127 -17.14 28.18 -2.78
C PHE I 127 -17.93 28.07 -4.08
N ARG I 128 -17.91 26.88 -4.67
CA ARG I 128 -18.76 26.60 -5.83
C ARG I 128 -18.99 25.10 -5.92
N LYS I 129 -20.20 24.74 -6.34
CA LYS I 129 -20.57 23.33 -6.46
C LYS I 129 -19.71 22.60 -7.48
N SER I 130 -19.18 23.33 -8.47
CA SER I 130 -18.47 22.68 -9.56
C SER I 130 -17.46 23.63 -10.15
N ASN I 131 -16.43 23.07 -10.80
CA ASN I 131 -15.40 23.85 -11.45
C ASN I 131 -15.98 24.60 -12.64
N LEU I 132 -15.50 25.82 -12.85
CA LEU I 132 -15.87 26.56 -14.04
C LEU I 132 -15.38 25.82 -15.28
N LYS I 133 -16.12 25.97 -16.37
CA LYS I 133 -15.62 25.60 -17.68
C LYS I 133 -14.75 26.75 -18.22
N PRO I 134 -13.80 26.45 -19.11
CA PRO I 134 -12.93 27.51 -19.64
C PRO I 134 -13.73 28.68 -20.17
N PHE I 135 -13.33 29.89 -19.76
CA PHE I 135 -13.91 31.19 -20.10
C PHE I 135 -15.32 31.38 -19.57
N GLU I 136 -15.84 30.46 -18.77
CA GLU I 136 -17.15 30.64 -18.14
C GLU I 136 -17.07 31.66 -17.01
N ARG I 137 -18.17 32.38 -16.81
CA ARG I 137 -18.28 33.33 -15.72
C ARG I 137 -19.41 32.90 -14.78
N ASP I 138 -19.28 33.26 -13.51
CA ASP I 138 -20.30 33.00 -12.49
C ASP I 138 -20.36 34.24 -11.60
N ILE I 139 -21.47 34.97 -11.68
CA ILE I 139 -21.63 36.12 -10.81
C ILE I 139 -22.76 35.91 -9.82
N SER I 140 -23.26 34.69 -9.69
CA SER I 140 -24.34 34.39 -8.76
C SER I 140 -23.86 34.45 -7.32
N THR I 141 -24.77 34.82 -6.42
CA THR I 141 -24.45 34.97 -5.00
C THR I 141 -25.41 34.15 -4.15
N GLU I 142 -25.66 32.90 -4.56
CA GLU I 142 -26.53 32.02 -3.82
C GLU I 142 -25.76 31.31 -2.70
N ILE I 143 -26.44 31.10 -1.57
CA ILE I 143 -25.81 30.49 -0.41
C ILE I 143 -25.33 29.09 -0.74
N TYR I 144 -24.08 28.80 -0.39
CA TYR I 144 -23.43 27.55 -0.75
C TYR I 144 -23.68 26.49 0.30
N GLN I 145 -24.09 25.30 -0.14
CA GLN I 145 -24.44 24.21 0.77
C GLN I 145 -23.24 23.28 0.87
N ALA I 146 -22.50 23.40 1.98
CA ALA I 146 -21.28 22.62 2.18
C ALA I 146 -21.53 21.27 2.83
N GLY I 147 -22.64 21.11 3.54
CA GLY I 147 -22.97 19.82 4.13
C GLY I 147 -24.29 19.25 3.63
N SER I 148 -24.86 18.30 4.39
CA SER I 148 -26.09 17.65 3.97
C SER I 148 -27.34 18.44 4.33
N THR I 149 -27.25 19.37 5.26
CA THR I 149 -28.41 20.15 5.69
C THR I 149 -28.70 21.26 4.69
N PRO I 150 -29.86 21.26 4.02
CA PRO I 150 -30.23 22.39 3.16
C PRO I 150 -30.17 23.70 3.93
N CYS I 151 -29.92 24.79 3.21
CA CYS I 151 -29.79 26.10 3.83
C CYS I 151 -31.01 26.99 3.65
N ASN I 152 -31.85 26.70 2.65
CA ASN I 152 -33.00 27.53 2.27
C ASN I 152 -32.64 29.03 2.31
N GLY I 153 -31.58 29.37 1.59
CA GLY I 153 -31.09 30.73 1.55
C GLY I 153 -30.65 31.36 2.86
N VAL I 154 -30.59 30.59 3.95
CA VAL I 154 -30.16 31.13 5.24
C VAL I 154 -28.66 30.87 5.39
N GLU I 155 -27.94 31.92 5.78
CA GLU I 155 -26.51 31.84 6.04
C GLU I 155 -26.25 31.28 7.44
N GLY I 156 -25.44 30.23 7.52
CA GLY I 156 -25.06 29.70 8.82
C GLY I 156 -24.02 28.59 8.75
N PHE I 157 -24.09 27.65 9.71
CA PHE I 157 -23.17 26.52 9.70
C PHE I 157 -23.35 25.68 8.44
N ASN I 158 -22.24 25.42 7.74
CA ASN I 158 -22.22 24.67 6.48
C ASN I 158 -23.03 25.35 5.38
N CYS I 159 -23.30 26.65 5.54
CA CYS I 159 -24.18 27.42 4.65
C CYS I 159 -23.53 28.79 4.44
N TYR I 160 -22.73 28.91 3.39
CA TYR I 160 -21.77 30.01 3.26
C TYR I 160 -22.15 30.96 2.12
N PHE I 161 -22.10 32.25 2.40
CA PHE I 161 -22.04 33.21 1.31
C PHE I 161 -20.85 32.85 0.43
N PRO I 162 -21.01 32.82 -0.91
CA PRO I 162 -19.99 32.20 -1.75
C PRO I 162 -18.79 33.07 -2.07
N LEU I 163 -18.85 34.38 -1.86
CA LEU I 163 -17.80 35.32 -2.23
C LEU I 163 -17.08 35.83 -0.98
N GLN I 164 -15.79 36.10 -1.13
CA GLN I 164 -14.98 36.68 -0.07
C GLN I 164 -14.15 37.82 -0.63
N SER I 165 -13.89 38.82 0.19
CA SER I 165 -13.11 39.97 -0.25
C SER I 165 -11.63 39.76 0.02
N TYR I 166 -10.80 40.25 -0.91
CA TYR I 166 -9.43 40.55 -0.55
C TYR I 166 -9.40 41.75 0.36
N GLY I 167 -8.39 41.79 1.23
CA GLY I 167 -8.06 43.04 1.89
C GLY I 167 -6.71 43.52 1.40
N PHE I 168 -6.68 44.65 0.70
CA PHE I 168 -5.44 45.18 0.16
C PHE I 168 -5.03 46.40 0.96
N GLN I 169 -3.94 46.27 1.71
CA GLN I 169 -3.36 47.40 2.43
C GLN I 169 -1.94 47.64 1.94
N PRO I 170 -1.46 48.88 1.98
CA PRO I 170 -0.22 49.22 1.26
C PRO I 170 1.01 48.44 1.72
N THR I 171 1.11 48.11 3.01
CA THR I 171 2.27 47.48 3.59
C THR I 171 2.23 45.94 3.52
N ASN I 172 1.17 45.36 2.96
CA ASN I 172 1.14 43.92 2.71
C ASN I 172 2.42 43.45 2.04
N GLY I 173 2.83 42.22 2.35
CA GLY I 173 3.86 41.57 1.56
C GLY I 173 3.36 41.35 0.13
N VAL I 174 4.32 41.31 -0.80
CA VAL I 174 4.00 41.29 -2.23
C VAL I 174 3.01 40.18 -2.56
N GLY I 175 3.24 38.98 -2.02
CA GLY I 175 2.34 37.87 -2.27
C GLY I 175 0.89 38.19 -1.96
N TYR I 176 0.66 39.08 -1.01
CA TYR I 176 -0.69 39.51 -0.67
C TYR I 176 -1.01 40.90 -1.19
N GLN I 177 -0.17 41.45 -2.10
CA GLN I 177 -0.53 42.70 -2.76
C GLN I 177 -1.40 42.44 -3.98
N PRO I 178 -2.13 43.46 -4.45
CA PRO I 178 -2.99 43.25 -5.63
C PRO I 178 -2.16 43.22 -6.90
N TYR I 179 -2.56 42.33 -7.81
CA TYR I 179 -2.00 42.28 -9.15
C TYR I 179 -3.13 42.44 -10.17
N ARG I 180 -2.91 43.31 -11.15
CA ARG I 180 -3.84 43.47 -12.25
C ARG I 180 -3.46 42.50 -13.37
N VAL I 181 -4.47 41.94 -14.00
CA VAL I 181 -4.27 40.90 -15.00
C VAL I 181 -5.10 41.25 -16.23
N VAL I 182 -4.49 41.12 -17.40
CA VAL I 182 -5.15 41.30 -18.67
C VAL I 182 -4.79 40.08 -19.50
N VAL I 183 -5.77 39.24 -19.78
CA VAL I 183 -5.61 38.11 -20.69
C VAL I 183 -6.11 38.56 -22.06
N LEU I 184 -5.28 38.37 -23.08
CA LEU I 184 -5.61 38.74 -24.45
C LEU I 184 -5.91 37.48 -25.22
N SER I 185 -7.13 37.36 -25.72
CA SER I 185 -7.53 36.23 -26.55
C SER I 185 -7.61 36.69 -28.00
N PHE I 186 -6.91 35.99 -28.87
CA PHE I 186 -6.77 36.38 -30.27
C PHE I 186 -7.73 35.54 -31.10
N GLU I 187 -8.67 36.20 -31.76
CA GLU I 187 -9.74 35.54 -32.50
C GLU I 187 -9.53 35.71 -34.00
N LEU I 188 -9.56 34.60 -34.72
CA LEU I 188 -9.45 34.59 -36.18
C LEU I 188 -10.72 33.96 -36.74
N LEU I 189 -11.62 34.80 -37.24
CA LEU I 189 -12.82 34.35 -37.90
C LEU I 189 -12.62 34.39 -39.41
N HIS I 190 -13.53 33.74 -40.13
CA HIS I 190 -13.56 33.82 -41.59
C HIS I 190 -14.26 35.14 -41.95
N ALA I 191 -13.48 36.20 -41.82
CA ALA I 191 -13.97 37.58 -41.87
C ALA I 191 -12.75 38.50 -41.95
N PRO I 192 -12.93 39.73 -42.43
CA PRO I 192 -11.79 40.65 -42.50
C PRO I 192 -11.17 40.91 -41.13
N ALA I 193 -9.83 40.88 -41.09
CA ALA I 193 -9.11 41.25 -39.88
C ALA I 193 -9.20 42.75 -39.65
N THR I 194 -9.42 43.15 -38.40
CA THR I 194 -9.53 44.56 -38.04
C THR I 194 -8.55 44.98 -36.96
N VAL I 195 -7.76 44.06 -36.41
CA VAL I 195 -6.76 44.38 -35.38
C VAL I 195 -5.41 43.90 -35.91
N CYS I 196 -4.52 44.85 -36.20
CA CYS I 196 -3.24 44.55 -36.83
C CYS I 196 -2.15 45.35 -36.13
N GLY I 197 -0.92 45.18 -36.60
CA GLY I 197 0.24 45.85 -36.04
C GLY I 197 0.81 46.90 -36.96
N VAL J 2 8.28 27.25 -4.34
CA VAL J 2 9.54 27.76 -3.82
C VAL J 2 9.36 29.13 -3.16
N GLN J 3 9.93 29.29 -1.96
CA GLN J 3 9.77 30.49 -1.14
C GLN J 3 11.00 31.39 -1.25
N LEU J 4 10.76 32.71 -1.34
CA LEU J 4 11.81 33.69 -1.57
C LEU J 4 11.83 34.70 -0.44
N VAL J 5 13.02 35.00 0.08
CA VAL J 5 13.14 35.93 1.20
C VAL J 5 14.27 36.91 0.90
N GLU J 6 13.95 38.21 0.92
CA GLU J 6 14.93 39.25 0.69
C GLU J 6 15.57 39.71 2.00
N SER J 7 16.86 40.04 1.91
CA SER J 7 17.55 40.72 3.00
C SER J 7 18.54 41.72 2.42
N GLY J 8 19.17 42.49 3.29
CA GLY J 8 20.14 43.49 2.89
C GLY J 8 19.59 44.90 2.83
N GLY J 9 18.28 45.08 2.96
CA GLY J 9 17.71 46.41 3.02
C GLY J 9 18.38 47.30 4.06
N GLY J 10 18.27 48.62 3.90
CA GLY J 10 18.86 49.53 4.85
C GLY J 10 18.79 50.96 4.35
N SER J 11 19.45 51.84 5.09
CA SER J 11 19.48 53.27 4.79
C SER J 11 20.92 53.67 4.50
N VAL J 12 21.13 54.37 3.39
CA VAL J 12 22.48 54.68 2.93
C VAL J 12 22.47 56.07 2.32
N GLN J 13 23.65 56.69 2.30
CA GLN J 13 23.80 58.04 1.79
C GLN J 13 23.93 58.03 0.27
N ALA J 14 23.36 59.06 -0.37
CA ALA J 14 23.50 59.28 -1.80
C ALA J 14 24.96 59.15 -2.23
N GLY J 15 25.18 58.40 -3.30
CA GLY J 15 26.53 58.04 -3.72
C GLY J 15 27.08 56.78 -3.07
N GLY J 16 26.42 56.26 -2.03
CA GLY J 16 26.87 55.06 -1.37
C GLY J 16 26.38 53.79 -2.06
N SER J 17 26.48 52.68 -1.32
CA SER J 17 26.26 51.38 -1.93
C SER J 17 25.68 50.41 -0.91
N LEU J 18 25.06 49.34 -1.43
CA LEU J 18 24.55 48.27 -0.58
C LEU J 18 24.27 47.04 -1.44
N ARG J 19 24.04 45.91 -0.78
CA ARG J 19 23.79 44.64 -1.45
C ARG J 19 22.51 44.02 -0.88
N LEU J 20 21.56 43.76 -1.76
CA LEU J 20 20.36 43.00 -1.46
C LEU J 20 20.60 41.54 -1.84
N SER J 21 19.92 40.65 -1.11
CA SER J 21 19.99 39.21 -1.35
C SER J 21 18.58 38.64 -1.41
N CYS J 22 18.35 37.77 -2.39
CA CYS J 22 17.10 37.06 -2.59
C CYS J 22 17.39 35.57 -2.40
N ALA J 23 17.09 35.05 -1.22
CA ALA J 23 17.38 33.67 -0.87
C ALA J 23 16.16 32.81 -1.14
N ALA J 24 16.34 31.75 -1.93
CA ALA J 24 15.28 30.84 -2.32
C ALA J 24 15.36 29.55 -1.51
N SER J 25 14.22 28.85 -1.46
CA SER J 25 14.17 27.49 -0.91
C SER J 25 12.94 26.81 -1.51
N GLY J 26 13.16 25.82 -2.36
CA GLY J 26 12.06 25.10 -2.98
C GLY J 26 12.44 24.61 -4.38
N TYR J 27 11.40 24.29 -5.15
CA TYR J 27 11.52 23.68 -6.47
C TYR J 27 12.18 24.63 -7.46
N THR J 28 13.41 24.33 -7.86
CA THR J 28 14.24 25.29 -8.58
C THR J 28 14.31 25.07 -10.09
N ILE J 29 13.81 23.94 -10.60
CA ILE J 29 13.90 23.69 -12.04
C ILE J 29 12.72 24.28 -12.82
N ASN J 30 11.59 24.55 -12.16
CA ASN J 30 10.48 25.19 -12.85
C ASN J 30 10.74 26.70 -13.14
N THR J 31 11.98 27.11 -12.87
CA THR J 31 12.39 28.50 -12.78
C THR J 31 13.53 28.77 -13.75
N ASP J 32 13.33 29.70 -14.67
CA ASP J 32 14.37 30.06 -15.62
C ASP J 32 15.05 31.38 -15.32
N ALA J 33 14.47 32.22 -14.48
CA ALA J 33 15.05 33.54 -14.25
C ALA J 33 14.58 34.08 -12.91
N VAL J 34 15.35 35.03 -12.39
CA VAL J 34 15.04 35.74 -11.16
C VAL J 34 15.15 37.23 -11.45
N ALA J 35 14.13 37.98 -11.06
CA ALA J 35 14.06 39.41 -11.29
C ALA J 35 14.01 40.16 -9.97
N TRP J 36 14.59 41.35 -9.97
CA TRP J 36 14.38 42.33 -8.90
C TRP J 36 13.47 43.43 -9.42
N PHE J 37 12.41 43.71 -8.67
CA PHE J 37 11.48 44.80 -8.90
C PHE J 37 11.62 45.84 -7.78
N ARG J 38 11.19 47.07 -8.06
CA ARG J 38 11.11 48.06 -7.01
C ARG J 38 9.79 48.81 -7.08
N GLN J 39 9.29 49.21 -5.92
CA GLN J 39 7.98 49.80 -5.75
C GLN J 39 8.15 51.11 -4.99
N ALA J 40 7.63 52.20 -5.55
CA ALA J 40 7.73 53.50 -4.92
C ALA J 40 6.48 54.30 -5.29
N PRO J 41 5.93 55.09 -4.36
CA PRO J 41 4.65 55.73 -4.63
C PRO J 41 4.77 56.77 -5.74
N GLY J 42 3.74 56.82 -6.58
CA GLY J 42 3.70 57.77 -7.67
C GLY J 42 4.24 57.28 -8.99
N LYS J 43 4.48 55.97 -9.13
CA LYS J 43 4.85 55.37 -10.41
C LYS J 43 4.49 53.89 -10.35
N GLY J 44 4.41 53.26 -11.51
CA GLY J 44 4.23 51.83 -11.56
C GLY J 44 5.49 51.09 -11.13
N ASP J 45 5.32 49.83 -10.74
CA ASP J 45 6.48 49.03 -10.32
C ASP J 45 7.37 48.73 -11.53
N GLU J 46 8.68 48.76 -11.30
CA GLU J 46 9.66 48.65 -12.37
C GLU J 46 10.57 47.44 -12.16
N ARG J 47 10.70 46.62 -13.21
CA ARG J 47 11.65 45.51 -13.19
C ARG J 47 13.06 46.06 -13.46
N VAL J 48 13.91 46.11 -12.44
CA VAL J 48 15.20 46.78 -12.61
C VAL J 48 16.29 45.86 -13.12
N ALA J 49 16.20 44.55 -12.86
CA ALA J 49 17.28 43.66 -13.26
C ALA J 49 16.76 42.23 -13.31
N VAL J 50 17.32 41.45 -14.24
CA VAL J 50 16.93 40.06 -14.47
C VAL J 50 18.21 39.27 -14.70
N ILE J 51 18.28 38.06 -14.14
CA ILE J 51 19.38 37.14 -14.43
C ILE J 51 18.77 35.82 -14.88
N TYR J 52 19.23 35.31 -16.03
CA TYR J 52 18.83 33.98 -16.48
C TYR J 52 19.69 32.97 -15.75
N THR J 53 19.05 32.06 -15.02
CA THR J 53 19.80 31.25 -14.08
C THR J 53 20.76 30.28 -14.79
N GLY J 54 20.38 29.83 -15.99
CA GLY J 54 21.22 28.86 -16.69
C GLY J 54 22.49 29.48 -17.25
N SER J 55 22.34 30.57 -18.01
CA SER J 55 23.47 31.22 -18.66
C SER J 55 24.16 32.24 -17.76
N GLY J 56 23.43 32.89 -16.86
CA GLY J 56 23.97 34.03 -16.15
C GLY J 56 23.82 35.34 -16.89
N ASN J 57 23.26 35.32 -18.10
CA ASN J 57 22.99 36.55 -18.83
C ASN J 57 22.04 37.41 -18.03
N THR J 58 22.19 38.73 -18.20
CA THR J 58 21.49 39.70 -17.37
C THR J 58 20.94 40.83 -18.24
N ASN J 59 19.83 41.42 -17.78
CA ASN J 59 19.28 42.63 -18.39
C ASN J 59 18.94 43.62 -17.29
N TYR J 60 19.07 44.90 -17.61
CA TYR J 60 18.87 45.97 -16.66
C TYR J 60 17.95 47.03 -17.25
N ALA J 61 17.10 47.60 -16.41
CA ALA J 61 16.42 48.83 -16.76
C ALA J 61 17.45 49.94 -16.99
N ASP J 62 17.17 50.82 -17.96
CA ASP J 62 18.09 51.91 -18.24
C ASP J 62 18.36 52.76 -17.00
N SER J 63 17.36 52.93 -16.14
CA SER J 63 17.49 53.79 -14.97
C SER J 63 18.57 53.32 -13.99
N VAL J 64 18.96 52.05 -14.05
CA VAL J 64 19.97 51.51 -13.14
C VAL J 64 21.21 50.99 -13.87
N LYS J 65 21.16 50.86 -15.21
CA LYS J 65 22.29 50.37 -15.98
C LYS J 65 23.59 51.06 -15.57
N GLY J 66 24.64 50.26 -15.40
CA GLY J 66 25.93 50.78 -15.00
C GLY J 66 26.12 51.01 -13.51
N ARG J 67 25.05 50.94 -12.72
CA ARG J 67 25.16 51.11 -11.28
C ARG J 67 24.75 49.85 -10.51
N PHE J 68 23.72 49.14 -10.96
CA PHE J 68 23.24 47.94 -10.30
C PHE J 68 23.74 46.70 -11.03
N THR J 69 24.15 45.69 -10.27
CA THR J 69 24.63 44.44 -10.81
C THR J 69 23.87 43.29 -10.17
N ILE J 70 23.30 42.41 -10.98
CA ILE J 70 22.62 41.23 -10.48
C ILE J 70 23.50 40.01 -10.74
N SER J 71 23.59 39.13 -9.75
CA SER J 71 24.46 37.97 -9.82
C SER J 71 23.81 36.85 -9.01
N GLN J 72 24.38 35.65 -9.08
CA GLN J 72 23.74 34.51 -8.44
C GLN J 72 24.78 33.53 -7.89
N ASP J 73 24.39 32.83 -6.81
CA ASP J 73 25.16 31.74 -6.20
C ASP J 73 24.19 30.58 -6.08
N ASN J 74 24.28 29.61 -7.00
CA ASN J 74 23.27 28.54 -7.01
C ASN J 74 23.47 27.56 -5.86
N ALA J 75 24.71 27.35 -5.44
CA ALA J 75 24.94 26.54 -4.23
C ALA J 75 24.19 27.09 -3.02
N LYS J 76 24.01 28.42 -2.93
CA LYS J 76 23.20 28.98 -1.86
C LYS J 76 21.78 29.31 -2.30
N ASN J 77 21.41 29.04 -3.56
CA ASN J 77 20.08 29.37 -4.06
C ASN J 77 19.74 30.85 -3.87
N THR J 78 20.71 31.73 -4.16
CA THR J 78 20.57 33.14 -3.82
C THR J 78 20.98 34.01 -5.00
N VAL J 79 20.22 35.08 -5.20
CA VAL J 79 20.48 36.08 -6.22
C VAL J 79 20.72 37.41 -5.52
N TYR J 80 21.78 38.11 -5.93
CA TYR J 80 22.19 39.36 -5.32
C TYR J 80 21.89 40.52 -6.24
N LEU J 81 21.62 41.67 -5.64
CA LEU J 81 21.55 42.95 -6.34
C LEU J 81 22.52 43.88 -5.64
N GLN J 82 23.63 44.18 -6.32
CA GLN J 82 24.64 45.11 -5.83
C GLN J 82 24.28 46.50 -6.36
N MET J 83 24.14 47.47 -5.47
CA MET J 83 23.62 48.78 -5.83
C MET J 83 24.72 49.79 -5.55
N ASN J 84 25.30 50.35 -6.60
CA ASN J 84 26.36 51.34 -6.47
C ASN J 84 25.85 52.70 -6.93
N SER J 85 26.59 53.75 -6.56
CA SER J 85 26.26 55.13 -6.96
C SER J 85 24.78 55.42 -6.76
N LEU J 86 24.31 55.15 -5.54
CA LEU J 86 22.89 55.27 -5.26
C LEU J 86 22.46 56.74 -5.27
N LYS J 87 21.24 56.97 -5.75
CA LYS J 87 20.57 58.26 -5.82
C LYS J 87 19.29 58.21 -4.99
N PRO J 88 18.83 59.36 -4.48
CA PRO J 88 17.55 59.37 -3.74
C PRO J 88 16.38 58.79 -4.53
N GLU J 89 16.40 58.89 -5.85
CA GLU J 89 15.34 58.33 -6.67
C GLU J 89 15.31 56.80 -6.63
N ASP J 90 16.34 56.17 -6.08
CA ASP J 90 16.42 54.72 -5.92
C ASP J 90 15.70 54.24 -4.68
N THR J 91 15.26 55.14 -3.81
CA THR J 91 14.45 54.76 -2.66
C THR J 91 13.19 54.04 -3.13
N ALA J 92 12.99 52.84 -2.60
CA ALA J 92 11.86 52.02 -3.02
C ALA J 92 11.78 50.80 -2.12
N LEU J 93 10.65 50.12 -2.20
CA LEU J 93 10.54 48.75 -1.71
C LEU J 93 11.08 47.84 -2.79
N TYR J 94 12.16 47.11 -2.50
CA TYR J 94 12.72 46.20 -3.48
C TYR J 94 12.26 44.79 -3.17
N TYR J 95 11.81 44.08 -4.21
CA TYR J 95 11.41 42.70 -4.01
C TYR J 95 11.83 41.88 -5.20
N CYS J 96 12.14 40.61 -4.94
CA CYS J 96 12.59 39.72 -6.00
C CYS J 96 11.47 38.76 -6.37
N ALA J 97 11.66 38.10 -7.52
CA ALA J 97 10.71 37.16 -8.05
C ALA J 97 11.44 36.18 -8.97
N SER J 98 10.90 34.96 -9.08
CA SER J 98 11.40 33.97 -10.02
C SER J 98 10.26 33.41 -10.84
N GLY J 99 10.59 32.85 -11.99
CA GLY J 99 9.55 32.27 -12.83
C GLY J 99 10.06 31.89 -14.20
N TYR J 100 9.09 31.76 -15.12
CA TYR J 100 9.34 31.28 -16.46
C TYR J 100 9.98 32.37 -17.31
N TYR J 101 10.93 31.98 -18.15
CA TYR J 101 11.48 32.88 -19.15
C TYR J 101 11.94 32.02 -20.32
N GLY J 102 11.40 32.29 -21.51
CA GLY J 102 11.65 31.47 -22.68
C GLY J 102 10.99 32.00 -23.93
N ALA J 103 10.67 31.11 -24.86
CA ALA J 103 10.11 31.54 -26.14
C ALA J 103 8.75 32.19 -25.97
N SER J 104 7.94 31.67 -25.05
CA SER J 104 6.60 32.22 -24.86
C SER J 104 6.60 33.56 -24.13
N GLY J 105 7.75 34.03 -23.66
CA GLY J 105 7.85 35.28 -22.93
C GLY J 105 8.34 35.04 -21.50
N TYR J 106 7.76 35.80 -20.56
CA TYR J 106 8.20 35.76 -19.18
C TYR J 106 6.99 35.75 -18.25
N ASP J 107 7.17 35.12 -17.08
CA ASP J 107 6.09 34.99 -16.10
C ASP J 107 6.74 34.84 -14.72
N PHE J 108 7.04 35.98 -14.10
CA PHE J 108 7.57 36.01 -12.74
C PHE J 108 6.40 35.87 -11.78
N ASN J 109 6.30 34.72 -11.09
CA ASN J 109 5.14 34.53 -10.24
C ASN J 109 5.45 33.87 -8.90
N ASN J 110 6.71 33.75 -8.50
CA ASN J 110 7.10 33.42 -7.13
C ASN J 110 7.64 34.69 -6.50
N TRP J 111 7.03 35.13 -5.39
CA TRP J 111 7.29 36.46 -4.86
C TRP J 111 8.02 36.41 -3.53
N GLY J 112 9.06 37.23 -3.39
CA GLY J 112 9.56 37.56 -2.08
C GLY J 112 8.55 38.44 -1.37
N GLN J 113 9.00 38.99 -0.25
CA GLN J 113 8.14 39.86 0.53
C GLN J 113 8.45 41.33 0.33
N GLY J 114 9.71 41.67 0.13
CA GLY J 114 10.09 43.04 -0.10
C GLY J 114 10.97 43.53 1.01
N THR J 115 11.92 44.40 0.67
CA THR J 115 12.81 44.98 1.67
C THR J 115 13.05 46.45 1.30
N GLN J 116 12.99 47.32 2.30
CA GLN J 116 13.04 48.75 2.06
C GLN J 116 14.48 49.22 1.86
N VAL J 117 14.67 50.08 0.87
CA VAL J 117 15.94 50.75 0.62
C VAL J 117 15.69 52.25 0.64
N THR J 118 16.41 52.96 1.51
CA THR J 118 16.26 54.42 1.63
C THR J 118 17.59 55.09 1.33
N VAL J 119 17.60 55.95 0.31
CA VAL J 119 18.76 56.74 -0.06
C VAL J 119 18.47 58.19 0.32
N SER J 120 19.28 58.70 1.23
CA SER J 120 19.09 60.02 1.84
C SER J 120 20.05 61.03 1.23
N SER J 121 19.91 62.28 1.67
CA SER J 121 20.79 63.37 1.26
C SER J 121 21.15 64.20 2.49
N ALA J 122 22.16 65.06 2.33
CA ALA J 122 22.61 65.93 3.43
C ALA J 122 21.75 67.20 3.55
#